data_3BSE
# 
_entry.id   3BSE 
# 
_audit_conform.dict_name       mmcif_pdbx.dic 
_audit_conform.dict_version    5.387 
_audit_conform.dict_location   http://mmcif.pdb.org/dictionaries/ascii/mmcif_pdbx.dic 
# 
loop_
_database_2.database_id 
_database_2.database_code 
_database_2.pdbx_database_accession 
_database_2.pdbx_DOI 
PDB   3BSE         pdb_00003bse 10.2210/pdb3bse/pdb 
NDB   BD0105       ?            ?                   
RCSB  RCSB045909   ?            ?                   
WWPDB D_1000045909 ?            ?                   
# 
loop_
_pdbx_audit_revision_history.ordinal 
_pdbx_audit_revision_history.data_content_type 
_pdbx_audit_revision_history.major_revision 
_pdbx_audit_revision_history.minor_revision 
_pdbx_audit_revision_history.revision_date 
1 'Structure model' 1 0 2008-12-23 
2 'Structure model' 1 1 2011-07-13 
3 'Structure model' 1 2 2024-02-21 
# 
_pdbx_audit_revision_details.ordinal             1 
_pdbx_audit_revision_details.revision_ordinal    1 
_pdbx_audit_revision_details.data_content_type   'Structure model' 
_pdbx_audit_revision_details.provider            repository 
_pdbx_audit_revision_details.type                'Initial release' 
_pdbx_audit_revision_details.description         ? 
_pdbx_audit_revision_details.details             ? 
# 
loop_
_pdbx_audit_revision_group.ordinal 
_pdbx_audit_revision_group.revision_ordinal 
_pdbx_audit_revision_group.data_content_type 
_pdbx_audit_revision_group.group 
1 2 'Structure model' 'Version format compliance' 
2 3 'Structure model' 'Data collection'           
3 3 'Structure model' 'Database references'       
4 3 'Structure model' 'Derived calculations'      
# 
loop_
_pdbx_audit_revision_category.ordinal 
_pdbx_audit_revision_category.revision_ordinal 
_pdbx_audit_revision_category.data_content_type 
_pdbx_audit_revision_category.category 
1 3 'Structure model' chem_comp_atom         
2 3 'Structure model' chem_comp_bond         
3 3 'Structure model' database_2             
4 3 'Structure model' pdbx_struct_conn_angle 
5 3 'Structure model' struct_conn            
6 3 'Structure model' struct_site            
# 
loop_
_pdbx_audit_revision_item.ordinal 
_pdbx_audit_revision_item.revision_ordinal 
_pdbx_audit_revision_item.data_content_type 
_pdbx_audit_revision_item.item 
1  3 'Structure model' '_database_2.pdbx_DOI'                        
2  3 'Structure model' '_database_2.pdbx_database_accession'         
3  3 'Structure model' '_pdbx_struct_conn_angle.ptnr1_auth_asym_id'  
4  3 'Structure model' '_pdbx_struct_conn_angle.ptnr1_auth_comp_id'  
5  3 'Structure model' '_pdbx_struct_conn_angle.ptnr1_auth_seq_id'   
6  3 'Structure model' '_pdbx_struct_conn_angle.ptnr1_label_asym_id' 
7  3 'Structure model' '_pdbx_struct_conn_angle.ptnr1_label_atom_id' 
8  3 'Structure model' '_pdbx_struct_conn_angle.ptnr1_label_comp_id' 
9  3 'Structure model' '_pdbx_struct_conn_angle.ptnr1_label_seq_id'  
10 3 'Structure model' '_pdbx_struct_conn_angle.ptnr2_auth_asym_id'  
11 3 'Structure model' '_pdbx_struct_conn_angle.ptnr2_auth_seq_id'   
12 3 'Structure model' '_pdbx_struct_conn_angle.ptnr2_label_asym_id' 
13 3 'Structure model' '_pdbx_struct_conn_angle.ptnr3_auth_asym_id'  
14 3 'Structure model' '_pdbx_struct_conn_angle.ptnr3_auth_seq_id'   
15 3 'Structure model' '_pdbx_struct_conn_angle.ptnr3_label_asym_id' 
16 3 'Structure model' '_pdbx_struct_conn_angle.value'               
17 3 'Structure model' '_struct_conn.pdbx_dist_value'                
18 3 'Structure model' '_struct_conn.ptnr1_auth_asym_id'             
19 3 'Structure model' '_struct_conn.ptnr1_auth_comp_id'             
20 3 'Structure model' '_struct_conn.ptnr1_auth_seq_id'              
21 3 'Structure model' '_struct_conn.ptnr1_label_asym_id'            
22 3 'Structure model' '_struct_conn.ptnr1_label_atom_id'            
23 3 'Structure model' '_struct_conn.ptnr1_label_comp_id'            
24 3 'Structure model' '_struct_conn.ptnr1_label_seq_id'             
25 3 'Structure model' '_struct_conn.ptnr2_auth_asym_id'             
26 3 'Structure model' '_struct_conn.ptnr2_auth_comp_id'             
27 3 'Structure model' '_struct_conn.ptnr2_auth_seq_id'              
28 3 'Structure model' '_struct_conn.ptnr2_label_asym_id'            
29 3 'Structure model' '_struct_conn.ptnr2_label_atom_id'            
30 3 'Structure model' '_struct_conn.ptnr2_label_comp_id'            
31 3 'Structure model' '_struct_site.pdbx_auth_asym_id'              
32 3 'Structure model' '_struct_site.pdbx_auth_comp_id'              
33 3 'Structure model' '_struct_site.pdbx_auth_seq_id'               
# 
_pdbx_database_status.status_code                     REL 
_pdbx_database_status.entry_id                        3BSE 
_pdbx_database_status.recvd_initial_deposition_date   2007-12-23 
_pdbx_database_status.deposit_site                    RCSB 
_pdbx_database_status.process_site                    RCSB 
_pdbx_database_status.status_code_sf                  REL 
_pdbx_database_status.status_code_mr                  ? 
_pdbx_database_status.SG_entry                        ? 
_pdbx_database_status.pdb_format_compatible           Y 
_pdbx_database_status.status_code_cs                  ? 
_pdbx_database_status.status_code_nmr_data            ? 
_pdbx_database_status.methods_development_category    ? 
# 
_audit_author.name           'Narayana, N.' 
_audit_author.pdbx_ordinal   1 
# 
loop_
_citation.id 
_citation.title 
_citation.journal_abbrev 
_citation.journal_volume 
_citation.page_first 
_citation.page_last 
_citation.year 
_citation.journal_id_ASTM 
_citation.country 
_citation.journal_id_ISSN 
_citation.journal_id_CSD 
_citation.book_publisher 
_citation.pdbx_database_id_PubMed 
_citation.pdbx_database_id_DOI 
primary 'Crystallographic Analysis of a Sex-Specific Enhancer Element: Sequence-Dependent DNA Structure, Hydration, and Dynamics' 
J.Mol.Biol.  385 469   490   2009 JMOBAK UK 0022-2836 0070 ? 18992257 10.1016/j.jmb.2008.10.041 
1       
;Crystal structures of B-DNA reveal sequence-specific binding and groove-specific bending of DNA by magnesium       
and calcium. Erratum in: J Mol Biol 303, 111 (2000).
;
J.Mol.Biol.  301 915   945   2000 JMOBAK UK 0022-2836 0070 ? ?        ?                         
2       
'Atomic-resolution crystal structures of B-DNA reveal specific influences of divalent metal ions on conformation and packing' 
J.Mol.Biol.  291 83    99    1999 JMOBAK UK 0022-2836 0070 ? ?        ?                         
3       'Structure of d(CGCGAATTCGCG) in the presence of Ca2+ ions' J.Biol.Chem. 274 24749 24752 1999 JBCHA3 US 0021-9258 0071 ? ? 
?                         
# 
loop_
_citation_author.citation_id 
_citation_author.name 
_citation_author.ordinal 
_citation_author.identifier_ORCID 
primary 'Narayana, N.'    1 ? 
primary 'Weiss, M.A.'     2 ? 
1       'Chiu, T.K.'      3 ? 
1       'Dickerson, R.E.' 4 ? 
2       'Minasov, G.'     5 ? 
2       'Tereshko, V.'    6 ? 
2       'Egli, M.'        7 ? 
3       'Liu, J.'         8 ? 
3       'Subirana, J.A.'  9 ? 
# 
loop_
_entity.id 
_entity.type 
_entity.src_method 
_entity.pdbx_description 
_entity.formula_weight 
_entity.pdbx_number_of_molecules 
_entity.pdbx_ec 
_entity.pdbx_mutation 
_entity.pdbx_fragment 
_entity.details 
1 polymer     syn 
;DNA (5'-D(*DA*DCP*DAP*DCP*DTP*DAP*DCP*DAP*DAP*DTP*DGP*DTP*DTP*DGP*DCP*DAP*DAP*DT)-3')
;
5483.593 1   ? ? ? ? 
2 polymer     syn 
;DNA (5'-D(*DG*DTP*DAP*DTP*DTP*DGP*DCP*DAP*DAP*DCP*DAP*DTP*DTP*DGP*DTP*DAP*DGP*DT)-3')
;
5545.613 1   ? ? ? ? 
3 non-polymer syn 'CALCIUM ION'                                                                           40.078   12  ? ? ? ? 
4 water       nat water                                                                                   18.015   197 ? ? ? ? 
# 
loop_
_entity_poly.entity_id 
_entity_poly.type 
_entity_poly.nstd_linkage 
_entity_poly.nstd_monomer 
_entity_poly.pdbx_seq_one_letter_code 
_entity_poly.pdbx_seq_one_letter_code_can 
_entity_poly.pdbx_strand_id 
_entity_poly.pdbx_target_identifier 
1 polydeoxyribonucleotide no no '(DA)(DC)(DA)(DC)(DT)(DA)(DC)(DA)(DA)(DT)(DG)(DT)(DT)(DG)(DC)(DA)(DA)(DT)' ACACTACAATGTTGCAAT A ? 
2 polydeoxyribonucleotide no no '(DG)(DT)(DA)(DT)(DT)(DG)(DC)(DA)(DA)(DC)(DA)(DT)(DT)(DG)(DT)(DA)(DG)(DT)' GTATTGCAACATTGTAGT B ? 
# 
loop_
_pdbx_entity_nonpoly.entity_id 
_pdbx_entity_nonpoly.name 
_pdbx_entity_nonpoly.comp_id 
3 'CALCIUM ION' CA  
4 water         HOH 
# 
loop_
_entity_poly_seq.entity_id 
_entity_poly_seq.num 
_entity_poly_seq.mon_id 
_entity_poly_seq.hetero 
1 1  DA n 
1 2  DC n 
1 3  DA n 
1 4  DC n 
1 5  DT n 
1 6  DA n 
1 7  DC n 
1 8  DA n 
1 9  DA n 
1 10 DT n 
1 11 DG n 
1 12 DT n 
1 13 DT n 
1 14 DG n 
1 15 DC n 
1 16 DA n 
1 17 DA n 
1 18 DT n 
2 1  DG n 
2 2  DT n 
2 3  DA n 
2 4  DT n 
2 5  DT n 
2 6  DG n 
2 7  DC n 
2 8  DA n 
2 9  DA n 
2 10 DC n 
2 11 DA n 
2 12 DT n 
2 13 DT n 
2 14 DG n 
2 15 DT n 
2 16 DA n 
2 17 DG n 
2 18 DT n 
# 
loop_
_chem_comp.id 
_chem_comp.type 
_chem_comp.mon_nstd_flag 
_chem_comp.name 
_chem_comp.pdbx_synonyms 
_chem_comp.formula 
_chem_comp.formula_weight 
CA  non-polymer   . 'CALCIUM ION'                        ? 'Ca 2'            40.078  
DA  'DNA linking' y "2'-DEOXYADENOSINE-5'-MONOPHOSPHATE" ? 'C10 H14 N5 O6 P' 331.222 
DC  'DNA linking' y "2'-DEOXYCYTIDINE-5'-MONOPHOSPHATE"  ? 'C9 H14 N3 O7 P'  307.197 
DG  'DNA linking' y "2'-DEOXYGUANOSINE-5'-MONOPHOSPHATE" ? 'C10 H14 N5 O7 P' 347.221 
DT  'DNA linking' y "THYMIDINE-5'-MONOPHOSPHATE"         ? 'C10 H15 N2 O8 P' 322.208 
HOH non-polymer   . WATER                                ? 'H2 O'            18.015  
# 
loop_
_pdbx_poly_seq_scheme.asym_id 
_pdbx_poly_seq_scheme.entity_id 
_pdbx_poly_seq_scheme.seq_id 
_pdbx_poly_seq_scheme.mon_id 
_pdbx_poly_seq_scheme.ndb_seq_num 
_pdbx_poly_seq_scheme.pdb_seq_num 
_pdbx_poly_seq_scheme.auth_seq_num 
_pdbx_poly_seq_scheme.pdb_mon_id 
_pdbx_poly_seq_scheme.auth_mon_id 
_pdbx_poly_seq_scheme.pdb_strand_id 
_pdbx_poly_seq_scheme.pdb_ins_code 
_pdbx_poly_seq_scheme.hetero 
A 1 1  DA 1  1  ?  ?  ?   A . n 
A 1 2  DC 2  2  2  DC ADE A . n 
A 1 3  DA 3  3  3  DA ADE A . n 
A 1 4  DC 4  4  4  DC CYT A . n 
A 1 5  DT 5  5  5  DT THY A . n 
A 1 6  DA 6  6  6  DA ADE A . n 
A 1 7  DC 7  7  7  DC CYT A . n 
A 1 8  DA 8  8  8  DA ADE A . n 
A 1 9  DA 9  9  9  DA ADE A . n 
A 1 10 DT 10 10 10 DT THY A . n 
A 1 11 DG 11 11 11 DG GUA A . n 
A 1 12 DT 12 12 12 DT THY A . n 
A 1 13 DT 13 13 13 DT THY A . n 
A 1 14 DG 14 14 14 DG GUA A . n 
A 1 15 DC 15 15 15 DC CYT A . n 
A 1 16 DA 16 16 16 DA ADE A . n 
A 1 17 DA 17 17 17 DA ADE A . n 
A 1 18 DT 18 18 18 DT THY A . n 
B 2 1  DG 1  19 ?  ?  ?   B . n 
B 2 2  DT 2  20 20 DT THY B . n 
B 2 3  DA 3  21 21 DA ADE B . n 
B 2 4  DT 4  22 22 DT THY B . n 
B 2 5  DT 5  23 23 DT THY B . n 
B 2 6  DG 6  24 24 DG GUA B . n 
B 2 7  DC 7  25 25 DC CYT B . n 
B 2 8  DA 8  26 26 DA ADE B . n 
B 2 9  DA 9  27 27 DA ADE B . n 
B 2 10 DC 10 28 28 DC CYT B . n 
B 2 11 DA 11 29 29 DA ADE B . n 
B 2 12 DT 12 30 30 DT THY B . n 
B 2 13 DT 13 31 31 DT THY B . n 
B 2 14 DG 14 32 32 DG GUA B . n 
B 2 15 DT 15 33 33 DT THY B . n 
B 2 16 DA 16 34 34 DA ADE B . n 
B 2 17 DG 17 35 35 DG GUA B . n 
B 2 18 DT 18 36 36 DT THY B . n 
# 
loop_
_pdbx_nonpoly_scheme.asym_id 
_pdbx_nonpoly_scheme.entity_id 
_pdbx_nonpoly_scheme.mon_id 
_pdbx_nonpoly_scheme.ndb_seq_num 
_pdbx_nonpoly_scheme.pdb_seq_num 
_pdbx_nonpoly_scheme.auth_seq_num 
_pdbx_nonpoly_scheme.pdb_mon_id 
_pdbx_nonpoly_scheme.auth_mon_id 
_pdbx_nonpoly_scheme.pdb_strand_id 
_pdbx_nonpoly_scheme.pdb_ins_code 
C 3 CA  1   37  37  CA  CA2 A . 
D 3 CA  1   38  38  CA  CA2 A . 
E 3 CA  1   39  39  CA  CA2 A . 
F 3 CA  1   41  41  CA  CA2 A . 
G 3 CA  1   42  42  CA  CA2 A . 
H 3 CA  1   45  45  CA  CA2 A . 
I 3 CA  1   47  47  CA  CA2 A . 
J 3 CA  1   40  40  CA  CA2 B . 
K 3 CA  1   43  43  CA  CA2 B . 
L 3 CA  1   44  44  CA  CA2 B . 
M 3 CA  1   46  46  CA  CA2 B . 
N 3 CA  1   48  48  CA  CA2 B . 
O 4 HOH 1   50  50  HOH WAT A . 
O 4 HOH 2   52  52  HOH WAT A . 
O 4 HOH 3   54  54  HOH WAT A . 
O 4 HOH 4   55  55  HOH WAT A . 
O 4 HOH 5   58  58  HOH WAT A . 
O 4 HOH 6   60  60  HOH WAT A . 
O 4 HOH 7   64  64  HOH WAT A . 
O 4 HOH 8   65  65  HOH WAT A . 
O 4 HOH 9   66  66  HOH WAT A . 
O 4 HOH 10  68  68  HOH WAT A . 
O 4 HOH 11  69  69  HOH WAT A . 
O 4 HOH 12  70  70  HOH WAT A . 
O 4 HOH 13  75  75  HOH WAT A . 
O 4 HOH 14  78  78  HOH WAT A . 
O 4 HOH 15  79  79  HOH WAT A . 
O 4 HOH 16  80  80  HOH WAT A . 
O 4 HOH 17  81  81  HOH WAT A . 
O 4 HOH 18  82  82  HOH WAT A . 
O 4 HOH 19  83  83  HOH WAT A . 
O 4 HOH 20  86  86  HOH WAT A . 
O 4 HOH 21  87  87  HOH WAT A . 
O 4 HOH 22  88  88  HOH WAT A . 
O 4 HOH 23  95  95  HOH WAT A . 
O 4 HOH 24  96  96  HOH WAT A . 
O 4 HOH 25  102 102 HOH WAT A . 
O 4 HOH 26  103 103 HOH WAT A . 
O 4 HOH 27  104 104 HOH WAT A . 
O 4 HOH 28  105 105 HOH WAT A . 
O 4 HOH 29  106 106 HOH WAT A . 
O 4 HOH 30  107 107 HOH WAT A . 
O 4 HOH 31  108 108 HOH WAT A . 
O 4 HOH 32  109 109 HOH WAT A . 
O 4 HOH 33  114 114 HOH WAT A . 
O 4 HOH 34  115 115 HOH WAT A . 
O 4 HOH 35  117 117 HOH WAT A . 
O 4 HOH 36  118 118 HOH WAT A . 
O 4 HOH 37  119 119 HOH WAT A . 
O 4 HOH 38  120 120 HOH WAT A . 
O 4 HOH 39  121 121 HOH WAT A . 
O 4 HOH 40  123 123 HOH WAT A . 
O 4 HOH 41  127 127 HOH WAT A . 
O 4 HOH 42  128 128 HOH WAT A . 
O 4 HOH 43  131 131 HOH WAT A . 
O 4 HOH 44  133 133 HOH WAT A . 
O 4 HOH 45  135 135 HOH WAT A . 
O 4 HOH 46  137 137 HOH WAT A . 
O 4 HOH 47  140 140 HOH WAT A . 
O 4 HOH 48  141 141 HOH WAT A . 
O 4 HOH 49  142 142 HOH WAT A . 
O 4 HOH 50  144 144 HOH WAT A . 
O 4 HOH 51  146 146 HOH WAT A . 
O 4 HOH 52  149 149 HOH WAT A . 
O 4 HOH 53  151 151 HOH WAT A . 
O 4 HOH 54  152 152 HOH WAT A . 
O 4 HOH 55  154 154 HOH WAT A . 
O 4 HOH 56  155 155 HOH WAT A . 
O 4 HOH 57  157 157 HOH WAT A . 
O 4 HOH 58  158 158 HOH WAT A . 
O 4 HOH 59  159 159 HOH WAT A . 
O 4 HOH 60  161 161 HOH WAT A . 
O 4 HOH 61  162 162 HOH WAT A . 
O 4 HOH 62  164 164 HOH WAT A . 
O 4 HOH 63  165 165 HOH WAT A . 
O 4 HOH 64  168 168 HOH WAT A . 
O 4 HOH 65  169 169 HOH WAT A . 
O 4 HOH 66  173 173 HOH WAT A . 
O 4 HOH 67  174 174 HOH WAT A . 
O 4 HOH 68  177 177 HOH WAT A . 
O 4 HOH 69  179 179 HOH WAT A . 
O 4 HOH 70  180 180 HOH WAT A . 
O 4 HOH 71  181 181 HOH WAT A . 
O 4 HOH 72  182 182 HOH WAT A . 
O 4 HOH 73  186 186 HOH WAT A . 
O 4 HOH 74  187 187 HOH WAT A . 
O 4 HOH 75  191 191 HOH WAT A . 
O 4 HOH 76  195 195 HOH WAT A . 
O 4 HOH 77  197 197 HOH WAT A . 
O 4 HOH 78  200 200 HOH WAT A . 
O 4 HOH 79  202 202 HOH WAT A . 
O 4 HOH 80  203 203 HOH WAT A . 
O 4 HOH 81  206 206 HOH WAT A . 
O 4 HOH 82  207 207 HOH WAT A . 
O 4 HOH 83  208 208 HOH WAT A . 
O 4 HOH 84  209 209 HOH WAT A . 
O 4 HOH 85  210 210 HOH WAT A . 
O 4 HOH 86  211 211 HOH WAT A . 
O 4 HOH 87  212 212 HOH WAT A . 
O 4 HOH 88  213 213 HOH WAT A . 
O 4 HOH 89  215 215 HOH WAT A . 
O 4 HOH 90  217 217 HOH WAT A . 
O 4 HOH 91  220 220 HOH WAT A . 
O 4 HOH 92  225 225 HOH WAT A . 
O 4 HOH 93  227 227 HOH WAT A . 
O 4 HOH 94  229 229 HOH WAT A . 
O 4 HOH 95  230 230 HOH WAT A . 
O 4 HOH 96  232 232 HOH WAT A . 
O 4 HOH 97  233 233 HOH WAT A . 
O 4 HOH 98  234 234 HOH WAT A . 
O 4 HOH 99  238 238 HOH WAT A . 
O 4 HOH 100 240 240 HOH WAT A . 
O 4 HOH 101 242 242 HOH WAT A . 
O 4 HOH 102 244 244 HOH WAT A . 
O 4 HOH 103 245 245 HOH WAT A . 
P 4 HOH 1   49  49  HOH WAT B . 
P 4 HOH 2   51  51  HOH WAT B . 
P 4 HOH 3   53  53  HOH WAT B . 
P 4 HOH 4   56  56  HOH WAT B . 
P 4 HOH 5   57  57  HOH WAT B . 
P 4 HOH 6   59  59  HOH WAT B . 
P 4 HOH 7   61  61  HOH WAT B . 
P 4 HOH 8   62  62  HOH WAT B . 
P 4 HOH 9   63  63  HOH WAT B . 
P 4 HOH 10  67  67  HOH WAT B . 
P 4 HOH 11  71  71  HOH WAT B . 
P 4 HOH 12  72  72  HOH WAT B . 
P 4 HOH 13  73  73  HOH WAT B . 
P 4 HOH 14  74  74  HOH WAT B . 
P 4 HOH 15  76  76  HOH WAT B . 
P 4 HOH 16  77  77  HOH WAT B . 
P 4 HOH 17  84  84  HOH WAT B . 
P 4 HOH 18  85  85  HOH WAT B . 
P 4 HOH 19  89  89  HOH WAT B . 
P 4 HOH 20  90  90  HOH WAT B . 
P 4 HOH 21  91  91  HOH WAT B . 
P 4 HOH 22  92  92  HOH WAT B . 
P 4 HOH 23  93  93  HOH WAT B . 
P 4 HOH 24  94  94  HOH WAT B . 
P 4 HOH 25  97  97  HOH WAT B . 
P 4 HOH 26  98  98  HOH WAT B . 
P 4 HOH 27  99  99  HOH WAT B . 
P 4 HOH 28  100 100 HOH WAT B . 
P 4 HOH 29  101 101 HOH WAT B . 
P 4 HOH 30  110 110 HOH WAT B . 
P 4 HOH 31  111 111 HOH WAT B . 
P 4 HOH 32  112 112 HOH WAT B . 
P 4 HOH 33  113 113 HOH WAT B . 
P 4 HOH 34  116 116 HOH WAT B . 
P 4 HOH 35  122 122 HOH WAT B . 
P 4 HOH 36  124 124 HOH WAT B . 
P 4 HOH 37  125 125 HOH WAT B . 
P 4 HOH 38  126 126 HOH WAT B . 
P 4 HOH 39  129 129 HOH WAT B . 
P 4 HOH 40  130 130 HOH WAT B . 
P 4 HOH 41  132 132 HOH WAT B . 
P 4 HOH 42  134 134 HOH WAT B . 
P 4 HOH 43  136 136 HOH WAT B . 
P 4 HOH 44  138 138 HOH WAT B . 
P 4 HOH 45  139 139 HOH WAT B . 
P 4 HOH 46  143 143 HOH WAT B . 
P 4 HOH 47  145 145 HOH WAT B . 
P 4 HOH 48  147 147 HOH WAT B . 
P 4 HOH 49  148 148 HOH WAT B . 
P 4 HOH 50  150 150 HOH WAT B . 
P 4 HOH 51  153 153 HOH WAT B . 
P 4 HOH 52  156 156 HOH WAT B . 
P 4 HOH 53  160 160 HOH WAT B . 
P 4 HOH 54  163 163 HOH WAT B . 
P 4 HOH 55  166 166 HOH WAT B . 
P 4 HOH 56  167 167 HOH WAT B . 
P 4 HOH 57  170 170 HOH WAT B . 
P 4 HOH 58  171 171 HOH WAT B . 
P 4 HOH 59  172 172 HOH WAT B . 
P 4 HOH 60  175 175 HOH WAT B . 
P 4 HOH 61  176 176 HOH WAT B . 
P 4 HOH 62  178 178 HOH WAT B . 
P 4 HOH 63  183 183 HOH WAT B . 
P 4 HOH 64  184 184 HOH WAT B . 
P 4 HOH 65  185 185 HOH WAT B . 
P 4 HOH 66  188 188 HOH WAT B . 
P 4 HOH 67  189 189 HOH WAT B . 
P 4 HOH 68  190 190 HOH WAT B . 
P 4 HOH 69  192 192 HOH WAT B . 
P 4 HOH 70  193 193 HOH WAT B . 
P 4 HOH 71  194 194 HOH WAT B . 
P 4 HOH 72  196 196 HOH WAT B . 
P 4 HOH 73  198 198 HOH WAT B . 
P 4 HOH 74  199 199 HOH WAT B . 
P 4 HOH 75  201 201 HOH WAT B . 
P 4 HOH 76  204 204 HOH WAT B . 
P 4 HOH 77  205 205 HOH WAT B . 
P 4 HOH 78  214 214 HOH WAT B . 
P 4 HOH 79  216 216 HOH WAT B . 
P 4 HOH 80  218 218 HOH WAT B . 
P 4 HOH 81  219 219 HOH WAT B . 
P 4 HOH 82  221 221 HOH WAT B . 
P 4 HOH 83  222 222 HOH WAT B . 
P 4 HOH 84  223 223 HOH WAT B . 
P 4 HOH 85  224 224 HOH WAT B . 
P 4 HOH 86  226 226 HOH WAT B . 
P 4 HOH 87  228 228 HOH WAT B . 
P 4 HOH 88  231 231 HOH WAT B . 
P 4 HOH 89  235 235 HOH WAT B . 
P 4 HOH 90  236 236 HOH WAT B . 
P 4 HOH 91  237 237 HOH WAT B . 
P 4 HOH 92  239 239 HOH WAT B . 
P 4 HOH 93  241 241 HOH WAT B . 
P 4 HOH 94  243 243 HOH WAT B . 
# 
loop_
_pdbx_unobs_or_zero_occ_atoms.id 
_pdbx_unobs_or_zero_occ_atoms.PDB_model_num 
_pdbx_unobs_or_zero_occ_atoms.polymer_flag 
_pdbx_unobs_or_zero_occ_atoms.occupancy_flag 
_pdbx_unobs_or_zero_occ_atoms.auth_asym_id 
_pdbx_unobs_or_zero_occ_atoms.auth_comp_id 
_pdbx_unobs_or_zero_occ_atoms.auth_seq_id 
_pdbx_unobs_or_zero_occ_atoms.PDB_ins_code 
_pdbx_unobs_or_zero_occ_atoms.auth_atom_id 
_pdbx_unobs_or_zero_occ_atoms.label_alt_id 
_pdbx_unobs_or_zero_occ_atoms.label_asym_id 
_pdbx_unobs_or_zero_occ_atoms.label_comp_id 
_pdbx_unobs_or_zero_occ_atoms.label_seq_id 
_pdbx_unobs_or_zero_occ_atoms.label_atom_id 
1  1 Y 1 A DC 2  ? P     ? A DC 2 P     
2  1 Y 1 A DC 2  ? OP1   ? A DC 2 OP1   
3  1 Y 1 A DC 2  ? OP2   ? A DC 2 OP2   
4  1 Y 1 A DC 2  ? "O5'" ? A DC 2 "O5'" 
5  1 Y 1 A DC 2  ? "C5'" ? A DC 2 "C5'" 
6  1 Y 1 A DC 2  ? "C4'" ? A DC 2 "C4'" 
7  1 Y 1 A DC 2  ? "O4'" ? A DC 2 "O4'" 
8  1 Y 1 A DC 2  ? "C3'" ? A DC 2 "C3'" 
9  1 Y 1 A DC 2  ? "C2'" ? A DC 2 "C2'" 
10 1 Y 1 A DC 2  ? "C1'" ? A DC 2 "C1'" 
11 1 Y 1 A DC 2  ? N1    ? A DC 2 N1    
12 1 Y 1 A DC 2  ? C2    ? A DC 2 C2    
13 1 Y 1 A DC 2  ? O2    ? A DC 2 O2    
14 1 Y 1 A DC 2  ? N3    ? A DC 2 N3    
15 1 Y 1 A DC 2  ? C4    ? A DC 2 C4    
16 1 Y 1 A DC 2  ? N4    ? A DC 2 N4    
17 1 Y 1 A DC 2  ? C5    ? A DC 2 C5    
18 1 Y 1 A DC 2  ? C6    ? A DC 2 C6    
19 1 Y 1 B DT 20 ? P     ? B DT 2 P     
20 1 Y 1 B DT 20 ? OP1   ? B DT 2 OP1   
21 1 Y 1 B DT 20 ? OP2   ? B DT 2 OP2   
22 1 Y 1 B DT 20 ? "O5'" ? B DT 2 "O5'" 
23 1 Y 1 B DT 20 ? "C5'" ? B DT 2 "C5'" 
24 1 Y 1 B DT 20 ? "C4'" ? B DT 2 "C4'" 
25 1 Y 1 B DT 20 ? "O4'" ? B DT 2 "O4'" 
26 1 Y 1 B DT 20 ? "C3'" ? B DT 2 "C3'" 
27 1 Y 1 B DT 20 ? "C2'" ? B DT 2 "C2'" 
28 1 Y 1 B DT 20 ? "C1'" ? B DT 2 "C1'" 
29 1 Y 1 B DT 20 ? N1    ? B DT 2 N1    
30 1 Y 1 B DT 20 ? C2    ? B DT 2 C2    
31 1 Y 1 B DT 20 ? O2    ? B DT 2 O2    
32 1 Y 1 B DT 20 ? N3    ? B DT 2 N3    
33 1 Y 1 B DT 20 ? C4    ? B DT 2 C4    
34 1 Y 1 B DT 20 ? O4    ? B DT 2 O4    
35 1 Y 1 B DT 20 ? C5    ? B DT 2 C5    
36 1 Y 1 B DT 20 ? C7    ? B DT 2 C7    
37 1 Y 1 B DT 20 ? C6    ? B DT 2 C6    
# 
loop_
_software.name 
_software.classification 
_software.version 
_software.citation_id 
_software.pdbx_ordinal 
HKL-2000 'data collection' . ? 1 
SOLVE    phasing           . ? 2 
CNS      refinement        . ? 3 
HKL-2000 'data reduction'  . ? 4 
HKL-2000 'data scaling'    . ? 5 
# 
_cell.entry_id           3BSE 
_cell.length_a           38.740 
_cell.length_b           38.740 
_cell.length_c           161.327 
_cell.angle_alpha        90.00 
_cell.angle_beta         90.00 
_cell.angle_gamma        120.00 
_cell.Z_PDB              9 
_cell.pdbx_unique_axis   ? 
_cell.length_a_esd       ? 
_cell.length_b_esd       ? 
_cell.length_c_esd       ? 
_cell.angle_alpha_esd    ? 
_cell.angle_beta_esd     ? 
_cell.angle_gamma_esd    ? 
# 
_symmetry.entry_id                         3BSE 
_symmetry.space_group_name_H-M             'H 3' 
_symmetry.pdbx_full_space_group_name_H-M   ? 
_symmetry.cell_setting                     ? 
_symmetry.Int_Tables_number                146 
_symmetry.space_group_name_Hall            ? 
# 
_exptl.entry_id          3BSE 
_exptl.method            'X-RAY DIFFRACTION' 
_exptl.crystals_number   1 
# 
_exptl_crystal.id                    1 
_exptl_crystal.density_meas          ? 
_exptl_crystal.density_Matthews      2.11 
_exptl_crystal.density_percent_sol   41.77 
_exptl_crystal.description           ? 
_exptl_crystal.F_000                 ? 
_exptl_crystal.preparation           ? 
# 
_exptl_crystal_grow.crystal_id      1 
_exptl_crystal_grow.method          'VAPOR DIFFUSION, HANGING DROP' 
_exptl_crystal_grow.temp            277 
_exptl_crystal_grow.temp_details    ? 
_exptl_crystal_grow.pH              8.0 
_exptl_crystal_grow.pdbx_details    
;Hanging drop: 0.25mM DNA duplex, 5mM CaCl2, 0.2M KCl, 5% PEG10K, 5% MPD and 50mM Tris-HCl pH 8.0  
  
Reservoir: 10% PEG10K, 10% MPD and 100mM Bicine pH 8.0, VAPOR DIFFUSION, HANGING DROP, temperature 277K
;
_exptl_crystal_grow.pdbx_pH_range   . 
# 
loop_
_exptl_crystal_grow_comp.crystal_id 
_exptl_crystal_grow_comp.id 
_exptl_crystal_grow_comp.sol_id 
_exptl_crystal_grow_comp.name 
_exptl_crystal_grow_comp.volume 
_exptl_crystal_grow_comp.conc 
_exptl_crystal_grow_comp.details 
1 1 1 CaCl2    ? ? ? 
1 2 1 KCl      ? ? ? 
1 3 1 PEG10K   ? ? ? 
1 4 1 MPD      ? ? ? 
1 5 1 Tris-HCl ? ? ? 
1 6 2 PEG10K   ? ? ? 
1 7 2 MPD      ? ? ? 
1 8 2 Bicine   ? ? ? 
# 
_diffrn.id                     1 
_diffrn.ambient_temp           100 
_diffrn.ambient_temp_details   ? 
_diffrn.crystal_id             1 
# 
_diffrn_detector.diffrn_id              1 
_diffrn_detector.detector               CCD 
_diffrn_detector.type                   'ADSC QUANTUM 210' 
_diffrn_detector.pdbx_collection_date   2005-04-23 
_diffrn_detector.details                ? 
# 
_diffrn_radiation.diffrn_id                        1 
_diffrn_radiation.wavelength_id                    1 
_diffrn_radiation.pdbx_monochromatic_or_laue_m_l   M 
_diffrn_radiation.monochromator                    ? 
_diffrn_radiation.pdbx_diffrn_protocol             'SINGLE WAVELENGTH' 
_diffrn_radiation.pdbx_scattering_type             x-ray 
# 
_diffrn_radiation_wavelength.id           1 
_diffrn_radiation_wavelength.wavelength   0.99 
_diffrn_radiation_wavelength.wt           1.0 
# 
_diffrn_source.diffrn_id                   1 
_diffrn_source.source                      SYNCHROTRON 
_diffrn_source.type                        'CHESS BEAMLINE A1' 
_diffrn_source.pdbx_synchrotron_site       CHESS 
_diffrn_source.pdbx_synchrotron_beamline   A1 
_diffrn_source.pdbx_wavelength             ? 
_diffrn_source.pdbx_wavelength_list        0.99 
# 
_reflns.entry_id                     3BSE 
_reflns.observed_criterion_sigma_F   4.0 
_reflns.observed_criterion_sigma_I   ? 
_reflns.d_resolution_high            1.6 
_reflns.d_resolution_low             8.0 
_reflns.number_all                   11813 
_reflns.number_obs                   11667 
_reflns.percent_possible_obs         98.5 
_reflns.pdbx_Rmerge_I_obs            ? 
_reflns.pdbx_Rsym_value              0.035 
_reflns.pdbx_netI_over_sigmaI        ? 
_reflns.B_iso_Wilson_estimate        ? 
_reflns.pdbx_redundancy              ? 
_reflns.R_free_details               ? 
_reflns.pdbx_chi_squared             ? 
_reflns.pdbx_scaling_rejects         ? 
_reflns.pdbx_diffrn_id               1 
_reflns.pdbx_ordinal                 1 
# 
_refine.entry_id                                 3BSE 
_refine.ls_d_res_high                            1.6 
_refine.ls_d_res_low                             8.0 
_refine.pdbx_ls_sigma_F                          4.0 
_refine.pdbx_ls_sigma_I                          ? 
_refine.ls_number_reflns_all                     11813 
_refine.ls_number_reflns_obs                     11667 
_refine.ls_number_reflns_R_free                  1189 
_refine.ls_percent_reflns_obs                    98.5 
_refine.ls_R_factor_all                          ? 
_refine.ls_R_factor_obs                          0.221 
_refine.ls_R_factor_R_work                       ? 
_refine.ls_R_factor_R_free                       0.274 
_refine.ls_redundancy_reflns_obs                 ? 
_refine.pdbx_data_cutoff_high_absF               ? 
_refine.pdbx_data_cutoff_low_absF                ? 
_refine.ls_number_parameters                     ? 
_refine.ls_number_restraints                     ? 
_refine.ls_percent_reflns_R_free                 ? 
_refine.ls_R_factor_R_free_error                 ? 
_refine.ls_R_factor_R_free_error_details         ? 
_refine.pdbx_method_to_determine_struct          SAD 
_refine.pdbx_starting_model                      ? 
_refine.pdbx_ls_cross_valid_method               ? 
_refine.pdbx_R_Free_selection_details            Random 
_refine.pdbx_stereochem_target_val_spec_case     ? 
_refine.pdbx_stereochemistry_target_values       'Engh & Huber' 
_refine.solvent_model_details                    ? 
_refine.solvent_model_param_bsol                 ? 
_refine.solvent_model_param_ksol                 ? 
_refine.occupancy_max                            ? 
_refine.occupancy_min                            ? 
_refine.pdbx_isotropic_thermal_model             Isotropic 
_refine.B_iso_mean                               ? 
_refine.aniso_B[1][1]                            ? 
_refine.aniso_B[1][2]                            ? 
_refine.aniso_B[1][3]                            ? 
_refine.aniso_B[2][2]                            ? 
_refine.aniso_B[2][3]                            ? 
_refine.aniso_B[3][3]                            ? 
_refine.details                                  ? 
_refine.correlation_coeff_Fo_to_Fc               ? 
_refine.correlation_coeff_Fo_to_Fc_free          ? 
_refine.pdbx_solvent_vdw_probe_radii             ? 
_refine.pdbx_solvent_ion_probe_radii             ? 
_refine.pdbx_solvent_shrinkage_radii             ? 
_refine.overall_SU_R_Cruickshank_DPI             ? 
_refine.overall_SU_R_free                        ? 
_refine.overall_SU_ML                            ? 
_refine.overall_SU_B                             ? 
_refine.pdbx_overall_ESU_R_Free                  ? 
_refine.pdbx_data_cutoff_high_rms_absF           ? 
_refine.pdbx_overall_ESU_R                       ? 
_refine.ls_wR_factor_R_free                      ? 
_refine.ls_wR_factor_R_work                      ? 
_refine.overall_FOM_free_R_set                   ? 
_refine.overall_FOM_work_R_set                   ? 
_refine.pdbx_overall_phase_error                 ? 
_refine.pdbx_refine_id                           'X-RAY DIFFRACTION' 
_refine.pdbx_diffrn_id                           1 
_refine.pdbx_TLS_residual_ADP_flag               ? 
_refine.pdbx_overall_SU_R_free_Cruickshank_DPI   ? 
_refine.pdbx_overall_SU_R_Blow_DPI               ? 
_refine.pdbx_overall_SU_R_free_Blow_DPI          ? 
# 
_refine_hist.pdbx_refine_id                   'X-RAY DIFFRACTION' 
_refine_hist.cycle_id                         LAST 
_refine_hist.pdbx_number_atoms_protein        0 
_refine_hist.pdbx_number_atoms_nucleic_acid   658 
_refine_hist.pdbx_number_atoms_ligand         12 
_refine_hist.number_atoms_solvent             197 
_refine_hist.number_atoms_total               867 
_refine_hist.d_res_high                       1.6 
_refine_hist.d_res_low                        8.0 
# 
_struct.entry_id                  3BSE 
_struct.title                     'Crystal structure analysis of a 16-base-pair B-DNA' 
_struct.pdbx_model_details        ? 
_struct.pdbx_CASP_flag            Y 
_struct.pdbx_model_type_details   ? 
# 
_struct_keywords.entry_id        3BSE 
_struct_keywords.pdbx_keywords   DNA 
_struct_keywords.text            'DM domain, DNA structure, Doublesex, Protein-DNA recognition, sex determination, DNA' 
# 
loop_
_struct_asym.id 
_struct_asym.pdbx_blank_PDB_chainid_flag 
_struct_asym.pdbx_modified 
_struct_asym.entity_id 
_struct_asym.details 
A N N 1 ? 
B N N 2 ? 
C N N 3 ? 
D N N 3 ? 
E N N 3 ? 
F N N 3 ? 
G N N 3 ? 
H N N 3 ? 
I N N 3 ? 
J N N 3 ? 
K N N 3 ? 
L N N 3 ? 
M N N 3 ? 
N N N 3 ? 
O N N 4 ? 
P N N 4 ? 
# 
loop_
_struct_ref.id 
_struct_ref.db_name 
_struct_ref.db_code 
_struct_ref.pdbx_db_accession 
_struct_ref.entity_id 
_struct_ref.pdbx_align_begin 
_struct_ref.pdbx_seq_one_letter_code 
_struct_ref.pdbx_db_isoform 
1 PDB 3BSE 3BSE 1 1 ACACTACAATGTTGCAAT ? 
2 PDB 3BSE 3BSE 2 1 GTATTGCAACATTGTAGT ? 
# 
loop_
_struct_ref_seq.align_id 
_struct_ref_seq.ref_id 
_struct_ref_seq.pdbx_PDB_id_code 
_struct_ref_seq.pdbx_strand_id 
_struct_ref_seq.seq_align_beg 
_struct_ref_seq.pdbx_seq_align_beg_ins_code 
_struct_ref_seq.seq_align_end 
_struct_ref_seq.pdbx_seq_align_end_ins_code 
_struct_ref_seq.pdbx_db_accession 
_struct_ref_seq.db_align_beg 
_struct_ref_seq.pdbx_db_align_beg_ins_code 
_struct_ref_seq.db_align_end 
_struct_ref_seq.pdbx_db_align_end_ins_code 
_struct_ref_seq.pdbx_auth_seq_align_beg 
_struct_ref_seq.pdbx_auth_seq_align_end 
1 1 3BSE A 1 ? 18 ? 3BSE 1  ? 18 ? 1  18 
2 2 3BSE B 1 ? 18 ? 3BSE 19 ? 36 ? 19 36 
# 
_pdbx_struct_assembly.id                   1 
_pdbx_struct_assembly.details              author_and_software_defined_assembly 
_pdbx_struct_assembly.method_details       PISA 
_pdbx_struct_assembly.oligomeric_details   dimeric 
_pdbx_struct_assembly.oligomeric_count     2 
# 
loop_
_pdbx_struct_assembly_prop.biol_id 
_pdbx_struct_assembly_prop.type 
_pdbx_struct_assembly_prop.value 
_pdbx_struct_assembly_prop.details 
1 'ABSA (A^2)' 1680  ? 
1 MORE         -30.2 ? 
1 'SSA (A^2)'  6170  ? 
# 
_pdbx_struct_assembly_gen.assembly_id       1 
_pdbx_struct_assembly_gen.oper_expression   1 
_pdbx_struct_assembly_gen.asym_id_list      A,B,C,D,E,F,G,H,I,J,K,L,M,N,O,P 
# 
_pdbx_struct_oper_list.id                   1 
_pdbx_struct_oper_list.type                 'identity operation' 
_pdbx_struct_oper_list.name                 1_555 
_pdbx_struct_oper_list.symmetry_operation   x,y,z 
_pdbx_struct_oper_list.matrix[1][1]         1.0000000000 
_pdbx_struct_oper_list.matrix[1][2]         0.0000000000 
_pdbx_struct_oper_list.matrix[1][3]         0.0000000000 
_pdbx_struct_oper_list.vector[1]            0.0000000000 
_pdbx_struct_oper_list.matrix[2][1]         0.0000000000 
_pdbx_struct_oper_list.matrix[2][2]         1.0000000000 
_pdbx_struct_oper_list.matrix[2][3]         0.0000000000 
_pdbx_struct_oper_list.vector[2]            0.0000000000 
_pdbx_struct_oper_list.matrix[3][1]         0.0000000000 
_pdbx_struct_oper_list.matrix[3][2]         0.0000000000 
_pdbx_struct_oper_list.matrix[3][3]         1.0000000000 
_pdbx_struct_oper_list.vector[3]            0.0000000000 
# 
_struct_biol.id        1 
_struct_biol.details   ? 
# 
loop_
_struct_conn.id 
_struct_conn.conn_type_id 
_struct_conn.pdbx_leaving_atom_flag 
_struct_conn.pdbx_PDB_id 
_struct_conn.ptnr1_label_asym_id 
_struct_conn.ptnr1_label_comp_id 
_struct_conn.ptnr1_label_seq_id 
_struct_conn.ptnr1_label_atom_id 
_struct_conn.pdbx_ptnr1_label_alt_id 
_struct_conn.pdbx_ptnr1_PDB_ins_code 
_struct_conn.pdbx_ptnr1_standard_comp_id 
_struct_conn.ptnr1_symmetry 
_struct_conn.ptnr2_label_asym_id 
_struct_conn.ptnr2_label_comp_id 
_struct_conn.ptnr2_label_seq_id 
_struct_conn.ptnr2_label_atom_id 
_struct_conn.pdbx_ptnr2_label_alt_id 
_struct_conn.pdbx_ptnr2_PDB_ins_code 
_struct_conn.ptnr1_auth_asym_id 
_struct_conn.ptnr1_auth_comp_id 
_struct_conn.ptnr1_auth_seq_id 
_struct_conn.ptnr2_auth_asym_id 
_struct_conn.ptnr2_auth_comp_id 
_struct_conn.ptnr2_auth_seq_id 
_struct_conn.ptnr2_symmetry 
_struct_conn.pdbx_ptnr3_label_atom_id 
_struct_conn.pdbx_ptnr3_label_seq_id 
_struct_conn.pdbx_ptnr3_label_comp_id 
_struct_conn.pdbx_ptnr3_label_asym_id 
_struct_conn.pdbx_ptnr3_label_alt_id 
_struct_conn.pdbx_ptnr3_PDB_ins_code 
_struct_conn.details 
_struct_conn.pdbx_dist_value 
_struct_conn.pdbx_value_order 
_struct_conn.pdbx_role 
metalc1  metalc ? ? A DC  4  OP1 ? ? ? 1_555 H CA  .  CA ? ? A DC  4  A CA  45  1_555 ? ? ? ? ? ? ?            2.274 ? ? 
metalc2  metalc ? ? A DA  8  OP1 ? ? ? 1_555 F CA  .  CA ? ? A DA  8  A CA  41  1_555 ? ? ? ? ? ? ?            2.313 ? ? 
metalc3  metalc ? ? A DA  8  OP2 ? ? ? 1_555 G CA  .  CA ? ? A DA  8  A CA  42  1_555 ? ? ? ? ? ? ?            2.385 ? ? 
metalc4  metalc ? ? A DT  18 OP1 ? ? ? 1_555 I CA  .  CA ? ? A DT  18 A CA  47  1_555 ? ? ? ? ? ? ?            2.313 ? ? 
metalc5  metalc ? ? C CA  .  CA  ? ? ? 1_555 P HOH .  O  ? ? A CA  37 B HOH 71  1_555 ? ? ? ? ? ? ?            2.443 ? ? 
metalc6  metalc ? ? C CA  .  CA  ? ? ? 1_555 P HOH .  O  ? ? A CA  37 B HOH 196 1_555 ? ? ? ? ? ? ?            2.860 ? ? 
metalc7  metalc ? ? D CA  .  CA  ? ? ? 1_555 O HOH .  O  ? ? A CA  38 A HOH 86  1_555 ? ? ? ? ? ? ?            2.385 ? ? 
metalc8  metalc ? ? D CA  .  CA  ? ? ? 1_555 O HOH .  O  ? ? A CA  38 A HOH 195 1_555 ? ? ? ? ? ? ?            2.896 ? ? 
metalc9  metalc ? ? E CA  .  CA  ? ? ? 1_555 O HOH .  O  ? ? A CA  39 A HOH 58  1_555 ? ? ? ? ? ? ?            2.572 ? ? 
metalc10 metalc ? ? E CA  .  CA  ? ? ? 1_555 O HOH .  O  ? ? A CA  39 A HOH 81  1_555 ? ? ? ? ? ? ?            2.649 ? ? 
metalc11 metalc ? ? E CA  .  CA  ? ? ? 1_555 O HOH .  O  ? ? A CA  39 A HOH 131 1_555 ? ? ? ? ? ? ?            2.538 ? ? 
metalc12 metalc ? ? E CA  .  CA  ? ? ? 1_555 O HOH .  O  ? ? A CA  39 A HOH 141 1_555 ? ? ? ? ? ? ?            2.847 ? ? 
metalc13 metalc ? ? E CA  .  CA  ? ? ? 1_555 O HOH .  O  ? ? A CA  39 A HOH 152 1_555 ? ? ? ? ? ? ?            2.538 ? ? 
metalc14 metalc ? ? E CA  .  CA  ? ? ? 1_555 P HOH .  O  ? ? A CA  39 B HOH 72  1_555 ? ? ? ? ? ? ?            2.594 ? ? 
metalc15 metalc ? ? E CA  .  CA  ? ? ? 1_555 P HOH .  O  ? ? A CA  39 B HOH 76  1_555 ? ? ? ? ? ? ?            2.361 ? ? 
metalc16 metalc ? ? F CA  .  CA  ? ? ? 1_555 O HOH .  O  ? ? A CA  41 A HOH 54  1_555 ? ? ? ? ? ? ?            2.337 ? ? 
metalc17 metalc ? ? G CA  .  CA  ? ? ? 1_555 O HOH .  O  ? ? A CA  42 A HOH 75  1_555 ? ? ? ? ? ? ?            2.525 ? ? 
metalc18 metalc ? ? H CA  .  CA  ? ? ? 1_555 O HOH .  O  ? ? A CA  45 A HOH 68  1_555 ? ? ? ? ? ? ?            2.442 ? ? 
metalc19 metalc ? ? O HOH .  O   ? ? ? 1_555 J CA  .  CA ? ? A HOH 66 B CA  40  1_555 ? ? ? ? ? ? ?            2.610 ? ? 
metalc20 metalc ? ? O HOH .  O   ? ? ? 1_555 J CA  .  CA ? ? A HOH 69 B CA  40  1_555 ? ? ? ? ? ? ?            2.544 ? ? 
metalc21 metalc ? ? B DT  4  OP1 ? ? ? 1_555 N CA  .  CA ? ? B DT  22 B CA  48  1_555 ? ? ? ? ? ? ?            2.320 ? ? 
metalc22 metalc ? ? B DA  8  OP2 ? ? ? 1_555 K CA  .  CA ? ? B DA  26 B CA  43  1_555 ? ? ? ? ? ? ?            2.379 ? ? 
metalc23 metalc ? ? B DA  8  OP1 ? ? ? 1_555 L CA  .  CA ? ? B DA  26 B CA  44  1_555 ? ? ? ? ? ? ?            2.257 ? ? 
metalc24 metalc ? ? B DT  18 OP1 ? ? ? 1_555 M CA  .  CA ? ? B DT  36 B CA  46  1_555 ? ? ? ? ? ? ?            2.235 ? ? 
metalc25 metalc ? ? J CA  .  CA  ? ? ? 1_555 P HOH .  O  ? ? B CA  40 B HOH 59  1_555 ? ? ? ? ? ? ?            2.445 ? ? 
metalc26 metalc ? ? J CA  .  CA  ? ? ? 1_555 P HOH .  O  ? ? B CA  40 B HOH 74  1_555 ? ? ? ? ? ? ?            2.714 ? ? 
metalc27 metalc ? ? J CA  .  CA  ? ? ? 1_555 P HOH .  O  ? ? B CA  40 B HOH 132 1_555 ? ? ? ? ? ? ?            2.385 ? ? 
metalc28 metalc ? ? J CA  .  CA  ? ? ? 1_555 P HOH .  O  ? ? B CA  40 B HOH 138 1_555 ? ? ? ? ? ? ?            2.421 ? ? 
metalc29 metalc ? ? K CA  .  CA  ? ? ? 1_555 P HOH .  O  ? ? B CA  43 B HOH 172 1_555 ? ? ? ? ? ? ?            2.568 ? ? 
metalc30 metalc ? ? L CA  .  CA  ? ? ? 1_555 P HOH .  O  ? ? B CA  44 B HOH 53  1_555 ? ? ? ? ? ? ?            2.508 ? ? 
metalc31 metalc ? ? N CA  .  CA  ? ? ? 1_555 P HOH .  O  ? ? B CA  48 B HOH 73  1_555 ? ? ? ? ? ? ?            2.439 ? ? 
hydrog1  hydrog ? ? A DA  3  N1  ? ? ? 1_555 B DT  18 N3 ? ? A DA  3  B DT  36  1_555 ? ? ? ? ? ? WATSON-CRICK ?     ? ? 
hydrog2  hydrog ? ? A DA  3  N6  ? ? ? 1_555 B DT  18 O4 ? ? A DA  3  B DT  36  1_555 ? ? ? ? ? ? WATSON-CRICK ?     ? ? 
hydrog3  hydrog ? ? A DC  4  N3  ? ? ? 1_555 B DG  17 N1 ? ? A DC  4  B DG  35  1_555 ? ? ? ? ? ? WATSON-CRICK ?     ? ? 
hydrog4  hydrog ? ? A DC  4  N4  ? ? ? 1_555 B DG  17 O6 ? ? A DC  4  B DG  35  1_555 ? ? ? ? ? ? WATSON-CRICK ?     ? ? 
hydrog5  hydrog ? ? A DC  4  O2  ? ? ? 1_555 B DG  17 N2 ? ? A DC  4  B DG  35  1_555 ? ? ? ? ? ? WATSON-CRICK ?     ? ? 
hydrog6  hydrog ? ? A DT  5  N3  ? ? ? 1_555 B DA  16 N1 ? ? A DT  5  B DA  34  1_555 ? ? ? ? ? ? WATSON-CRICK ?     ? ? 
hydrog7  hydrog ? ? A DT  5  O4  ? ? ? 1_555 B DA  16 N6 ? ? A DT  5  B DA  34  1_555 ? ? ? ? ? ? WATSON-CRICK ?     ? ? 
hydrog8  hydrog ? ? A DA  6  N1  ? ? ? 1_555 B DT  15 N3 ? ? A DA  6  B DT  33  1_555 ? ? ? ? ? ? WATSON-CRICK ?     ? ? 
hydrog9  hydrog ? ? A DA  6  N6  ? ? ? 1_555 B DT  15 O4 ? ? A DA  6  B DT  33  1_555 ? ? ? ? ? ? WATSON-CRICK ?     ? ? 
hydrog10 hydrog ? ? A DC  7  N3  ? ? ? 1_555 B DG  14 N1 ? ? A DC  7  B DG  32  1_555 ? ? ? ? ? ? WATSON-CRICK ?     ? ? 
hydrog11 hydrog ? ? A DC  7  N4  ? ? ? 1_555 B DG  14 O6 ? ? A DC  7  B DG  32  1_555 ? ? ? ? ? ? WATSON-CRICK ?     ? ? 
hydrog12 hydrog ? ? A DC  7  O2  ? ? ? 1_555 B DG  14 N2 ? ? A DC  7  B DG  32  1_555 ? ? ? ? ? ? WATSON-CRICK ?     ? ? 
hydrog13 hydrog ? ? A DA  8  N1  ? ? ? 1_555 B DT  13 N3 ? ? A DA  8  B DT  31  1_555 ? ? ? ? ? ? WATSON-CRICK ?     ? ? 
hydrog14 hydrog ? ? A DA  8  N6  ? ? ? 1_555 B DT  13 O4 ? ? A DA  8  B DT  31  1_555 ? ? ? ? ? ? WATSON-CRICK ?     ? ? 
hydrog15 hydrog ? ? A DA  9  N1  ? ? ? 1_555 B DT  12 N3 ? ? A DA  9  B DT  30  1_555 ? ? ? ? ? ? WATSON-CRICK ?     ? ? 
hydrog16 hydrog ? ? A DA  9  N6  ? ? ? 1_555 B DT  12 O4 ? ? A DA  9  B DT  30  1_555 ? ? ? ? ? ? WATSON-CRICK ?     ? ? 
hydrog17 hydrog ? ? A DT  10 N3  ? ? ? 1_555 B DA  11 N1 ? ? A DT  10 B DA  29  1_555 ? ? ? ? ? ? WATSON-CRICK ?     ? ? 
hydrog18 hydrog ? ? A DT  10 O4  ? ? ? 1_555 B DA  11 N6 ? ? A DT  10 B DA  29  1_555 ? ? ? ? ? ? WATSON-CRICK ?     ? ? 
hydrog19 hydrog ? ? A DG  11 N1  ? ? ? 1_555 B DC  10 N3 ? ? A DG  11 B DC  28  1_555 ? ? ? ? ? ? WATSON-CRICK ?     ? ? 
hydrog20 hydrog ? ? A DG  11 N2  ? ? ? 1_555 B DC  10 O2 ? ? A DG  11 B DC  28  1_555 ? ? ? ? ? ? WATSON-CRICK ?     ? ? 
hydrog21 hydrog ? ? A DG  11 O6  ? ? ? 1_555 B DC  10 N4 ? ? A DG  11 B DC  28  1_555 ? ? ? ? ? ? WATSON-CRICK ?     ? ? 
hydrog22 hydrog ? ? A DT  12 N3  ? ? ? 1_555 B DA  9  N1 ? ? A DT  12 B DA  27  1_555 ? ? ? ? ? ? WATSON-CRICK ?     ? ? 
hydrog23 hydrog ? ? A DT  12 O4  ? ? ? 1_555 B DA  9  N6 ? ? A DT  12 B DA  27  1_555 ? ? ? ? ? ? WATSON-CRICK ?     ? ? 
hydrog24 hydrog ? ? A DT  13 N3  ? ? ? 1_555 B DA  8  N1 ? ? A DT  13 B DA  26  1_555 ? ? ? ? ? ? WATSON-CRICK ?     ? ? 
hydrog25 hydrog ? ? A DT  13 O4  ? ? ? 1_555 B DA  8  N6 ? ? A DT  13 B DA  26  1_555 ? ? ? ? ? ? WATSON-CRICK ?     ? ? 
hydrog26 hydrog ? ? A DG  14 N1  ? ? ? 1_555 B DC  7  N3 ? ? A DG  14 B DC  25  1_555 ? ? ? ? ? ? WATSON-CRICK ?     ? ? 
hydrog27 hydrog ? ? A DG  14 N2  ? ? ? 1_555 B DC  7  O2 ? ? A DG  14 B DC  25  1_555 ? ? ? ? ? ? WATSON-CRICK ?     ? ? 
hydrog28 hydrog ? ? A DG  14 O6  ? ? ? 1_555 B DC  7  N4 ? ? A DG  14 B DC  25  1_555 ? ? ? ? ? ? WATSON-CRICK ?     ? ? 
hydrog29 hydrog ? ? A DC  15 N3  ? ? ? 1_555 B DG  6  N1 ? ? A DC  15 B DG  24  1_555 ? ? ? ? ? ? WATSON-CRICK ?     ? ? 
hydrog30 hydrog ? ? A DC  15 N4  ? ? ? 1_555 B DG  6  O6 ? ? A DC  15 B DG  24  1_555 ? ? ? ? ? ? WATSON-CRICK ?     ? ? 
hydrog31 hydrog ? ? A DC  15 O2  ? ? ? 1_555 B DG  6  N2 ? ? A DC  15 B DG  24  1_555 ? ? ? ? ? ? WATSON-CRICK ?     ? ? 
hydrog32 hydrog ? ? A DA  16 N1  ? ? ? 1_555 B DT  5  N3 ? ? A DA  16 B DT  23  1_555 ? ? ? ? ? ? WATSON-CRICK ?     ? ? 
hydrog33 hydrog ? ? A DA  16 N6  ? ? ? 1_555 B DT  5  O4 ? ? A DA  16 B DT  23  1_555 ? ? ? ? ? ? WATSON-CRICK ?     ? ? 
hydrog34 hydrog ? ? A DA  17 N1  ? ? ? 1_555 B DT  4  N3 ? ? A DA  17 B DT  22  1_555 ? ? ? ? ? ? WATSON-CRICK ?     ? ? 
hydrog35 hydrog ? ? A DA  17 N6  ? ? ? 1_555 B DT  4  O4 ? ? A DA  17 B DT  22  1_555 ? ? ? ? ? ? WATSON-CRICK ?     ? ? 
hydrog36 hydrog ? ? A DT  18 N3  ? ? ? 1_555 B DA  3  N1 ? ? A DT  18 B DA  21  1_555 ? ? ? ? ? ? WATSON-CRICK ?     ? ? 
hydrog37 hydrog ? ? A DT  18 O4  ? ? ? 1_555 B DA  3  N6 ? ? A DT  18 B DA  21  1_555 ? ? ? ? ? ? WATSON-CRICK ?     ? ? 
# 
loop_
_struct_conn_type.id 
_struct_conn_type.criteria 
_struct_conn_type.reference 
metalc ? ? 
hydrog ? ? 
# 
loop_
_pdbx_struct_conn_angle.id 
_pdbx_struct_conn_angle.ptnr1_label_atom_id 
_pdbx_struct_conn_angle.ptnr1_label_alt_id 
_pdbx_struct_conn_angle.ptnr1_label_asym_id 
_pdbx_struct_conn_angle.ptnr1_label_comp_id 
_pdbx_struct_conn_angle.ptnr1_label_seq_id 
_pdbx_struct_conn_angle.ptnr1_auth_atom_id 
_pdbx_struct_conn_angle.ptnr1_auth_asym_id 
_pdbx_struct_conn_angle.ptnr1_auth_comp_id 
_pdbx_struct_conn_angle.ptnr1_auth_seq_id 
_pdbx_struct_conn_angle.ptnr1_PDB_ins_code 
_pdbx_struct_conn_angle.ptnr1_symmetry 
_pdbx_struct_conn_angle.ptnr2_label_atom_id 
_pdbx_struct_conn_angle.ptnr2_label_alt_id 
_pdbx_struct_conn_angle.ptnr2_label_asym_id 
_pdbx_struct_conn_angle.ptnr2_label_comp_id 
_pdbx_struct_conn_angle.ptnr2_label_seq_id 
_pdbx_struct_conn_angle.ptnr2_auth_atom_id 
_pdbx_struct_conn_angle.ptnr2_auth_asym_id 
_pdbx_struct_conn_angle.ptnr2_auth_comp_id 
_pdbx_struct_conn_angle.ptnr2_auth_seq_id 
_pdbx_struct_conn_angle.ptnr2_PDB_ins_code 
_pdbx_struct_conn_angle.ptnr2_symmetry 
_pdbx_struct_conn_angle.ptnr3_label_atom_id 
_pdbx_struct_conn_angle.ptnr3_label_alt_id 
_pdbx_struct_conn_angle.ptnr3_label_asym_id 
_pdbx_struct_conn_angle.ptnr3_label_comp_id 
_pdbx_struct_conn_angle.ptnr3_label_seq_id 
_pdbx_struct_conn_angle.ptnr3_auth_atom_id 
_pdbx_struct_conn_angle.ptnr3_auth_asym_id 
_pdbx_struct_conn_angle.ptnr3_auth_comp_id 
_pdbx_struct_conn_angle.ptnr3_auth_seq_id 
_pdbx_struct_conn_angle.ptnr3_PDB_ins_code 
_pdbx_struct_conn_angle.ptnr3_symmetry 
_pdbx_struct_conn_angle.value 
_pdbx_struct_conn_angle.value_esd 
1  OP1 ? A DC  4 ? A DC  4   ? 1_555 CA ? H CA . ? A CA 45 ? 1_555 O ? O HOH . ? A HOH 68  ? 1_555 82.6  ? 
2  OP1 ? A DA  8 ? A DA  8   ? 1_555 CA ? F CA . ? A CA 41 ? 1_555 O ? O HOH . ? A HOH 54  ? 1_555 98.9  ? 
3  OP2 ? A DA  8 ? A DA  8   ? 1_555 CA ? G CA . ? A CA 42 ? 1_555 O ? O HOH . ? A HOH 75  ? 1_555 81.5  ? 
4  O   ? P HOH . ? B HOH 71  ? 1_555 CA ? C CA . ? A CA 37 ? 1_555 O ? P HOH . ? B HOH 196 ? 1_555 52.9  ? 
5  O   ? O HOH . ? A HOH 86  ? 1_555 CA ? D CA . ? A CA 38 ? 1_555 O ? O HOH . ? A HOH 195 ? 1_555 58.0  ? 
6  O   ? O HOH . ? A HOH 58  ? 1_555 CA ? E CA . ? A CA 39 ? 1_555 O ? O HOH . ? A HOH 81  ? 1_555 65.4  ? 
7  O   ? O HOH . ? A HOH 58  ? 1_555 CA ? E CA . ? A CA 39 ? 1_555 O ? O HOH . ? A HOH 131 ? 1_555 77.9  ? 
8  O   ? O HOH . ? A HOH 81  ? 1_555 CA ? E CA . ? A CA 39 ? 1_555 O ? O HOH . ? A HOH 131 ? 1_555 143.1 ? 
9  O   ? O HOH . ? A HOH 58  ? 1_555 CA ? E CA . ? A CA 39 ? 1_555 O ? O HOH . ? A HOH 141 ? 1_555 127.2 ? 
10 O   ? O HOH . ? A HOH 81  ? 1_555 CA ? E CA . ? A CA 39 ? 1_555 O ? O HOH . ? A HOH 141 ? 1_555 71.2  ? 
11 O   ? O HOH . ? A HOH 131 ? 1_555 CA ? E CA . ? A CA 39 ? 1_555 O ? O HOH . ? A HOH 141 ? 1_555 136.0 ? 
12 O   ? O HOH . ? A HOH 58  ? 1_555 CA ? E CA . ? A CA 39 ? 1_555 O ? O HOH . ? A HOH 152 ? 1_555 80.1  ? 
13 O   ? O HOH . ? A HOH 81  ? 1_555 CA ? E CA . ? A CA 39 ? 1_555 O ? O HOH . ? A HOH 152 ? 1_555 96.7  ? 
14 O   ? O HOH . ? A HOH 131 ? 1_555 CA ? E CA . ? A CA 39 ? 1_555 O ? O HOH . ? A HOH 152 ? 1_555 73.3  ? 
15 O   ? O HOH . ? A HOH 141 ? 1_555 CA ? E CA . ? A CA 39 ? 1_555 O ? O HOH . ? A HOH 152 ? 1_555 76.6  ? 
16 O   ? O HOH . ? A HOH 58  ? 1_555 CA ? E CA . ? A CA 39 ? 1_555 O ? P HOH . ? B HOH 72  ? 1_555 128.2 ? 
17 O   ? O HOH . ? A HOH 81  ? 1_555 CA ? E CA . ? A CA 39 ? 1_555 O ? P HOH . ? B HOH 72  ? 1_555 75.2  ? 
18 O   ? O HOH . ? A HOH 131 ? 1_555 CA ? E CA . ? A CA 39 ? 1_555 O ? P HOH . ? B HOH 72  ? 1_555 135.1 ? 
19 O   ? O HOH . ? A HOH 141 ? 1_555 CA ? E CA . ? A CA 39 ? 1_555 O ? P HOH . ? B HOH 72  ? 1_555 62.3  ? 
20 O   ? O HOH . ? A HOH 152 ? 1_555 CA ? E CA . ? A CA 39 ? 1_555 O ? P HOH . ? B HOH 72  ? 1_555 138.6 ? 
21 O   ? O HOH . ? A HOH 58  ? 1_555 CA ? E CA . ? A CA 39 ? 1_555 O ? P HOH . ? B HOH 76  ? 1_555 76.3  ? 
22 O   ? O HOH . ? A HOH 81  ? 1_555 CA ? E CA . ? A CA 39 ? 1_555 O ? P HOH . ? B HOH 76  ? 1_555 94.2  ? 
23 O   ? O HOH . ? A HOH 131 ? 1_555 CA ? E CA . ? A CA 39 ? 1_555 O ? P HOH . ? B HOH 76  ? 1_555 79.3  ? 
24 O   ? O HOH . ? A HOH 141 ? 1_555 CA ? E CA . ? A CA 39 ? 1_555 O ? P HOH . ? B HOH 76  ? 1_555 136.4 ? 
25 O   ? O HOH . ? A HOH 152 ? 1_555 CA ? E CA . ? A CA 39 ? 1_555 O ? P HOH . ? B HOH 76  ? 1_555 146.9 ? 
26 O   ? P HOH . ? B HOH 72  ? 1_555 CA ? E CA . ? A CA 39 ? 1_555 O ? P HOH . ? B HOH 76  ? 1_555 74.4  ? 
27 O   ? O HOH . ? A HOH 66  ? 1_555 CA ? J CA . ? B CA 40 ? 1_555 O ? O HOH . ? A HOH 69  ? 1_555 72.5  ? 
28 O   ? O HOH . ? A HOH 66  ? 1_555 CA ? J CA . ? B CA 40 ? 1_555 O ? P HOH . ? B HOH 59  ? 1_555 121.7 ? 
29 O   ? O HOH . ? A HOH 69  ? 1_555 CA ? J CA . ? B CA 40 ? 1_555 O ? P HOH . ? B HOH 59  ? 1_555 72.5  ? 
30 O   ? O HOH . ? A HOH 66  ? 1_555 CA ? J CA . ? B CA 40 ? 1_555 O ? P HOH . ? B HOH 74  ? 1_555 69.9  ? 
31 O   ? O HOH . ? A HOH 69  ? 1_555 CA ? J CA . ? B CA 40 ? 1_555 O ? P HOH . ? B HOH 74  ? 1_555 95.6  ? 
32 O   ? P HOH . ? B HOH 59  ? 1_555 CA ? J CA . ? B CA 40 ? 1_555 O ? P HOH . ? B HOH 74  ? 1_555 68.8  ? 
33 O   ? O HOH . ? A HOH 66  ? 1_555 CA ? J CA . ? B CA 40 ? 1_555 O ? P HOH . ? B HOH 132 ? 1_555 138.5 ? 
34 O   ? O HOH . ? A HOH 69  ? 1_555 CA ? J CA . ? B CA 40 ? 1_555 O ? P HOH . ? B HOH 132 ? 1_555 81.9  ? 
35 O   ? P HOH . ? B HOH 59  ? 1_555 CA ? J CA . ? B CA 40 ? 1_555 O ? P HOH . ? B HOH 132 ? 1_555 78.6  ? 
36 O   ? P HOH . ? B HOH 74  ? 1_555 CA ? J CA . ? B CA 40 ? 1_555 O ? P HOH . ? B HOH 132 ? 1_555 146.3 ? 
37 O   ? O HOH . ? A HOH 66  ? 1_555 CA ? J CA . ? B CA 40 ? 1_555 O ? P HOH . ? B HOH 138 ? 1_555 138.1 ? 
38 O   ? O HOH . ? A HOH 69  ? 1_555 CA ? J CA . ? B CA 40 ? 1_555 O ? P HOH . ? B HOH 138 ? 1_555 149.3 ? 
39 O   ? P HOH . ? B HOH 59  ? 1_555 CA ? J CA . ? B CA 40 ? 1_555 O ? P HOH . ? B HOH 138 ? 1_555 87.5  ? 
40 O   ? P HOH . ? B HOH 74  ? 1_555 CA ? J CA . ? B CA 40 ? 1_555 O ? P HOH . ? B HOH 138 ? 1_555 98.6  ? 
41 O   ? P HOH . ? B HOH 132 ? 1_555 CA ? J CA . ? B CA 40 ? 1_555 O ? P HOH . ? B HOH 138 ? 1_555 71.2  ? 
42 OP1 ? B DT  4 ? B DT  22  ? 1_555 CA ? N CA . ? B CA 48 ? 1_555 O ? P HOH . ? B HOH 73  ? 1_555 86.3  ? 
43 OP2 ? B DA  8 ? B DA  26  ? 1_555 CA ? K CA . ? B CA 43 ? 1_555 O ? P HOH . ? B HOH 172 ? 1_555 84.6  ? 
44 OP1 ? B DA  8 ? B DA  26  ? 1_555 CA ? L CA . ? B CA 44 ? 1_555 O ? P HOH . ? B HOH 53  ? 1_555 101.4 ? 
# 
loop_
_struct_site.id 
_struct_site.pdbx_evidence_code 
_struct_site.pdbx_auth_asym_id 
_struct_site.pdbx_auth_comp_id 
_struct_site.pdbx_auth_seq_id 
_struct_site.pdbx_auth_ins_code 
_struct_site.pdbx_num_residues 
_struct_site.details 
AC1 Software A CA 37 ? 1 'BINDING SITE FOR RESIDUE CA A 37' 
AC2 Software A CA 38 ? 1 'BINDING SITE FOR RESIDUE CA A 38' 
AC5 Software A CA 41 ? 1 'BINDING SITE FOR RESIDUE CA A 41' 
AC6 Software A CA 42 ? 1 'BINDING SITE FOR RESIDUE CA A 42' 
AC7 Software B CA 43 ? 1 'BINDING SITE FOR RESIDUE CA B 43' 
AC8 Software B CA 44 ? 1 'BINDING SITE FOR RESIDUE CA B 44' 
AC9 Software A CA 45 ? 1 'BINDING SITE FOR RESIDUE CA A 45' 
BC1 Software B CA 46 ? 1 'BINDING SITE FOR RESIDUE CA B 46' 
BC2 Software A CA 47 ? 1 'BINDING SITE FOR RESIDUE CA A 47' 
BC3 Software B CA 48 ? 1 'BINDING SITE FOR RESIDUE CA B 48' 
# 
loop_
_struct_site_gen.id 
_struct_site_gen.site_id 
_struct_site_gen.pdbx_num_res 
_struct_site_gen.label_comp_id 
_struct_site_gen.label_asym_id 
_struct_site_gen.label_seq_id 
_struct_site_gen.pdbx_auth_ins_code 
_struct_site_gen.auth_comp_id 
_struct_site_gen.auth_asym_id 
_struct_site_gen.auth_seq_id 
_struct_site_gen.label_atom_id 
_struct_site_gen.label_alt_id 
_struct_site_gen.symmetry 
_struct_site_gen.details 
1  AC1 1 DA A 17 ? DA A 17 . ? 1_555 ? 
2  AC2 1 DG B 17 ? DG B 35 . ? 1_555 ? 
3  AC5 1 DA A 8  ? DA A 8  . ? 1_555 ? 
4  AC6 1 DA A 8  ? DA A 8  . ? 1_555 ? 
5  AC7 1 DA B 8  ? DA B 26 . ? 1_555 ? 
6  AC8 1 DA B 8  ? DA B 26 . ? 1_555 ? 
7  AC9 1 DC A 4  ? DC A 4  . ? 1_555 ? 
8  BC1 1 DT B 18 ? DT B 36 . ? 1_555 ? 
9  BC2 1 DT A 18 ? DT A 18 . ? 1_555 ? 
10 BC3 1 DT B 4  ? DT B 22 . ? 1_555 ? 
# 
loop_
_pdbx_validate_rmsd_bond.id 
_pdbx_validate_rmsd_bond.PDB_model_num 
_pdbx_validate_rmsd_bond.auth_atom_id_1 
_pdbx_validate_rmsd_bond.auth_asym_id_1 
_pdbx_validate_rmsd_bond.auth_comp_id_1 
_pdbx_validate_rmsd_bond.auth_seq_id_1 
_pdbx_validate_rmsd_bond.PDB_ins_code_1 
_pdbx_validate_rmsd_bond.label_alt_id_1 
_pdbx_validate_rmsd_bond.auth_atom_id_2 
_pdbx_validate_rmsd_bond.auth_asym_id_2 
_pdbx_validate_rmsd_bond.auth_comp_id_2 
_pdbx_validate_rmsd_bond.auth_seq_id_2 
_pdbx_validate_rmsd_bond.PDB_ins_code_2 
_pdbx_validate_rmsd_bond.label_alt_id_2 
_pdbx_validate_rmsd_bond.bond_value 
_pdbx_validate_rmsd_bond.bond_target_value 
_pdbx_validate_rmsd_bond.bond_deviation 
_pdbx_validate_rmsd_bond.bond_standard_deviation 
_pdbx_validate_rmsd_bond.linker_flag 
1 1 "O3'" A DC 2 ? ? P   A DA 3 ? ? 1.481 1.607 -0.126 0.012 Y 
2 1 P     A DA 3 ? ? OP1 A DA 3 ? ? 1.608 1.485 0.123  0.017 N 
# 
loop_
_pdbx_validate_rmsd_angle.id 
_pdbx_validate_rmsd_angle.PDB_model_num 
_pdbx_validate_rmsd_angle.auth_atom_id_1 
_pdbx_validate_rmsd_angle.auth_asym_id_1 
_pdbx_validate_rmsd_angle.auth_comp_id_1 
_pdbx_validate_rmsd_angle.auth_seq_id_1 
_pdbx_validate_rmsd_angle.PDB_ins_code_1 
_pdbx_validate_rmsd_angle.label_alt_id_1 
_pdbx_validate_rmsd_angle.auth_atom_id_2 
_pdbx_validate_rmsd_angle.auth_asym_id_2 
_pdbx_validate_rmsd_angle.auth_comp_id_2 
_pdbx_validate_rmsd_angle.auth_seq_id_2 
_pdbx_validate_rmsd_angle.PDB_ins_code_2 
_pdbx_validate_rmsd_angle.label_alt_id_2 
_pdbx_validate_rmsd_angle.auth_atom_id_3 
_pdbx_validate_rmsd_angle.auth_asym_id_3 
_pdbx_validate_rmsd_angle.auth_comp_id_3 
_pdbx_validate_rmsd_angle.auth_seq_id_3 
_pdbx_validate_rmsd_angle.PDB_ins_code_3 
_pdbx_validate_rmsd_angle.label_alt_id_3 
_pdbx_validate_rmsd_angle.angle_value 
_pdbx_validate_rmsd_angle.angle_target_value 
_pdbx_validate_rmsd_angle.angle_deviation 
_pdbx_validate_rmsd_angle.angle_standard_deviation 
_pdbx_validate_rmsd_angle.linker_flag 
1 1 "O3'" A DC 2 ? ? P A DA 3 ? ? OP2 A DA 3 ? ? 119.39 110.50 8.89   1.10 Y 
2 1 OP1   A DA 3 ? ? P A DA 3 ? ? OP2 A DA 3 ? ? 108.10 119.60 -11.50 1.50 N 
# 
loop_
_pdbx_validate_planes.id 
_pdbx_validate_planes.PDB_model_num 
_pdbx_validate_planes.auth_comp_id 
_pdbx_validate_planes.auth_asym_id 
_pdbx_validate_planes.auth_seq_id 
_pdbx_validate_planes.PDB_ins_code 
_pdbx_validate_planes.label_alt_id 
_pdbx_validate_planes.rmsd 
_pdbx_validate_planes.type 
1 1 DA A 3  ? ? 0.061 'SIDE CHAIN' 
2 1 DG B 32 ? ? 0.083 'SIDE CHAIN' 
# 
loop_
_pdbx_struct_special_symmetry.id 
_pdbx_struct_special_symmetry.PDB_model_num 
_pdbx_struct_special_symmetry.auth_asym_id 
_pdbx_struct_special_symmetry.auth_comp_id 
_pdbx_struct_special_symmetry.auth_seq_id 
_pdbx_struct_special_symmetry.PDB_ins_code 
_pdbx_struct_special_symmetry.label_asym_id 
_pdbx_struct_special_symmetry.label_comp_id 
_pdbx_struct_special_symmetry.label_seq_id 
1 1 A CA 41 ? F CA . 
2 1 A CA 42 ? G CA . 
3 1 A CA 45 ? H CA . 
4 1 A CA 47 ? I CA . 
5 1 B CA 43 ? K CA . 
6 1 B CA 44 ? L CA . 
7 1 B CA 46 ? M CA . 
8 1 B CA 48 ? N CA . 
# 
loop_
_pdbx_unobs_or_zero_occ_residues.id 
_pdbx_unobs_or_zero_occ_residues.PDB_model_num 
_pdbx_unobs_or_zero_occ_residues.polymer_flag 
_pdbx_unobs_or_zero_occ_residues.occupancy_flag 
_pdbx_unobs_or_zero_occ_residues.auth_asym_id 
_pdbx_unobs_or_zero_occ_residues.auth_comp_id 
_pdbx_unobs_or_zero_occ_residues.auth_seq_id 
_pdbx_unobs_or_zero_occ_residues.PDB_ins_code 
_pdbx_unobs_or_zero_occ_residues.label_asym_id 
_pdbx_unobs_or_zero_occ_residues.label_comp_id 
_pdbx_unobs_or_zero_occ_residues.label_seq_id 
1 1 Y 1 A DA 1  ? A DA 1 
2 1 Y 1 B DG 19 ? B DG 1 
# 
loop_
_chem_comp_atom.comp_id 
_chem_comp_atom.atom_id 
_chem_comp_atom.type_symbol 
_chem_comp_atom.pdbx_aromatic_flag 
_chem_comp_atom.pdbx_stereo_config 
_chem_comp_atom.pdbx_ordinal 
CA  CA     CA N N 1   
DA  OP3    O  N N 2   
DA  P      P  N N 3   
DA  OP1    O  N N 4   
DA  OP2    O  N N 5   
DA  "O5'"  O  N N 6   
DA  "C5'"  C  N N 7   
DA  "C4'"  C  N R 8   
DA  "O4'"  O  N N 9   
DA  "C3'"  C  N S 10  
DA  "O3'"  O  N N 11  
DA  "C2'"  C  N N 12  
DA  "C1'"  C  N R 13  
DA  N9     N  Y N 14  
DA  C8     C  Y N 15  
DA  N7     N  Y N 16  
DA  C5     C  Y N 17  
DA  C6     C  Y N 18  
DA  N6     N  N N 19  
DA  N1     N  Y N 20  
DA  C2     C  Y N 21  
DA  N3     N  Y N 22  
DA  C4     C  Y N 23  
DA  HOP3   H  N N 24  
DA  HOP2   H  N N 25  
DA  "H5'"  H  N N 26  
DA  "H5''" H  N N 27  
DA  "H4'"  H  N N 28  
DA  "H3'"  H  N N 29  
DA  "HO3'" H  N N 30  
DA  "H2'"  H  N N 31  
DA  "H2''" H  N N 32  
DA  "H1'"  H  N N 33  
DA  H8     H  N N 34  
DA  H61    H  N N 35  
DA  H62    H  N N 36  
DA  H2     H  N N 37  
DC  OP3    O  N N 38  
DC  P      P  N N 39  
DC  OP1    O  N N 40  
DC  OP2    O  N N 41  
DC  "O5'"  O  N N 42  
DC  "C5'"  C  N N 43  
DC  "C4'"  C  N R 44  
DC  "O4'"  O  N N 45  
DC  "C3'"  C  N S 46  
DC  "O3'"  O  N N 47  
DC  "C2'"  C  N N 48  
DC  "C1'"  C  N R 49  
DC  N1     N  N N 50  
DC  C2     C  N N 51  
DC  O2     O  N N 52  
DC  N3     N  N N 53  
DC  C4     C  N N 54  
DC  N4     N  N N 55  
DC  C5     C  N N 56  
DC  C6     C  N N 57  
DC  HOP3   H  N N 58  
DC  HOP2   H  N N 59  
DC  "H5'"  H  N N 60  
DC  "H5''" H  N N 61  
DC  "H4'"  H  N N 62  
DC  "H3'"  H  N N 63  
DC  "HO3'" H  N N 64  
DC  "H2'"  H  N N 65  
DC  "H2''" H  N N 66  
DC  "H1'"  H  N N 67  
DC  H41    H  N N 68  
DC  H42    H  N N 69  
DC  H5     H  N N 70  
DC  H6     H  N N 71  
DG  OP3    O  N N 72  
DG  P      P  N N 73  
DG  OP1    O  N N 74  
DG  OP2    O  N N 75  
DG  "O5'"  O  N N 76  
DG  "C5'"  C  N N 77  
DG  "C4'"  C  N R 78  
DG  "O4'"  O  N N 79  
DG  "C3'"  C  N S 80  
DG  "O3'"  O  N N 81  
DG  "C2'"  C  N N 82  
DG  "C1'"  C  N R 83  
DG  N9     N  Y N 84  
DG  C8     C  Y N 85  
DG  N7     N  Y N 86  
DG  C5     C  Y N 87  
DG  C6     C  N N 88  
DG  O6     O  N N 89  
DG  N1     N  N N 90  
DG  C2     C  N N 91  
DG  N2     N  N N 92  
DG  N3     N  N N 93  
DG  C4     C  Y N 94  
DG  HOP3   H  N N 95  
DG  HOP2   H  N N 96  
DG  "H5'"  H  N N 97  
DG  "H5''" H  N N 98  
DG  "H4'"  H  N N 99  
DG  "H3'"  H  N N 100 
DG  "HO3'" H  N N 101 
DG  "H2'"  H  N N 102 
DG  "H2''" H  N N 103 
DG  "H1'"  H  N N 104 
DG  H8     H  N N 105 
DG  H1     H  N N 106 
DG  H21    H  N N 107 
DG  H22    H  N N 108 
DT  OP3    O  N N 109 
DT  P      P  N N 110 
DT  OP1    O  N N 111 
DT  OP2    O  N N 112 
DT  "O5'"  O  N N 113 
DT  "C5'"  C  N N 114 
DT  "C4'"  C  N R 115 
DT  "O4'"  O  N N 116 
DT  "C3'"  C  N S 117 
DT  "O3'"  O  N N 118 
DT  "C2'"  C  N N 119 
DT  "C1'"  C  N R 120 
DT  N1     N  N N 121 
DT  C2     C  N N 122 
DT  O2     O  N N 123 
DT  N3     N  N N 124 
DT  C4     C  N N 125 
DT  O4     O  N N 126 
DT  C5     C  N N 127 
DT  C7     C  N N 128 
DT  C6     C  N N 129 
DT  HOP3   H  N N 130 
DT  HOP2   H  N N 131 
DT  "H5'"  H  N N 132 
DT  "H5''" H  N N 133 
DT  "H4'"  H  N N 134 
DT  "H3'"  H  N N 135 
DT  "HO3'" H  N N 136 
DT  "H2'"  H  N N 137 
DT  "H2''" H  N N 138 
DT  "H1'"  H  N N 139 
DT  H3     H  N N 140 
DT  H71    H  N N 141 
DT  H72    H  N N 142 
DT  H73    H  N N 143 
DT  H6     H  N N 144 
HOH O      O  N N 145 
HOH H1     H  N N 146 
HOH H2     H  N N 147 
# 
loop_
_chem_comp_bond.comp_id 
_chem_comp_bond.atom_id_1 
_chem_comp_bond.atom_id_2 
_chem_comp_bond.value_order 
_chem_comp_bond.pdbx_aromatic_flag 
_chem_comp_bond.pdbx_stereo_config 
_chem_comp_bond.pdbx_ordinal 
DA  OP3   P      sing N N 1   
DA  OP3   HOP3   sing N N 2   
DA  P     OP1    doub N N 3   
DA  P     OP2    sing N N 4   
DA  P     "O5'"  sing N N 5   
DA  OP2   HOP2   sing N N 6   
DA  "O5'" "C5'"  sing N N 7   
DA  "C5'" "C4'"  sing N N 8   
DA  "C5'" "H5'"  sing N N 9   
DA  "C5'" "H5''" sing N N 10  
DA  "C4'" "O4'"  sing N N 11  
DA  "C4'" "C3'"  sing N N 12  
DA  "C4'" "H4'"  sing N N 13  
DA  "O4'" "C1'"  sing N N 14  
DA  "C3'" "O3'"  sing N N 15  
DA  "C3'" "C2'"  sing N N 16  
DA  "C3'" "H3'"  sing N N 17  
DA  "O3'" "HO3'" sing N N 18  
DA  "C2'" "C1'"  sing N N 19  
DA  "C2'" "H2'"  sing N N 20  
DA  "C2'" "H2''" sing N N 21  
DA  "C1'" N9     sing N N 22  
DA  "C1'" "H1'"  sing N N 23  
DA  N9    C8     sing Y N 24  
DA  N9    C4     sing Y N 25  
DA  C8    N7     doub Y N 26  
DA  C8    H8     sing N N 27  
DA  N7    C5     sing Y N 28  
DA  C5    C6     sing Y N 29  
DA  C5    C4     doub Y N 30  
DA  C6    N6     sing N N 31  
DA  C6    N1     doub Y N 32  
DA  N6    H61    sing N N 33  
DA  N6    H62    sing N N 34  
DA  N1    C2     sing Y N 35  
DA  C2    N3     doub Y N 36  
DA  C2    H2     sing N N 37  
DA  N3    C4     sing Y N 38  
DC  OP3   P      sing N N 39  
DC  OP3   HOP3   sing N N 40  
DC  P     OP1    doub N N 41  
DC  P     OP2    sing N N 42  
DC  P     "O5'"  sing N N 43  
DC  OP2   HOP2   sing N N 44  
DC  "O5'" "C5'"  sing N N 45  
DC  "C5'" "C4'"  sing N N 46  
DC  "C5'" "H5'"  sing N N 47  
DC  "C5'" "H5''" sing N N 48  
DC  "C4'" "O4'"  sing N N 49  
DC  "C4'" "C3'"  sing N N 50  
DC  "C4'" "H4'"  sing N N 51  
DC  "O4'" "C1'"  sing N N 52  
DC  "C3'" "O3'"  sing N N 53  
DC  "C3'" "C2'"  sing N N 54  
DC  "C3'" "H3'"  sing N N 55  
DC  "O3'" "HO3'" sing N N 56  
DC  "C2'" "C1'"  sing N N 57  
DC  "C2'" "H2'"  sing N N 58  
DC  "C2'" "H2''" sing N N 59  
DC  "C1'" N1     sing N N 60  
DC  "C1'" "H1'"  sing N N 61  
DC  N1    C2     sing N N 62  
DC  N1    C6     sing N N 63  
DC  C2    O2     doub N N 64  
DC  C2    N3     sing N N 65  
DC  N3    C4     doub N N 66  
DC  C4    N4     sing N N 67  
DC  C4    C5     sing N N 68  
DC  N4    H41    sing N N 69  
DC  N4    H42    sing N N 70  
DC  C5    C6     doub N N 71  
DC  C5    H5     sing N N 72  
DC  C6    H6     sing N N 73  
DG  OP3   P      sing N N 74  
DG  OP3   HOP3   sing N N 75  
DG  P     OP1    doub N N 76  
DG  P     OP2    sing N N 77  
DG  P     "O5'"  sing N N 78  
DG  OP2   HOP2   sing N N 79  
DG  "O5'" "C5'"  sing N N 80  
DG  "C5'" "C4'"  sing N N 81  
DG  "C5'" "H5'"  sing N N 82  
DG  "C5'" "H5''" sing N N 83  
DG  "C4'" "O4'"  sing N N 84  
DG  "C4'" "C3'"  sing N N 85  
DG  "C4'" "H4'"  sing N N 86  
DG  "O4'" "C1'"  sing N N 87  
DG  "C3'" "O3'"  sing N N 88  
DG  "C3'" "C2'"  sing N N 89  
DG  "C3'" "H3'"  sing N N 90  
DG  "O3'" "HO3'" sing N N 91  
DG  "C2'" "C1'"  sing N N 92  
DG  "C2'" "H2'"  sing N N 93  
DG  "C2'" "H2''" sing N N 94  
DG  "C1'" N9     sing N N 95  
DG  "C1'" "H1'"  sing N N 96  
DG  N9    C8     sing Y N 97  
DG  N9    C4     sing Y N 98  
DG  C8    N7     doub Y N 99  
DG  C8    H8     sing N N 100 
DG  N7    C5     sing Y N 101 
DG  C5    C6     sing N N 102 
DG  C5    C4     doub Y N 103 
DG  C6    O6     doub N N 104 
DG  C6    N1     sing N N 105 
DG  N1    C2     sing N N 106 
DG  N1    H1     sing N N 107 
DG  C2    N2     sing N N 108 
DG  C2    N3     doub N N 109 
DG  N2    H21    sing N N 110 
DG  N2    H22    sing N N 111 
DG  N3    C4     sing N N 112 
DT  OP3   P      sing N N 113 
DT  OP3   HOP3   sing N N 114 
DT  P     OP1    doub N N 115 
DT  P     OP2    sing N N 116 
DT  P     "O5'"  sing N N 117 
DT  OP2   HOP2   sing N N 118 
DT  "O5'" "C5'"  sing N N 119 
DT  "C5'" "C4'"  sing N N 120 
DT  "C5'" "H5'"  sing N N 121 
DT  "C5'" "H5''" sing N N 122 
DT  "C4'" "O4'"  sing N N 123 
DT  "C4'" "C3'"  sing N N 124 
DT  "C4'" "H4'"  sing N N 125 
DT  "O4'" "C1'"  sing N N 126 
DT  "C3'" "O3'"  sing N N 127 
DT  "C3'" "C2'"  sing N N 128 
DT  "C3'" "H3'"  sing N N 129 
DT  "O3'" "HO3'" sing N N 130 
DT  "C2'" "C1'"  sing N N 131 
DT  "C2'" "H2'"  sing N N 132 
DT  "C2'" "H2''" sing N N 133 
DT  "C1'" N1     sing N N 134 
DT  "C1'" "H1'"  sing N N 135 
DT  N1    C2     sing N N 136 
DT  N1    C6     sing N N 137 
DT  C2    O2     doub N N 138 
DT  C2    N3     sing N N 139 
DT  N3    C4     sing N N 140 
DT  N3    H3     sing N N 141 
DT  C4    O4     doub N N 142 
DT  C4    C5     sing N N 143 
DT  C5    C7     sing N N 144 
DT  C5    C6     doub N N 145 
DT  C7    H71    sing N N 146 
DT  C7    H72    sing N N 147 
DT  C7    H73    sing N N 148 
DT  C6    H6     sing N N 149 
HOH O     H1     sing N N 150 
HOH O     H2     sing N N 151 
# 
_ndb_struct_conf_na.entry_id   3BSE 
_ndb_struct_conf_na.feature    'b-form double helix' 
# 
loop_
_ndb_struct_na_base_pair.model_number 
_ndb_struct_na_base_pair.i_label_asym_id 
_ndb_struct_na_base_pair.i_label_comp_id 
_ndb_struct_na_base_pair.i_label_seq_id 
_ndb_struct_na_base_pair.i_symmetry 
_ndb_struct_na_base_pair.j_label_asym_id 
_ndb_struct_na_base_pair.j_label_comp_id 
_ndb_struct_na_base_pair.j_label_seq_id 
_ndb_struct_na_base_pair.j_symmetry 
_ndb_struct_na_base_pair.shear 
_ndb_struct_na_base_pair.stretch 
_ndb_struct_na_base_pair.stagger 
_ndb_struct_na_base_pair.buckle 
_ndb_struct_na_base_pair.propeller 
_ndb_struct_na_base_pair.opening 
_ndb_struct_na_base_pair.pair_number 
_ndb_struct_na_base_pair.pair_name 
_ndb_struct_na_base_pair.i_auth_asym_id 
_ndb_struct_na_base_pair.i_auth_seq_id 
_ndb_struct_na_base_pair.i_PDB_ins_code 
_ndb_struct_na_base_pair.j_auth_asym_id 
_ndb_struct_na_base_pair.j_auth_seq_id 
_ndb_struct_na_base_pair.j_PDB_ins_code 
_ndb_struct_na_base_pair.hbond_type_28 
_ndb_struct_na_base_pair.hbond_type_12 
1 A DA 3  1_555 B DT 18 1_555 0.036  -0.034 -0.010 4.200   -7.145  3.477  1  A_DA3:DT36_B  A 3  ? B 36 ? 20 1 
1 A DC 4  1_555 B DG 17 1_555 0.186  0.009  0.068  -1.999  -14.079 -0.081 2  A_DC4:DG35_B  A 4  ? B 35 ? 19 1 
1 A DT 5  1_555 B DA 16 1_555 0.066  -0.015 -0.115 2.071   -19.815 2.291  3  A_DT5:DA34_B  A 5  ? B 34 ? 20 1 
1 A DA 6  1_555 B DT 15 1_555 -0.195 -0.016 -0.269 -5.371  -7.127  -1.766 4  A_DA6:DT33_B  A 6  ? B 33 ? 20 1 
1 A DC 7  1_555 B DG 14 1_555 0.440  -0.045 -0.083 6.848   -2.839  2.181  5  A_DC7:DG32_B  A 7  ? B 32 ? 19 1 
1 A DA 8  1_555 B DT 13 1_555 -0.097 -0.152 0.080  12.801  -15.699 2.672  6  A_DA8:DT31_B  A 8  ? B 31 ? 20 1 
1 A DA 9  1_555 B DT 12 1_555 -0.040 -0.088 0.106  9.226   -15.582 1.403  7  A_DA9:DT30_B  A 9  ? B 30 ? 20 1 
1 A DT 10 1_555 B DA 11 1_555 0.068  -0.007 -0.072 7.405   -15.796 4.172  8  A_DT10:DA29_B A 10 ? B 29 ? 20 1 
1 A DG 11 1_555 B DC 10 1_555 -0.349 -0.076 -0.073 -12.641 -13.745 3.618  9  A_DG11:DC28_B A 11 ? B 28 ? 19 1 
1 A DT 12 1_555 B DA 9  1_555 -0.079 -0.002 0.210  -14.405 -16.220 2.038  10 A_DT12:DA27_B A 12 ? B 27 ? 20 1 
1 A DT 13 1_555 B DA 8  1_555 -0.044 -0.104 0.265  -15.090 -12.495 4.087  11 A_DT13:DA26_B A 13 ? B 26 ? 20 1 
1 A DG 14 1_555 B DC 7  1_555 -0.375 -0.056 -0.019 -8.864  -4.024  1.374  12 A_DG14:DC25_B A 14 ? B 25 ? 19 1 
1 A DC 15 1_555 B DG 6  1_555 0.219  -0.010 0.001  5.461   -3.751  0.441  13 A_DC15:DG24_B A 15 ? B 24 ? 19 1 
1 A DA 16 1_555 B DT 5  1_555 0.052  -0.069 0.099  2.846   -15.989 1.246  14 A_DA16:DT23_B A 16 ? B 23 ? 20 1 
1 A DA 17 1_555 B DT 4  1_555 -0.022 -0.008 0.004  -1.163  -12.623 -1.287 15 A_DA17:DT22_B A 17 ? B 22 ? 20 1 
1 A DT 18 1_555 B DA 3  1_555 -0.031 -0.082 0.058  -1.961  -7.824  2.659  16 A_DT18:DA21_B A 18 ? B 21 ? 20 1 
# 
loop_
_ndb_struct_na_base_pair_step.model_number 
_ndb_struct_na_base_pair_step.i_label_asym_id_1 
_ndb_struct_na_base_pair_step.i_label_comp_id_1 
_ndb_struct_na_base_pair_step.i_label_seq_id_1 
_ndb_struct_na_base_pair_step.i_symmetry_1 
_ndb_struct_na_base_pair_step.j_label_asym_id_1 
_ndb_struct_na_base_pair_step.j_label_comp_id_1 
_ndb_struct_na_base_pair_step.j_label_seq_id_1 
_ndb_struct_na_base_pair_step.j_symmetry_1 
_ndb_struct_na_base_pair_step.i_label_asym_id_2 
_ndb_struct_na_base_pair_step.i_label_comp_id_2 
_ndb_struct_na_base_pair_step.i_label_seq_id_2 
_ndb_struct_na_base_pair_step.i_symmetry_2 
_ndb_struct_na_base_pair_step.j_label_asym_id_2 
_ndb_struct_na_base_pair_step.j_label_comp_id_2 
_ndb_struct_na_base_pair_step.j_label_seq_id_2 
_ndb_struct_na_base_pair_step.j_symmetry_2 
_ndb_struct_na_base_pair_step.shift 
_ndb_struct_na_base_pair_step.slide 
_ndb_struct_na_base_pair_step.rise 
_ndb_struct_na_base_pair_step.tilt 
_ndb_struct_na_base_pair_step.roll 
_ndb_struct_na_base_pair_step.twist 
_ndb_struct_na_base_pair_step.x_displacement 
_ndb_struct_na_base_pair_step.y_displacement 
_ndb_struct_na_base_pair_step.helical_rise 
_ndb_struct_na_base_pair_step.inclination 
_ndb_struct_na_base_pair_step.tip 
_ndb_struct_na_base_pair_step.helical_twist 
_ndb_struct_na_base_pair_step.step_number 
_ndb_struct_na_base_pair_step.step_name 
_ndb_struct_na_base_pair_step.i_auth_asym_id_1 
_ndb_struct_na_base_pair_step.i_auth_seq_id_1 
_ndb_struct_na_base_pair_step.i_PDB_ins_code_1 
_ndb_struct_na_base_pair_step.j_auth_asym_id_1 
_ndb_struct_na_base_pair_step.j_auth_seq_id_1 
_ndb_struct_na_base_pair_step.j_PDB_ins_code_1 
_ndb_struct_na_base_pair_step.i_auth_asym_id_2 
_ndb_struct_na_base_pair_step.i_auth_seq_id_2 
_ndb_struct_na_base_pair_step.i_PDB_ins_code_2 
_ndb_struct_na_base_pair_step.j_auth_asym_id_2 
_ndb_struct_na_base_pair_step.j_auth_seq_id_2 
_ndb_struct_na_base_pair_step.j_PDB_ins_code_2 
1 A DA 3  1_555 B DT 18 1_555 A DC 4  1_555 B DG 17 1_555 -0.556 -0.715 3.409 -1.895 5.157  28.216 -2.632 0.683  3.259 10.453 
3.841  28.735 1  AA_DA3DC4:DG35DT36_BB   A 3  ? B 36 ? A 4  ? B 35 ? 
1 A DC 4  1_555 B DG 17 1_555 A DT 5  1_555 B DA 16 1_555 -0.480 -0.316 3.207 1.504  0.657  29.312 -0.760 1.262  3.172 1.296  
-2.969 29.357 2  AA_DC4DT5:DA34DG35_BB   A 4  ? B 35 ? A 5  ? B 34 ? 
1 A DT 5  1_555 B DA 16 1_555 A DA 6  1_555 B DT 15 1_555 0.429  1.189  3.527 3.203  4.229  41.521 1.178  -0.231 3.648 5.935  
-4.495 41.844 3  AA_DT5DA6:DT33DA34_BB   A 5  ? B 34 ? A 6  ? B 33 ? 
1 A DA 6  1_555 B DT 15 1_555 A DC 7  1_555 B DG 14 1_555 0.494  -0.165 3.088 0.146  4.559  21.775 -2.042 -1.230 2.993 11.901 
-0.382 22.242 4  AA_DA6DC7:DG32DT33_BB   A 6  ? B 33 ? A 7  ? B 32 ? 
1 A DC 7  1_555 B DG 14 1_555 A DA 8  1_555 B DT 13 1_555 -0.062 2.168  3.261 2.614  -3.654 47.872 2.941  0.276  3.090 -4.491 
-3.213 48.070 5  AA_DC7DA8:DT31DG32_BB   A 7  ? B 32 ? A 8  ? B 31 ? 
1 A DA 8  1_555 B DT 13 1_555 A DA 9  1_555 B DT 12 1_555 0.042  0.081  3.378 -1.487 3.577  31.905 -0.515 -0.351 3.362 6.478  
2.693  32.133 6  AA_DA8DA9:DT30DT31_BB   A 8  ? B 31 ? A 9  ? B 30 ? 
1 A DA 9  1_555 B DT 12 1_555 A DT 10 1_555 B DA 11 1_555 0.420  -0.695 3.318 0.672  -1.518 32.303 -0.973 -0.633 3.354 -2.726 
-1.207 32.345 7  AA_DA9DT10:DA29DT30_BB  A 9  ? B 30 ? A 10 ? B 29 ? 
1 A DT 10 1_555 B DA 11 1_555 A DG 11 1_555 B DC 10 1_555 0.125  -0.477 3.623 -0.280 8.453  37.620 -1.868 -0.228 3.440 12.909 
0.428  38.525 8  AA_DT10DG11:DC28DA29_BB A 10 ? B 29 ? A 11 ? B 28 ? 
1 A DG 11 1_555 B DC 10 1_555 A DT 12 1_555 B DA 9  1_555 -0.480 -0.658 3.313 -0.922 -0.905 32.969 -1.003 0.687  3.342 -1.594 
1.625  32.993 9  AA_DG11DT12:DA27DC28_BB A 11 ? B 28 ? A 12 ? B 27 ? 
1 A DT 12 1_555 B DA 9  1_555 A DT 13 1_555 B DA 8  1_555 -0.022 0.080  3.343 0.671  2.634  31.708 -0.345 0.165  3.338 4.809  
-1.225 31.821 10 AA_DT12DT13:DA26DA27_BB A 12 ? B 27 ? A 13 ? B 26 ? 
1 A DT 13 1_555 B DA 8  1_555 A DG 14 1_555 B DC 7  1_555 -0.010 2.150  3.209 -2.021 -6.003 49.153 2.985  -0.129 2.942 -7.182 
2.418  49.534 11 AA_DT13DG14:DC25DA26_BB A 13 ? B 26 ? A 14 ? B 25 ? 
1 A DG 14 1_555 B DC 7  1_555 A DC 15 1_555 B DG 6  1_555 -0.267 -0.230 3.042 -0.788 4.656  21.503 -2.256 0.421  2.934 12.288 
2.078  22.009 12 AA_DG14DC15:DG24DC25_BB A 14 ? B 25 ? A 15 ? B 24 ? 
1 A DC 15 1_555 B DG 6  1_555 A DA 16 1_555 B DT 5  1_555 -0.495 1.064  3.402 -2.185 1.749  41.982 1.293  0.452  3.462 2.438  
3.046  42.071 13 AA_DC15DA16:DT23DG24_BB A 15 ? B 24 ? A 16 ? B 23 ? 
1 A DA 16 1_555 B DT 5  1_555 A DA 17 1_555 B DT 4  1_555 0.436  -0.451 3.429 0.422  3.539  29.487 -1.654 -0.759 3.358 6.921  
-0.825 29.696 14 AA_DA16DA17:DT22DT23_BB A 16 ? B 23 ? A 17 ? B 22 ? 
1 A DA 17 1_555 B DT 4  1_555 A DT 18 1_555 B DA 3  1_555 0.549  -0.778 3.298 0.723  3.016  27.853 -2.318 -0.962 3.211 6.242  
-1.495 28.022 15 AA_DA17DT18:DA21DT22_BB A 17 ? B 22 ? A 18 ? B 21 ? 
# 
_atom_sites.entry_id                    3BSE 
_atom_sites.fract_transf_matrix[1][1]   0.00389051 
_atom_sites.fract_transf_matrix[1][2]   -0.02642856 
_atom_sites.fract_transf_matrix[1][3]   -0.01322029 
_atom_sites.fract_transf_matrix[2][1]   0.01756415 
_atom_sites.fract_transf_matrix[2][2]   -0.00222639 
_atom_sites.fract_transf_matrix[2][3]   -0.02397794 
_atom_sites.fract_transf_matrix[3][1]   0.00486856 
_atom_sites.fract_transf_matrix[3][2]   -0.00111913 
_atom_sites.fract_transf_matrix[3][3]   0.00367046 
_atom_sites.fract_transf_vector[1]      0.333675 
_atom_sites.fract_transf_vector[2]      0.389264 
_atom_sites.fract_transf_vector[3]      0.286022 
# 
loop_
_atom_type.symbol 
C  
CA 
N  
O  
P  
# 
loop_
_atom_site.group_PDB 
_atom_site.id 
_atom_site.type_symbol 
_atom_site.label_atom_id 
_atom_site.label_alt_id 
_atom_site.label_comp_id 
_atom_site.label_asym_id 
_atom_site.label_entity_id 
_atom_site.label_seq_id 
_atom_site.pdbx_PDB_ins_code 
_atom_site.Cartn_x 
_atom_site.Cartn_y 
_atom_site.Cartn_z 
_atom_site.occupancy 
_atom_site.B_iso_or_equiv 
_atom_site.pdbx_formal_charge 
_atom_site.auth_seq_id 
_atom_site.auth_comp_id 
_atom_site.auth_asym_id 
_atom_site.auth_atom_id 
_atom_site.pdbx_PDB_model_num 
ATOM   1   O  "O3'" . DC  A 1 2  ? 14.675  -8.101  23.831  1.00 24.75 ? 2   DC  A "O3'" 1 
ATOM   2   P  P     . DA  A 1 3  ? 13.390  -7.538  23.358  1.00 22.32 ? 3   DA  A P     1 
ATOM   3   O  OP1   . DA  A 1 3  ? 12.364  -7.471  24.595  1.00 23.20 ? 3   DA  A OP1   1 
ATOM   4   O  OP2   . DA  A 1 3  ? 12.690  -8.178  22.211  1.00 26.69 ? 3   DA  A OP2   1 
ATOM   5   O  "O5'" . DA  A 1 3  ? 13.632  -6.007  22.989  1.00 18.34 ? 3   DA  A "O5'" 1 
ATOM   6   C  "C5'" . DA  A 1 3  ? 14.337  -5.142  23.874  1.00 12.60 ? 3   DA  A "C5'" 1 
ATOM   7   C  "C4'" . DA  A 1 3  ? 14.508  -3.780  23.244  1.00 9.30  ? 3   DA  A "C4'" 1 
ATOM   8   O  "O4'" . DA  A 1 3  ? 15.379  -3.884  22.103  1.00 9.92  ? 3   DA  A "O4'" 1 
ATOM   9   C  "C3'" . DA  A 1 3  ? 13.243  -3.097  22.730  1.00 8.41  ? 3   DA  A "C3'" 1 
ATOM   10  O  "O3'" . DA  A 1 3  ? 13.416  -1.693  22.928  1.00 8.49  ? 3   DA  A "O3'" 1 
ATOM   11  C  "C2'" . DA  A 1 3  ? 13.225  -3.445  21.251  1.00 6.38  ? 3   DA  A "C2'" 1 
ATOM   12  C  "C1'" . DA  A 1 3  ? 14.704  -3.529  20.904  1.00 10.47 ? 3   DA  A "C1'" 1 
ATOM   13  N  N9    . DA  A 1 3  ? 15.063  -4.550  19.935  1.00 9.06  ? 3   DA  A N9    1 
ATOM   14  C  C8    . DA  A 1 3  ? 14.560  -5.826  19.823  1.00 10.55 ? 3   DA  A C8    1 
ATOM   15  N  N7    . DA  A 1 3  ? 15.181  -6.563  18.943  1.00 9.77  ? 3   DA  A N7    1 
ATOM   16  C  C5    . DA  A 1 3  ? 16.143  -5.706  18.410  1.00 9.69  ? 3   DA  A C5    1 
ATOM   17  C  C6    . DA  A 1 3  ? 17.149  -5.890  17.446  1.00 7.66  ? 3   DA  A C6    1 
ATOM   18  N  N6    . DA  A 1 3  ? 17.401  -7.061  16.858  1.00 7.29  ? 3   DA  A N6    1 
ATOM   19  N  N1    . DA  A 1 3  ? 17.913  -4.826  17.128  1.00 8.85  ? 3   DA  A N1    1 
ATOM   20  C  C2    . DA  A 1 3  ? 17.702  -3.669  17.767  1.00 8.54  ? 3   DA  A C2    1 
ATOM   21  N  N3    . DA  A 1 3  ? 16.812  -3.377  18.710  1.00 6.13  ? 3   DA  A N3    1 
ATOM   22  C  C4    . DA  A 1 3  ? 16.053  -4.454  18.987  1.00 8.89  ? 3   DA  A C4    1 
ATOM   23  P  P     . DC  A 1 4  ? 12.256  -0.678  22.533  1.00 9.21  ? 4   DC  A P     1 
ATOM   24  O  OP1   . DC  A 1 4  ? 12.309  0.467   23.472  1.00 7.11  ? 4   DC  A OP1   1 
ATOM   25  O  OP2   . DC  A 1 4  ? 10.992  -1.419  22.337  1.00 9.71  ? 4   DC  A OP2   1 
ATOM   26  O  "O5'" . DC  A 1 4  ? 12.710  -0.157  21.113  1.00 9.91  ? 4   DC  A "O5'" 1 
ATOM   27  C  "C5'" . DC  A 1 4  ? 13.946  0.512   20.973  1.00 11.76 ? 4   DC  A "C5'" 1 
ATOM   28  C  "C4'" . DC  A 1 4  ? 14.198  0.830   19.523  1.00 11.79 ? 4   DC  A "C4'" 1 
ATOM   29  O  "O4'" . DC  A 1 4  ? 14.668  -0.352  18.830  1.00 12.82 ? 4   DC  A "O4'" 1 
ATOM   30  C  "C3'" . DC  A 1 4  ? 12.973  1.337   18.756  1.00 14.14 ? 4   DC  A "C3'" 1 
ATOM   31  O  "O3'" . DC  A 1 4  ? 13.214  2.681   18.346  1.00 18.82 ? 4   DC  A "O3'" 1 
ATOM   32  C  "C2'" . DC  A 1 4  ? 12.832  0.365   17.585  1.00 13.49 ? 4   DC  A "C2'" 1 
ATOM   33  C  "C1'" . DC  A 1 4  ? 14.190  -0.307  17.501  1.00 12.81 ? 4   DC  A "C1'" 1 
ATOM   34  N  N1    . DC  A 1 4  ? 14.202  -1.682  16.966  1.00 11.33 ? 4   DC  A N1    1 
ATOM   35  C  C2    . DC  A 1 4  ? 15.105  -2.002  15.932  1.00 9.66  ? 4   DC  A C2    1 
ATOM   36  O  O2    . DC  A 1 4  ? 15.867  -1.124  15.494  1.00 10.15 ? 4   DC  A O2    1 
ATOM   37  N  N3    . DC  A 1 4  ? 15.123  -3.261  15.440  1.00 8.39  ? 4   DC  A N3    1 
ATOM   38  C  C4    . DC  A 1 4  ? 14.302  -4.184  15.940  1.00 9.91  ? 4   DC  A C4    1 
ATOM   39  N  N4    . DC  A 1 4  ? 14.365  -5.412  15.432  1.00 9.70  ? 4   DC  A N4    1 
ATOM   40  C  C5    . DC  A 1 4  ? 13.382  -3.887  16.986  1.00 10.67 ? 4   DC  A C5    1 
ATOM   41  C  C6    . DC  A 1 4  ? 13.366  -2.636  17.465  1.00 9.69  ? 4   DC  A C6    1 
ATOM   42  P  P     . DT  A 1 5  ? 12.098  3.497   17.521  1.00 17.47 ? 5   DT  A P     1 
ATOM   43  O  OP1   . DT  A 1 5  ? 12.090  4.874   18.064  1.00 20.49 ? 5   DT  A OP1   1 
ATOM   44  O  OP2   . DT  A 1 5  ? 10.820  2.758   17.368  1.00 19.01 ? 5   DT  A OP2   1 
ATOM   45  O  "O5'" . DT  A 1 5  ? 12.777  3.556   16.087  1.00 18.23 ? 5   DT  A "O5'" 1 
ATOM   46  C  "C5'" . DT  A 1 5  ? 14.177  3.761   15.996  1.00 15.62 ? 5   DT  A "C5'" 1 
ATOM   47  C  "C4'" . DT  A 1 5  ? 14.661  3.530   14.588  1.00 16.30 ? 5   DT  A "C4'" 1 
ATOM   48  O  "O4'" . DT  A 1 5  ? 14.754  2.117   14.296  1.00 16.05 ? 5   DT  A "O4'" 1 
ATOM   49  C  "C3'" . DT  A 1 5  ? 13.790  4.150   13.502  1.00 16.51 ? 5   DT  A "C3'" 1 
ATOM   50  O  "O3'" . DT  A 1 5  ? 14.625  4.955   12.692  1.00 17.63 ? 5   DT  A "O3'" 1 
ATOM   51  C  "C2'" . DT  A 1 5  ? 13.228  2.960   12.737  1.00 16.95 ? 5   DT  A "C2'" 1 
ATOM   52  C  "C1'" . DT  A 1 5  ? 14.244  1.859   13.004  1.00 16.09 ? 5   DT  A "C1'" 1 
ATOM   53  N  N1    . DT  A 1 5  ? 13.696  0.482   13.016  1.00 17.45 ? 5   DT  A N1    1 
ATOM   54  C  C2    . DT  A 1 5  ? 14.326  -0.485  12.250  1.00 15.60 ? 5   DT  A C2    1 
ATOM   55  O  O2    . DT  A 1 5  ? 15.276  -0.253  11.528  1.00 17.75 ? 5   DT  A O2    1 
ATOM   56  N  N3    . DT  A 1 5  ? 13.788  -1.746  12.354  1.00 13.80 ? 5   DT  A N3    1 
ATOM   57  C  C4    . DT  A 1 5  ? 12.700  -2.130  13.104  1.00 13.00 ? 5   DT  A C4    1 
ATOM   58  O  O4    . DT  A 1 5  ? 12.342  -3.304  13.093  1.00 13.63 ? 5   DT  A O4    1 
ATOM   59  C  C5    . DT  A 1 5  ? 12.063  -1.062  13.861  1.00 12.91 ? 5   DT  A C5    1 
ATOM   60  C  C7    . DT  A 1 5  ? 10.851  -1.375  14.682  1.00 13.15 ? 5   DT  A C7    1 
ATOM   61  C  C6    . DT  A 1 5  ? 12.589  0.170   13.784  1.00 14.03 ? 5   DT  A C6    1 
ATOM   62  P  P     . DA  A 1 6  ? 13.975  6.008   11.678  1.00 17.72 ? 6   DA  A P     1 
ATOM   63  O  OP1   . DA  A 1 6  ? 14.837  7.215   11.755  1.00 18.53 ? 6   DA  A OP1   1 
ATOM   64  O  OP2   . DA  A 1 6  ? 12.508  6.123   11.874  1.00 17.66 ? 6   DA  A OP2   1 
ATOM   65  O  "O5'" . DA  A 1 6  ? 14.214  5.315   10.273  1.00 15.85 ? 6   DA  A "O5'" 1 
ATOM   66  C  "C5'" . DA  A 1 6  ? 15.526  4.928   9.885   1.00 13.48 ? 6   DA  A "C5'" 1 
ATOM   67  C  "C4'" . DA  A 1 6  ? 15.471  4.169   8.586   1.00 12.38 ? 6   DA  A "C4'" 1 
ATOM   68  O  "O4'" . DA  A 1 6  ? 14.876  2.873   8.805   1.00 12.78 ? 6   DA  A "O4'" 1 
ATOM   69  C  "C3'" . DA  A 1 6  ? 14.636  4.847   7.499   1.00 14.02 ? 6   DA  A "C3'" 1 
ATOM   70  O  "O3'" . DA  A 1 6  ? 15.335  4.620   6.273   1.00 13.90 ? 6   DA  A "O3'" 1 
ATOM   71  C  "C2'" . DA  A 1 6  ? 13.303  4.108   7.578   1.00 13.33 ? 6   DA  A "C2'" 1 
ATOM   72  C  "C1'" . DA  A 1 6  ? 13.719  2.706   7.997   1.00 11.77 ? 6   DA  A "C1'" 1 
ATOM   73  N  N9    . DA  A 1 6  ? 12.754  1.921   8.775   1.00 12.14 ? 6   DA  A N9    1 
ATOM   74  C  C8    . DA  A 1 6  ? 11.841  2.342   9.710   1.00 11.56 ? 6   DA  A C8    1 
ATOM   75  N  N7    . DA  A 1 6  ? 11.181  1.362   10.289  1.00 10.65 ? 6   DA  A N7    1 
ATOM   76  C  C5    . DA  A 1 6  ? 11.679  0.217   9.676   1.00 11.62 ? 6   DA  A C5    1 
ATOM   77  C  C6    . DA  A 1 6  ? 11.380  -1.159  9.830   1.00 11.00 ? 6   DA  A C6    1 
ATOM   78  N  N6    . DA  A 1 6  ? 10.493  -1.631  10.699  1.00 11.74 ? 6   DA  A N6    1 
ATOM   79  N  N1    . DA  A 1 6  ? 12.040  -2.040  9.046   1.00 11.17 ? 6   DA  A N1    1 
ATOM   80  C  C2    . DA  A 1 6  ? 12.941  -1.569  8.166   1.00 13.12 ? 6   DA  A C2    1 
ATOM   81  N  N3    . DA  A 1 6  ? 13.310  -0.304  7.932   1.00 12.20 ? 6   DA  A N3    1 
ATOM   82  C  C4    . DA  A 1 6  ? 12.635  0.548   8.729   1.00 13.27 ? 6   DA  A C4    1 
ATOM   83  P  P     . DC  A 1 7  ? 14.852  5.308   4.908   1.00 15.31 ? 7   DC  A P     1 
ATOM   84  O  OP1   . DC  A 1 7  ? 16.051  5.337   4.024   1.00 15.35 ? 7   DC  A OP1   1 
ATOM   85  O  OP2   . DC  A 1 7  ? 14.081  6.549   5.155   1.00 13.22 ? 7   DC  A OP2   1 
ATOM   86  O  "O5'" . DC  A 1 7  ? 13.835  4.244   4.318   1.00 12.61 ? 7   DC  A "O5'" 1 
ATOM   87  C  "C5'" . DC  A 1 7  ? 14.282  2.938   4.001   1.00 10.96 ? 7   DC  A "C5'" 1 
ATOM   88  C  "C4'" . DC  A 1 7  ? 13.111  2.069   3.615   1.00 11.81 ? 7   DC  A "C4'" 1 
ATOM   89  O  "O4'" . DC  A 1 7  ? 12.441  1.515   4.774   1.00 11.85 ? 7   DC  A "O4'" 1 
ATOM   90  C  "C3'" . DC  A 1 7  ? 12.027  2.778   2.795   1.00 12.04 ? 7   DC  A "C3'" 1 
ATOM   91  O  "O3'" . DC  A 1 7  ? 11.697  1.952   1.688   1.00 11.10 ? 7   DC  A "O3'" 1 
ATOM   92  C  "C2'" . DC  A 1 7  ? 10.834  2.803   3.739   1.00 10.77 ? 7   DC  A "C2'" 1 
ATOM   93  C  "C1'" . DC  A 1 7  ? 11.067  1.495   4.451   1.00 11.27 ? 7   DC  A "C1'" 1 
ATOM   94  N  N1    . DC  A 1 7  ? 10.280  1.207   5.663   1.00 9.60  ? 7   DC  A N1    1 
ATOM   95  C  C2    . DC  A 1 7  ? 10.083  -0.134  6.019   1.00 10.11 ? 7   DC  A C2    1 
ATOM   96  O  O2    . DC  A 1 7  ? 10.635  -1.025  5.339   1.00 10.23 ? 7   DC  A O2    1 
ATOM   97  N  N3    . DC  A 1 7  ? 9.298   -0.431  7.086   1.00 9.78  ? 7   DC  A N3    1 
ATOM   98  C  C4    . DC  A 1 7  ? 8.740   0.551   7.795   1.00 8.30  ? 7   DC  A C4    1 
ATOM   99  N  N4    . DC  A 1 7  ? 7.940   0.214   8.814   1.00 10.22 ? 7   DC  A N4    1 
ATOM   100 C  C5    . DC  A 1 7  ? 8.961   1.922   7.482   1.00 8.78  ? 7   DC  A C5    1 
ATOM   101 C  C6    . DC  A 1 7  ? 9.732   2.205   6.416   1.00 10.06 ? 7   DC  A C6    1 
ATOM   102 P  P     . DA  A 1 8  ? 12.538  2.073   0.331   1.00 11.19 ? 8   DA  A P     1 
ATOM   103 O  OP1   . DA  A 1 8  ? 13.940  2.349   0.715   1.00 10.16 ? 8   DA  A OP1   1 
ATOM   104 O  OP2   . DA  A 1 8  ? 11.822  2.994   -0.590  1.00 11.18 ? 8   DA  A OP2   1 
ATOM   105 O  "O5'" . DA  A 1 8  ? 12.444  0.608   -0.281  1.00 11.46 ? 8   DA  A "O5'" 1 
ATOM   106 C  "C5'" . DA  A 1 8  ? 13.278  -0.461  0.174   1.00 12.69 ? 8   DA  A "C5'" 1 
ATOM   107 C  "C4'" . DA  A 1 8  ? 12.660  -1.779  -0.221  1.00 12.32 ? 8   DA  A "C4'" 1 
ATOM   108 O  "O4'" . DA  A 1 8  ? 11.555  -2.062  0.666   1.00 13.52 ? 8   DA  A "O4'" 1 
ATOM   109 C  "C3'" . DA  A 1 8  ? 12.073  -1.765  -1.629  1.00 13.52 ? 8   DA  A "C3'" 1 
ATOM   110 O  "O3'" . DA  A 1 8  ? 12.261  -3.050  -2.229  1.00 16.53 ? 8   DA  A "O3'" 1 
ATOM   111 C  "C2'" . DA  A 1 8  ? 10.615  -1.381  -1.402  1.00 14.11 ? 8   DA  A "C2'" 1 
ATOM   112 C  "C1'" . DA  A 1 8  ? 10.307  -1.904  0.004   1.00 12.34 ? 8   DA  A "C1'" 1 
ATOM   113 N  N9    . DA  A 1 8  ? 9.491   -1.005  0.835   1.00 12.90 ? 8   DA  A N9    1 
ATOM   114 C  C8    . DA  A 1 8  ? 9.250   0.343   0.680   1.00 13.39 ? 8   DA  A C8    1 
ATOM   115 N  N7    . DA  A 1 8  ? 8.502   0.862   1.628   1.00 13.63 ? 8   DA  A N7    1 
ATOM   116 C  C5    . DA  A 1 8  ? 8.225   -0.218  2.459   1.00 14.02 ? 8   DA  A C5    1 
ATOM   117 C  C6    . DA  A 1 8  ? 7.482   -0.337  3.648   1.00 15.52 ? 8   DA  A C6    1 
ATOM   118 N  N6    . DA  A 1 8  ? 6.861   0.683   4.247   1.00 14.84 ? 8   DA  A N6    1 
ATOM   119 N  N1    . DA  A 1 8  ? 7.400   -1.562  4.213   1.00 15.77 ? 8   DA  A N1    1 
ATOM   120 C  C2    . DA  A 1 8  ? 8.025   -2.589  3.617   1.00 14.72 ? 8   DA  A C2    1 
ATOM   121 N  N3    . DA  A 1 8  ? 8.754   -2.602  2.510   1.00 11.23 ? 8   DA  A N3    1 
ATOM   122 C  C4    . DA  A 1 8  ? 8.819   -1.373  1.974   1.00 12.67 ? 8   DA  A C4    1 
ATOM   123 P  P     . DA  A 1 9  ? 11.460  -3.446  -3.568  1.00 20.35 ? 9   DA  A P     1 
ATOM   124 O  OP1   . DA  A 1 9  ? 12.279  -4.445  -4.299  1.00 22.25 ? 9   DA  A OP1   1 
ATOM   125 O  OP2   . DA  A 1 9  ? 10.989  -2.235  -4.264  1.00 21.54 ? 9   DA  A OP2   1 
ATOM   126 O  "O5'" . DA  A 1 9  ? 10.183  -4.211  -3.009  1.00 16.12 ? 9   DA  A "O5'" 1 
ATOM   127 C  "C5'" . DA  A 1 9  ? 10.352  -5.259  -2.073  1.00 15.07 ? 9   DA  A "C5'" 1 
ATOM   128 C  "C4'" . DA  A 1 9  ? 9.013   -5.776  -1.615  1.00 15.85 ? 9   DA  A "C4'" 1 
ATOM   129 O  "O4'" . DA  A 1 9  ? 8.370   -4.823  -0.739  1.00 16.58 ? 9   DA  A "O4'" 1 
ATOM   130 C  "C3'" . DA  A 1 9  ? 8.014   -6.092  -2.725  1.00 17.81 ? 9   DA  A "C3'" 1 
ATOM   131 O  "O3'" . DA  A 1 9  ? 7.519   -7.415  -2.479  1.00 21.41 ? 9   DA  A "O3'" 1 
ATOM   132 C  "C2'" . DA  A 1 9  ? 6.953   -5.005  -2.587  1.00 15.84 ? 9   DA  A "C2'" 1 
ATOM   133 C  "C1'" . DA  A 1 9  ? 7.011   -4.668  -1.105  1.00 14.92 ? 9   DA  A "C1'" 1 
ATOM   134 N  N9    . DA  A 1 9  ? 6.606   -3.310  -0.734  1.00 15.05 ? 9   DA  A N9    1 
ATOM   135 C  C8    . DA  A 1 9  ? 6.889   -2.131  -1.385  1.00 15.26 ? 9   DA  A C8    1 
ATOM   136 N  N7    . DA  A 1 9  ? 6.407   -1.062  -0.784  1.00 15.05 ? 9   DA  A N7    1 
ATOM   137 C  C5    . DA  A 1 9  ? 5.755   -1.572  0.335   1.00 13.89 ? 9   DA  A C5    1 
ATOM   138 C  C6    . DA  A 1 9  ? 5.048   -0.954  1.399   1.00 11.99 ? 9   DA  A C6    1 
ATOM   139 N  N6    . DA  A 1 9  ? 4.878   0.358   1.516   1.00 12.87 ? 9   DA  A N6    1 
ATOM   140 N  N1    . DA  A 1 9  ? 4.530   -1.751  2.356   1.00 12.11 ? 9   DA  A N1    1 
ATOM   141 C  C2    . DA  A 1 9  ? 4.717   -3.074  2.257   1.00 11.48 ? 9   DA  A C2    1 
ATOM   142 N  N3    . DA  A 1 9  ? 5.361   -3.768  1.321   1.00 12.23 ? 9   DA  A N3    1 
ATOM   143 C  C4    . DA  A 1 9  ? 5.864   -2.953  0.378   1.00 14.24 ? 9   DA  A C4    1 
ATOM   144 P  P     . DT  A 1 10 ? 6.425   -8.078  -3.457  1.00 24.58 ? 10  DT  A P     1 
ATOM   145 O  OP1   . DT  A 1 10 ? 6.737   -9.534  -3.478  1.00 25.55 ? 10  DT  A OP1   1 
ATOM   146 O  OP2   . DT  A 1 10 ? 6.321   -7.328  -4.733  1.00 23.02 ? 10  DT  A OP2   1 
ATOM   147 O  "O5'" . DT  A 1 10 ? 5.099   -7.880  -2.595  1.00 24.45 ? 10  DT  A "O5'" 1 
ATOM   148 C  "C5'" . DT  A 1 10 ? 5.166   -8.125  -1.192  1.00 26.62 ? 10  DT  A "C5'" 1 
ATOM   149 C  "C4'" . DT  A 1 10 ? 3.907   -7.679  -0.496  1.00 28.18 ? 10  DT  A "C4'" 1 
ATOM   150 O  "O4'" . DT  A 1 10 ? 3.882   -6.252  -0.242  1.00 26.98 ? 10  DT  A "O4'" 1 
ATOM   151 C  "C3'" . DT  A 1 10 ? 2.609   -8.012  -1.220  1.00 28.38 ? 10  DT  A "C3'" 1 
ATOM   152 O  "O3'" . DT  A 1 10 ? 1.739   -8.612  -0.279  1.00 30.63 ? 10  DT  A "O3'" 1 
ATOM   153 C  "C2'" . DT  A 1 10 ? 2.066   -6.654  -1.636  1.00 28.37 ? 10  DT  A "C2'" 1 
ATOM   154 C  "C1'" . DT  A 1 10 ? 2.582   -5.771  -0.516  1.00 25.71 ? 10  DT  A "C1'" 1 
ATOM   155 N  N1    . DT  A 1 10 ? 2.678   -4.342  -0.836  1.00 22.63 ? 10  DT  A N1    1 
ATOM   156 C  C2    . DT  A 1 10 ? 2.140   -3.458  0.066   1.00 20.11 ? 10  DT  A C2    1 
ATOM   157 O  O2    . DT  A 1 10 ? 1.585   -3.817  1.088   1.00 21.21 ? 10  DT  A O2    1 
ATOM   158 N  N3    . DT  A 1 10 ? 2.272   -2.136  -0.274  1.00 17.67 ? 10  DT  A N3    1 
ATOM   159 C  C4    . DT  A 1 10 ? 2.876   -1.622  -1.404  1.00 19.18 ? 10  DT  A C4    1 
ATOM   160 O  O4    . DT  A 1 10 ? 2.940   -0.402  -1.565  1.00 17.00 ? 10  DT  A O4    1 
ATOM   161 C  C5    . DT  A 1 10 ? 3.405   -2.614  -2.326  1.00 19.31 ? 10  DT  A C5    1 
ATOM   162 C  C7    . DT  A 1 10 ? 4.051   -2.154  -3.594  1.00 18.22 ? 10  DT  A C7    1 
ATOM   163 C  C6    . DT  A 1 10 ? 3.284   -3.906  -1.995  1.00 20.38 ? 10  DT  A C6    1 
ATOM   164 P  P     . DG  A 1 11 ? 0.322   -9.166  -0.762  1.00 31.86 ? 11  DG  A P     1 
ATOM   165 O  OP1   . DG  A 1 11 ? 0.167   -10.510 -0.151  1.00 32.57 ? 11  DG  A OP1   1 
ATOM   166 O  OP2   . DG  A 1 11 ? 0.154   -8.994  -2.234  1.00 31.14 ? 11  DG  A OP2   1 
ATOM   167 O  "O5'" . DG  A 1 11 ? -0.682  -8.168  -0.054  1.00 28.91 ? 11  DG  A "O5'" 1 
ATOM   168 C  "C5'" . DG  A 1 11 ? -0.577  -7.921  1.340   1.00 24.80 ? 11  DG  A "C5'" 1 
ATOM   169 C  "C4'" . DG  A 1 11 ? -1.681  -6.991  1.765   1.00 22.00 ? 11  DG  A "C4'" 1 
ATOM   170 O  "O4'" . DG  A 1 11 ? -1.349  -5.636  1.393   1.00 19.49 ? 11  DG  A "O4'" 1 
ATOM   171 C  "C3'" . DG  A 1 11 ? -2.998  -7.320  1.067   1.00 22.45 ? 11  DG  A "C3'" 1 
ATOM   172 O  "O3'" . DG  A 1 11 ? -4.050  -7.221  2.023   1.00 23.67 ? 11  DG  A "O3'" 1 
ATOM   173 C  "C2'" . DG  A 1 11 ? -3.095  -6.270  -0.030  1.00 20.88 ? 11  DG  A "C2'" 1 
ATOM   174 C  "C1'" . DG  A 1 11 ? -2.378  -5.088  0.588   1.00 19.45 ? 11  DG  A "C1'" 1 
ATOM   175 N  N9    . DG  A 1 11 ? -1.756  -4.162  -0.349  1.00 16.94 ? 11  DG  A N9    1 
ATOM   176 C  C8    . DG  A 1 11 ? -0.925  -4.460  -1.401  1.00 15.30 ? 11  DG  A C8    1 
ATOM   177 N  N7    . DG  A 1 11 ? -0.499  -3.403  -2.036  1.00 13.70 ? 11  DG  A N7    1 
ATOM   178 C  C5    . DG  A 1 11 ? -1.083  -2.339  -1.357  1.00 15.56 ? 11  DG  A C5    1 
ATOM   179 C  C6    . DG  A 1 11 ? -0.981  -0.945  -1.575  1.00 14.66 ? 11  DG  A C6    1 
ATOM   180 O  O6    . DG  A 1 11 ? -0.313  -0.343  -2.427  1.00 17.79 ? 11  DG  A O6    1 
ATOM   181 N  N1    . DG  A 1 11 ? -1.764  -0.229  -0.672  1.00 17.98 ? 11  DG  A N1    1 
ATOM   182 C  C2    . DG  A 1 11 ? -2.538  -0.789  0.323   1.00 16.79 ? 11  DG  A C2    1 
ATOM   183 N  N2    . DG  A 1 11 ? -3.256  0.058   1.086   1.00 21.00 ? 11  DG  A N2    1 
ATOM   184 N  N3    . DG  A 1 11 ? -2.615  -2.082  0.550   1.00 17.30 ? 11  DG  A N3    1 
ATOM   185 C  C4    . DG  A 1 11 ? -1.872  -2.795  -0.326  1.00 16.09 ? 11  DG  A C4    1 
ATOM   186 P  P     . DT  A 1 12 ? -5.572  -7.367  1.558   1.00 23.67 ? 12  DT  A P     1 
ATOM   187 O  OP1   . DT  A 1 12 ? -6.281  -8.067  2.667   1.00 24.11 ? 12  DT  A OP1   1 
ATOM   188 O  OP2   . DT  A 1 12 ? -5.613  -7.916  0.181   1.00 24.08 ? 12  DT  A OP2   1 
ATOM   189 O  "O5'" . DT  A 1 12 ? -6.069  -5.854  1.537   1.00 22.25 ? 12  DT  A "O5'" 1 
ATOM   190 C  "C5'" . DT  A 1 12 ? -5.717  -4.979  2.605   1.00 21.63 ? 12  DT  A "C5'" 1 
ATOM   191 C  "C4'" . DT  A 1 12 ? -6.355  -3.626  2.408   1.00 20.22 ? 12  DT  A "C4'" 1 
ATOM   192 O  "O4'" . DT  A 1 12 ? -5.597  -2.829  1.463   1.00 20.48 ? 12  DT  A "O4'" 1 
ATOM   193 C  "C3'" . DT  A 1 12 ? -7.792  -3.681  1.885   1.00 20.56 ? 12  DT  A "C3'" 1 
ATOM   194 O  "O3'" . DT  A 1 12 ? -8.613  -2.843  2.694   1.00 21.49 ? 12  DT  A "O3'" 1 
ATOM   195 C  "C2'" . DT  A 1 12 ? -7.681  -3.168  0.453   1.00 20.30 ? 12  DT  A "C2'" 1 
ATOM   196 C  "C1'" . DT  A 1 12 ? -6.485  -2.229  0.528   1.00 19.40 ? 12  DT  A "C1'" 1 
ATOM   197 N  N1    . DT  A 1 12 ? -5.739  -2.003  -0.740  1.00 16.58 ? 12  DT  A N1    1 
ATOM   198 C  C2    . DT  A 1 12 ? -5.497  -0.700  -1.131  1.00 16.20 ? 12  DT  A C2    1 
ATOM   199 O  O2    . DT  A 1 12 ? -5.910  0.276   -0.515  1.00 17.33 ? 12  DT  A O2    1 
ATOM   200 N  N3    . DT  A 1 12 ? -4.743  -0.578  -2.280  1.00 13.85 ? 12  DT  A N3    1 
ATOM   201 C  C4    . DT  A 1 12 ? -4.230  -1.600  -3.054  1.00 12.04 ? 12  DT  A C4    1 
ATOM   202 O  O4    . DT  A 1 12 ? -3.535  -1.340  -4.034  1.00 12.84 ? 12  DT  A O4    1 
ATOM   203 C  C5    . DT  A 1 12 ? -4.560  -2.933  -2.614  1.00 14.74 ? 12  DT  A C5    1 
ATOM   204 C  C7    . DT  A 1 12 ? -4.088  -4.097  -3.429  1.00 14.11 ? 12  DT  A C7    1 
ATOM   205 C  C6    . DT  A 1 12 ? -5.284  -3.069  -1.491  1.00 15.17 ? 12  DT  A C6    1 
ATOM   206 P  P     . DT  A 1 13 ? -10.192 -2.742  2.402   1.00 22.18 ? 13  DT  A P     1 
ATOM   207 O  OP1   . DT  A 1 13 ? -10.893 -2.582  3.697   1.00 23.07 ? 13  DT  A OP1   1 
ATOM   208 O  OP2   . DT  A 1 13 ? -10.616 -3.807  1.460   1.00 21.42 ? 13  DT  A OP2   1 
ATOM   209 O  "O5'" . DT  A 1 13 ? -10.287 -1.356  1.633   1.00 24.86 ? 13  DT  A "O5'" 1 
ATOM   210 C  "C5'" . DT  A 1 13 ? -9.683  -0.176  2.181   1.00 25.23 ? 13  DT  A "C5'" 1 
ATOM   211 C  "C4'" . DT  A 1 13 ? -9.942  1.000   1.274   1.00 25.33 ? 13  DT  A "C4'" 1 
ATOM   212 O  "O4'" . DT  A 1 13 ? -9.067  0.965   0.121   1.00 23.66 ? 13  DT  A "O4'" 1 
ATOM   213 C  "C3'" . DT  A 1 13 ? -11.365 1.025   0.709   1.00 25.83 ? 13  DT  A "C3'" 1 
ATOM   214 O  "O3'" . DT  A 1 13 ? -11.746 2.384   0.559   1.00 28.70 ? 13  DT  A "O3'" 1 
ATOM   215 C  "C2'" . DT  A 1 13 ? -11.196 0.428   -0.677  1.00 24.82 ? 13  DT  A "C2'" 1 
ATOM   216 C  "C1'" . DT  A 1 13 ? -9.856  1.036   -1.052  1.00 23.45 ? 13  DT  A "C1'" 1 
ATOM   217 N  N1    . DT  A 1 13 ? -9.109  0.408   -2.153  1.00 20.84 ? 13  DT  A N1    1 
ATOM   218 C  C2    . DT  A 1 13 ? -8.426  1.251   -3.001  1.00 19.83 ? 13  DT  A C2    1 
ATOM   219 O  O2    . DT  A 1 13 ? -8.421  2.460   -2.871  1.00 18.87 ? 13  DT  A O2    1 
ATOM   220 N  N3    . DT  A 1 13 ? -7.743  0.624   -4.003  1.00 19.19 ? 13  DT  A N3    1 
ATOM   221 C  C4    . DT  A 1 13 ? -7.674  -0.729  -4.239  1.00 18.39 ? 13  DT  A C4    1 
ATOM   222 O  O4    . DT  A 1 13 ? -7.018  -1.148  -5.184  1.00 17.88 ? 13  DT  A O4    1 
ATOM   223 C  C5    . DT  A 1 13 ? -8.412  -1.558  -3.307  1.00 21.45 ? 13  DT  A C5    1 
ATOM   224 C  C7    . DT  A 1 13 ? -8.382  -3.048  -3.480  1.00 20.62 ? 13  DT  A C7    1 
ATOM   225 C  C6    . DT  A 1 13 ? -9.090  -0.952  -2.325  1.00 18.18 ? 13  DT  A C6    1 
ATOM   226 P  P     . DG  A 1 14 ? -13.050 2.937   1.295   1.00 29.57 ? 14  DG  A P     1 
ATOM   227 O  OP1   . DG  A 1 14 ? -12.820 2.891   2.763   1.00 29.07 ? 14  DG  A OP1   1 
ATOM   228 O  OP2   . DG  A 1 14 ? -14.209 2.234   0.696   1.00 28.71 ? 14  DG  A OP2   1 
ATOM   229 O  "O5'" . DG  A 1 14 ? -13.054 4.466   0.853   1.00 25.99 ? 14  DG  A "O5'" 1 
ATOM   230 C  "C5'" . DG  A 1 14 ? -11.872 5.254   1.006   1.00 21.42 ? 14  DG  A "C5'" 1 
ATOM   231 C  "C4'" . DG  A 1 14 ? -11.714 6.194   -0.170  1.00 20.35 ? 14  DG  A "C4'" 1 
ATOM   232 O  "O4'" . DG  A 1 14 ? -11.196 5.501   -1.327  1.00 19.99 ? 14  DG  A "O4'" 1 
ATOM   233 C  "C3'" . DG  A 1 14 ? -13.021 6.834   -0.613  1.00 19.40 ? 14  DG  A "C3'" 1 
ATOM   234 O  "O3'" . DG  A 1 14 ? -12.747 8.171   -1.029  1.00 19.46 ? 14  DG  A "O3'" 1 
ATOM   235 C  "C2'" . DG  A 1 14 ? -13.464 5.958   -1.775  1.00 18.27 ? 14  DG  A "C2'" 1 
ATOM   236 C  "C1'" . DG  A 1 14 ? -12.136 5.550   -2.400  1.00 18.53 ? 14  DG  A "C1'" 1 
ATOM   237 N  N9    . DG  A 1 14 ? -12.142 4.221   -3.010  1.00 18.87 ? 14  DG  A N9    1 
ATOM   238 C  C8    . DG  A 1 14 ? -12.839 3.121   -2.578  1.00 18.82 ? 14  DG  A C8    1 
ATOM   239 N  N7    . DG  A 1 14 ? -12.564 2.041   -3.262  1.00 20.67 ? 14  DG  A N7    1 
ATOM   240 C  C5    . DG  A 1 14 ? -11.645 2.462   -4.217  1.00 17.85 ? 14  DG  A C5    1 
ATOM   241 C  C6    . DG  A 1 14 ? -10.963 1.730   -5.231  1.00 14.97 ? 14  DG  A C6    1 
ATOM   242 O  O6    . DG  A 1 14 ? -10.998 0.526   -5.463  1.00 15.25 ? 14  DG  A O6    1 
ATOM   243 N  N1    . DG  A 1 14 ? -10.155 2.553   -6.000  1.00 13.11 ? 14  DG  A N1    1 
ATOM   244 C  C2    . DG  A 1 14 ? -9.999  3.906   -5.810  1.00 13.42 ? 14  DG  A C2    1 
ATOM   245 N  N2    . DG  A 1 14 ? -9.195  4.536   -6.673  1.00 11.94 ? 14  DG  A N2    1 
ATOM   246 N  N3    . DG  A 1 14 ? -10.594 4.594   -4.848  1.00 14.71 ? 14  DG  A N3    1 
ATOM   247 C  C4    . DG  A 1 14 ? -11.399 3.816   -4.096  1.00 17.72 ? 14  DG  A C4    1 
ATOM   248 P  P     . DC  A 1 15 ? -13.938 9.099   -1.541  1.00 19.28 ? 15  DC  A P     1 
ATOM   249 O  OP1   . DC  A 1 15 ? -13.550 10.494  -1.214  1.00 22.28 ? 15  DC  A OP1   1 
ATOM   250 O  OP2   . DC  A 1 15 ? -15.226 8.552   -1.065  1.00 22.70 ? 15  DC  A OP2   1 
ATOM   251 O  "O5'" . DC  A 1 15 ? -13.895 8.904   -3.118  1.00 17.27 ? 15  DC  A "O5'" 1 
ATOM   252 C  "C5'" . DC  A 1 15 ? -12.758 9.323   -3.861  1.00 15.22 ? 15  DC  A "C5'" 1 
ATOM   253 C  "C4'" . DC  A 1 15 ? -12.951 9.028   -5.325  1.00 13.62 ? 15  DC  A "C4'" 1 
ATOM   254 O  "O4'" . DC  A 1 15 ? -12.750 7.621   -5.607  1.00 12.52 ? 15  DC  A "O4'" 1 
ATOM   255 C  "C3'" . DC  A 1 15 ? -14.340 9.369   -5.868  1.00 13.58 ? 15  DC  A "C3'" 1 
ATOM   256 O  "O3'" . DC  A 1 15 ? -14.181 9.874   -7.189  1.00 15.46 ? 15  DC  A "O3'" 1 
ATOM   257 C  "C2'" . DC  A 1 15 ? -14.998 8.010   -6.000  1.00 12.93 ? 15  DC  A "C2'" 1 
ATOM   258 C  "C1'" . DC  A 1 15 ? -13.803 7.207   -6.453  1.00 13.08 ? 15  DC  A "C1'" 1 
ATOM   259 N  N1    . DC  A 1 15 ? -13.893 5.739   -6.419  1.00 10.71 ? 15  DC  A N1    1 
ATOM   260 C  C2    . DC  A 1 15 ? -13.096 5.023   -7.306  1.00 11.12 ? 15  DC  A C2    1 
ATOM   261 O  O2    . DC  A 1 15 ? -12.311 5.648   -8.036  1.00 11.57 ? 15  DC  A O2    1 
ATOM   262 N  N3    . DC  A 1 15 ? -13.190 3.671   -7.349  1.00 11.96 ? 15  DC  A N3    1 
ATOM   263 C  C4    . DC  A 1 15 ? -14.037 3.037   -6.533  1.00 11.20 ? 15  DC  A C4    1 
ATOM   264 N  N4    . DC  A 1 15 ? -14.106 1.711   -6.621  1.00 10.25 ? 15  DC  A N4    1 
ATOM   265 C  C5    . DC  A 1 15 ? -14.848 3.742   -5.594  1.00 11.57 ? 15  DC  A C5    1 
ATOM   266 C  C6    . DC  A 1 15 ? -14.742 5.081   -5.569  1.00 11.42 ? 15  DC  A C6    1 
ATOM   267 P  P     . DA  A 1 16 ? -14.517 11.405  -7.504  1.00 15.27 ? 16  DA  A P     1 
ATOM   268 O  OP1   . DA  A 1 16 ? -13.880 12.244  -6.456  1.00 15.48 ? 16  DA  A OP1   1 
ATOM   269 O  OP2   . DA  A 1 16 ? -15.967 11.519  -7.773  1.00 16.05 ? 16  DA  A OP2   1 
ATOM   270 O  "O5'" . DA  A 1 16 ? -13.746 11.666  -8.863  1.00 12.51 ? 16  DA  A "O5'" 1 
ATOM   271 C  "C5'" . DA  A 1 16 ? -12.358 11.445  -8.947  1.00 10.88 ? 16  DA  A "C5'" 1 
ATOM   272 C  "C4'" . DA  A 1 16 ? -12.020 10.808  -10.273 1.00 11.69 ? 16  DA  A "C4'" 1 
ATOM   273 O  "O4'" . DA  A 1 16 ? -12.306 9.391   -10.257 1.00 11.08 ? 16  DA  A "O4'" 1 
ATOM   274 C  "C3'" . DA  A 1 16 ? -12.771 11.378  -11.468 1.00 10.60 ? 16  DA  A "C3'" 1 
ATOM   275 O  "O3'" . DA  A 1 16 ? -11.848 11.443  -12.557 1.00 11.00 ? 16  DA  A "O3'" 1 
ATOM   276 C  "C2'" . DA  A 1 16 ? -13.875 10.356  -11.702 1.00 10.90 ? 16  DA  A "C2'" 1 
ATOM   277 C  "C1'" . DA  A 1 16 ? -13.218 9.044   -11.284 1.00 10.36 ? 16  DA  A "C1'" 1 
ATOM   278 N  N9    . DA  A 1 16 ? -14.108 8.031   -10.717 1.00 10.52 ? 16  DA  A N9    1 
ATOM   279 C  C8    . DA  A 1 16 ? -15.097 8.224   -9.786  1.00 10.94 ? 16  DA  A C8    1 
ATOM   280 N  N7    . DA  A 1 16 ? -15.662 7.115   -9.372  1.00 10.01 ? 16  DA  A N7    1 
ATOM   281 C  C5    . DA  A 1 16 ? -15.021 6.122   -10.100 1.00 9.68  ? 16  DA  A C5    1 
ATOM   282 C  C6    . DA  A 1 16 ? -15.153 4.714   -10.118 1.00 9.81  ? 16  DA  A C6    1 
ATOM   283 N  N6    . DA  A 1 16 ? -15.975 4.032   -9.323  1.00 10.16 ? 16  DA  A N6    1 
ATOM   284 N  N1    . DA  A 1 16 ? -14.385 4.022   -10.984 1.00 10.18 ? 16  DA  A N1    1 
ATOM   285 C  C2    . DA  A 1 16 ? -13.519 4.699   -11.760 1.00 9.85  ? 16  DA  A C2    1 
ATOM   286 N  N3    . DA  A 1 16 ? -13.284 6.008   -11.815 1.00 10.01 ? 16  DA  A N3    1 
ATOM   287 C  C4    . DA  A 1 16 ? -14.078 6.675   -10.955 1.00 11.33 ? 16  DA  A C4    1 
ATOM   288 P  P     . DA  A 1 17 ? -12.287 12.122  -13.939 1.00 10.89 ? 17  DA  A P     1 
ATOM   289 O  OP1   . DA  A 1 17 ? -11.034 12.440  -14.661 1.00 11.04 ? 17  DA  A OP1   1 
ATOM   290 O  OP2   . DA  A 1 17 ? -13.274 13.181  -13.651 1.00 12.43 ? 17  DA  A OP2   1 
ATOM   291 O  "O5'" . DA  A 1 17 ? -13.025 10.940  -14.707 1.00 9.61  ? 17  DA  A "O5'" 1 
ATOM   292 C  "C5'" . DA  A 1 17 ? -12.284 9.806   -15.116 1.00 8.26  ? 17  DA  A "C5'" 1 
ATOM   293 C  "C4'" . DA  A 1 17 ? -13.185 8.782   -15.758 1.00 7.02  ? 17  DA  A "C4'" 1 
ATOM   294 O  "O4'" . DA  A 1 17 ? -13.848 7.982   -14.754 1.00 9.21  ? 17  DA  A "O4'" 1 
ATOM   295 C  "C3'" . DA  A 1 17 ? -14.282 9.343   -16.662 1.00 8.68  ? 17  DA  A "C3'" 1 
ATOM   296 O  "O3'" . DA  A 1 17 ? -14.009 8.918   -18.004 1.00 8.49  ? 17  DA  A "O3'" 1 
ATOM   297 C  "C2'" . DA  A 1 17 ? -15.578 8.763   -16.091 1.00 8.42  ? 17  DA  A "C2'" 1 
ATOM   298 C  "C1'" . DA  A 1 17 ? -15.094 7.569   -15.278 1.00 8.22  ? 17  DA  A "C1'" 1 
ATOM   299 N  N9    . DA  A 1 17 ? -15.961 7.157   -14.166 1.00 8.73  ? 17  DA  A N9    1 
ATOM   300 C  C8    . DA  A 1 17 ? -16.624 7.960   -13.254 1.00 9.17  ? 17  DA  A C8    1 
ATOM   301 N  N7    . DA  A 1 17 ? -17.384 7.293   -12.414 1.00 8.99  ? 17  DA  A N7    1 
ATOM   302 C  C5    . DA  A 1 17 ? -17.204 5.957   -12.784 1.00 8.04  ? 17  DA  A C5    1 
ATOM   303 C  C6    . DA  A 1 17 ? -17.734 4.746   -12.275 1.00 8.31  ? 17  DA  A C6    1 
ATOM   304 N  N6    . DA  A 1 17 ? -18.606 4.670   -11.275 1.00 6.60  ? 17  DA  A N6    1 
ATOM   305 N  N1    . DA  A 1 17 ? -17.324 3.595   -12.851 1.00 7.46  ? 17  DA  A N1    1 
ATOM   306 C  C2    . DA  A 1 17 ? -16.452 3.659   -13.865 1.00 9.06  ? 17  DA  A C2    1 
ATOM   307 N  N3    . DA  A 1 17 ? -15.888 4.729   -14.432 1.00 9.45  ? 17  DA  A N3    1 
ATOM   308 C  C4    . DA  A 1 17 ? -16.314 5.869   -13.839 1.00 8.83  ? 17  DA  A C4    1 
ATOM   309 P  P     . DT  A 1 18 ? -14.999 9.315   -19.202 1.00 8.61  ? 18  DT  A P     1 
ATOM   310 O  OP1   . DT  A 1 18 ? -14.144 9.368   -20.412 1.00 9.09  ? 18  DT  A OP1   1 
ATOM   311 O  OP2   . DT  A 1 18 ? -15.829 10.487  -18.837 1.00 8.54  ? 18  DT  A OP2   1 
ATOM   312 O  "O5'" . DT  A 1 18 ? -15.890 8.004   -19.328 1.00 8.46  ? 18  DT  A "O5'" 1 
ATOM   313 C  "C5'" . DT  A 1 18 ? -15.235 6.717   -19.434 1.00 10.05 ? 18  DT  A "C5'" 1 
ATOM   314 C  "C4'" . DT  A 1 18 ? -16.218 5.581   -19.285 1.00 11.99 ? 18  DT  A "C4'" 1 
ATOM   315 O  "O4'" . DT  A 1 18 ? -16.670 5.476   -17.913 1.00 10.94 ? 18  DT  A "O4'" 1 
ATOM   316 C  "C3'" . DT  A 1 18 ? -17.481 5.679   -20.149 1.00 12.53 ? 18  DT  A "C3'" 1 
ATOM   317 O  "O3'" . DT  A 1 18 ? -17.552 4.696   -21.175 1.00 17.00 ? 18  DT  A "O3'" 1 
ATOM   318 C  "C2'" . DT  A 1 18 ? -18.625 5.588   -19.157 1.00 12.79 ? 18  DT  A "C2'" 1 
ATOM   319 C  "C1'" . DT  A 1 18 ? -17.979 4.946   -17.947 1.00 11.32 ? 18  DT  A "C1'" 1 
ATOM   320 N  N1    . DT  A 1 18 ? -18.682 5.285   -16.688 1.00 9.83  ? 18  DT  A N1    1 
ATOM   321 C  C2    . DT  A 1 18 ? -19.232 4.240   -15.966 1.00 8.96  ? 18  DT  A C2    1 
ATOM   322 O  O2    . DT  A 1 18 ? -19.083 3.073   -16.265 1.00 8.65  ? 18  DT  A O2    1 
ATOM   323 N  N3    . DT  A 1 18 ? -19.959 4.623   -14.869 1.00 7.83  ? 18  DT  A N3    1 
ATOM   324 C  C4    . DT  A 1 18 ? -20.180 5.915   -14.422 1.00 9.41  ? 18  DT  A C4    1 
ATOM   325 O  O4    . DT  A 1 18 ? -20.884 6.103   -13.443 1.00 10.14 ? 18  DT  A O4    1 
ATOM   326 C  C5    . DT  A 1 18 ? -19.543 6.962   -15.199 1.00 9.48  ? 18  DT  A C5    1 
ATOM   327 C  C7    . DT  A 1 18 ? -19.718 8.392   -14.781 1.00 7.63  ? 18  DT  A C7    1 
ATOM   328 C  C6    . DT  A 1 18 ? -18.829 6.598   -16.273 1.00 9.18  ? 18  DT  A C6    1 
ATOM   329 O  "O3'" . DT  B 2 2  ? -27.229 -0.655  -9.164  1.00 23.94 ? 20  DT  B "O3'" 1 
ATOM   330 P  P     . DA  B 2 3  ? -26.445 -1.946  -8.606  1.00 25.81 ? 21  DA  B P     1 
ATOM   331 O  OP1   . DA  B 2 3  ? -27.445 -3.025  -8.365  1.00 24.29 ? 21  DA  B OP1   1 
ATOM   332 O  OP2   . DA  B 2 3  ? -25.576 -1.501  -7.488  1.00 27.38 ? 21  DA  B OP2   1 
ATOM   333 O  "O5'" . DA  B 2 3  ? -25.460 -2.384  -9.786  1.00 19.64 ? 21  DA  B "O5'" 1 
ATOM   334 C  "C5'" . DA  B 2 3  ? -25.941 -3.026  -10.959 1.00 14.27 ? 21  DA  B "C5'" 1 
ATOM   335 C  "C4'" . DA  B 2 3  ? -24.777 -3.431  -11.836 1.00 9.77  ? 21  DA  B "C4'" 1 
ATOM   336 O  "O4'" . DA  B 2 3  ? -24.148 -2.266  -12.405 1.00 8.89  ? 21  DA  B "O4'" 1 
ATOM   337 C  "C3'" . DA  B 2 3  ? -23.656 -4.216  -11.159 1.00 9.53  ? 21  DA  B "C3'" 1 
ATOM   338 O  "O3'" . DA  B 2 3  ? -23.152 -5.133  -12.131 1.00 7.96  ? 21  DA  B "O3'" 1 
ATOM   339 C  "C2'" . DA  B 2 3  ? -22.637 -3.140  -10.815 1.00 6.60  ? 21  DA  B "C2'" 1 
ATOM   340 C  "C1'" . DA  B 2 3  ? -22.815 -2.128  -11.938 1.00 9.93  ? 21  DA  B "C1'" 1 
ATOM   341 N  N9    . DA  B 2 3  ? -22.667 -0.731  -11.558 1.00 8.41  ? 21  DA  B N9    1 
ATOM   342 C  C8    . DA  B 2 3  ? -23.128 -0.099  -10.429 1.00 9.84  ? 21  DA  B C8    1 
ATOM   343 N  N7    . DA  B 2 3  ? -22.926 1.194   -10.426 1.00 9.78  ? 21  DA  B N7    1 
ATOM   344 C  C5    . DA  B 2 3  ? -22.258 1.430   -11.626 1.00 9.26  ? 21  DA  B C5    1 
ATOM   345 C  C6    . DA  B 2 3  ? -21.767 2.604   -12.229 1.00 7.62  ? 21  DA  B C6    1 
ATOM   346 N  N6    . DA  B 2 3  ? -21.884 3.821   -11.694 1.00 7.73  ? 21  DA  B N6    1 
ATOM   347 N  N1    . DA  B 2 3  ? -21.152 2.481   -13.424 1.00 8.77  ? 21  DA  B N1    1 
ATOM   348 C  C2    . DA  B 2 3  ? -21.055 1.266   -13.975 1.00 8.31  ? 21  DA  B C2    1 
ATOM   349 N  N3    . DA  B 2 3  ? -21.485 0.095   -13.518 1.00 7.20  ? 21  DA  B N3    1 
ATOM   350 C  C4    . DA  B 2 3  ? -22.082 0.250   -12.322 1.00 9.63  ? 21  DA  B C4    1 
ATOM   351 P  P     . DT  B 2 4  ? -22.000 -6.169  -11.748 1.00 10.35 ? 22  DT  B P     1 
ATOM   352 O  OP1   . DT  B 2 4  ? -22.282 -7.399  -12.540 1.00 8.03  ? 22  DT  B OP1   1 
ATOM   353 O  OP2   . DT  B 2 4  ? -21.867 -6.270  -10.275 1.00 10.26 ? 22  DT  B OP2   1 
ATOM   354 O  "O5'" . DT  B 2 4  ? -20.682 -5.471  -12.289 1.00 10.50 ? 22  DT  B "O5'" 1 
ATOM   355 C  "C5'" . DT  B 2 4  ? -20.544 -5.169  -13.663 1.00 10.96 ? 22  DT  B "C5'" 1 
ATOM   356 C  "C4'" . DT  B 2 4  ? -19.271 -4.397  -13.901 1.00 11.38 ? 22  DT  B "C4'" 1 
ATOM   357 O  "O4'" . DT  B 2 4  ? -19.443 -3.010  -13.517 1.00 13.34 ? 22  DT  B "O4'" 1 
ATOM   358 C  "C3'" . DT  B 2 4  ? -18.046 -4.906  -13.146 1.00 13.03 ? 22  DT  B "C3'" 1 
ATOM   359 O  "O3'" . DT  B 2 4  ? -17.079 -5.360  -14.094 1.00 17.57 ? 22  DT  B "O3'" 1 
ATOM   360 C  "C2'" . DT  B 2 4  ? -17.572 -3.696  -12.346 1.00 13.03 ? 22  DT  B "C2'" 1 
ATOM   361 C  "C1'" . DT  B 2 4  ? -18.200 -2.525  -13.063 1.00 13.21 ? 22  DT  B "C1'" 1 
ATOM   362 N  N1    . DT  B 2 4  ? -18.451 -1.317  -12.248 1.00 12.11 ? 22  DT  B N1    1 
ATOM   363 C  C2    . DT  B 2 4  ? -18.034 -0.084  -12.725 1.00 9.82  ? 22  DT  B C2    1 
ATOM   364 O  O2    . DT  B 2 4  ? -17.455 0.067   -13.788 1.00 10.93 ? 22  DT  B O2    1 
ATOM   365 N  N3    . DT  B 2 4  ? -18.330 0.978   -11.909 1.00 9.56  ? 22  DT  B N3    1 
ATOM   366 C  C4    . DT  B 2 4  ? -18.982 0.940   -10.692 1.00 11.61 ? 22  DT  B C4    1 
ATOM   367 O  O4    . DT  B 2 4  ? -19.182 1.986   -10.074 1.00 11.29 ? 22  DT  B O4    1 
ATOM   368 C  C5    . DT  B 2 4  ? -19.379 -0.386  -10.249 1.00 13.64 ? 22  DT  B C5    1 
ATOM   369 C  C7    . DT  B 2 4  ? -20.077 -0.543  -8.932  1.00 17.99 ? 22  DT  B C7    1 
ATOM   370 C  C6    . DT  B 2 4  ? -19.095 -1.427  -11.042 1.00 12.08 ? 22  DT  B C6    1 
ATOM   371 P  P     . DT  B 2 5  ? -15.682 -5.979  -13.592 1.00 16.60 ? 23  DT  B P     1 
ATOM   372 O  OP1   . DT  B 2 5  ? -15.378 -7.148  -14.441 1.00 18.40 ? 23  DT  B OP1   1 
ATOM   373 O  OP2   . DT  B 2 5  ? -15.634 -6.117  -12.120 1.00 18.46 ? 23  DT  B OP2   1 
ATOM   374 O  "O5'" . DT  B 2 5  ? -14.699 -4.812  -14.021 1.00 14.80 ? 23  DT  B "O5'" 1 
ATOM   375 C  "C5'" . DT  B 2 5  ? -14.927 -4.139  -15.250 1.00 13.40 ? 23  DT  B "C5'" 1 
ATOM   376 C  "C4'" . DT  B 2 5  ? -14.008 -2.952  -15.391 1.00 15.27 ? 23  DT  B "C4'" 1 
ATOM   377 O  "O4'" . DT  B 2 5  ? -14.494 -1.830  -14.621 1.00 15.65 ? 23  DT  B "O4'" 1 
ATOM   378 C  "C3'" . DT  B 2 5  ? -12.582 -3.221  -14.931 1.00 15.50 ? 23  DT  B "C3'" 1 
ATOM   379 O  "O3'" . DT  B 2 5  ? -11.686 -2.825  -15.962 1.00 17.25 ? 23  DT  B "O3'" 1 
ATOM   380 C  "C2'" . DT  B 2 5  ? -12.428 -2.384  -13.671 1.00 15.46 ? 23  DT  B "C2'" 1 
ATOM   381 C  "C1'" . DT  B 2 5  ? -13.428 -1.260  -13.885 1.00 15.29 ? 23  DT  B "C1'" 1 
ATOM   382 N  N1    . DT  B 2 5  ? -13.999 -0.671  -12.650 1.00 15.82 ? 23  DT  B N1    1 
ATOM   383 C  C2    . DT  B 2 5  ? -13.927 0.703   -12.490 1.00 13.68 ? 23  DT  B C2    1 
ATOM   384 O  O2    . DT  B 2 5  ? -13.378 1.441   -13.283 1.00 15.55 ? 23  DT  B O2    1 
ATOM   385 N  N3    . DT  B 2 5  ? -14.526 1.182   -11.353 1.00 12.24 ? 23  DT  B N3    1 
ATOM   386 C  C4    . DT  B 2 5  ? -15.165 0.453   -10.379 1.00 12.05 ? 23  DT  B C4    1 
ATOM   387 O  O4    . DT  B 2 5  ? -15.685 1.040   -9.429  1.00 12.63 ? 23  DT  B O4    1 
ATOM   388 C  C5    . DT  B 2 5  ? -15.174 -0.986  -10.585 1.00 10.95 ? 23  DT  B C5    1 
ATOM   389 C  C7    . DT  B 2 5  ? -15.813 -1.863  -9.558  1.00 12.39 ? 23  DT  B C7    1 
ATOM   390 C  C6    . DT  B 2 5  ? -14.603 -1.470  -11.695 1.00 12.59 ? 23  DT  B C6    1 
ATOM   391 P  P     . DG  B 2 6  ? -10.148 -3.278  -15.893 1.00 18.54 ? 24  DG  B P     1 
ATOM   392 O  OP1   . DG  B 2 6  ? -9.780  -3.742  -17.253 1.00 19.68 ? 24  DG  B OP1   1 
ATOM   393 O  OP2   . DG  B 2 6  ? -9.883  -4.138  -14.713 1.00 19.74 ? 24  DG  B OP2   1 
ATOM   394 O  "O5'" . DG  B 2 6  ? -9.398  -1.916  -15.593 1.00 17.21 ? 24  DG  B "O5'" 1 
ATOM   395 C  "C5'" . DG  B 2 6  ? -9.649  -0.778  -16.390 1.00 15.77 ? 24  DG  B "C5'" 1 
ATOM   396 C  "C4'" . DG  B 2 6  ? -8.992  0.420   -15.765 1.00 13.57 ? 24  DG  B "C4'" 1 
ATOM   397 O  "O4'" . DG  B 2 6  ? -9.692  0.784   -14.555 1.00 14.06 ? 24  DG  B "O4'" 1 
ATOM   398 C  "C3'" . DG  B 2 6  ? -7.541  0.171   -15.362 1.00 15.09 ? 24  DG  B "C3'" 1 
ATOM   399 O  "O3'" . DG  B 2 6  ? -6.823  1.364   -15.695 1.00 15.57 ? 24  DG  B "O3'" 1 
ATOM   400 C  "C2'" . DG  B 2 6  ? -7.635  -0.090  -13.862 1.00 12.34 ? 24  DG  B "C2'" 1 
ATOM   401 C  "C1'" . DG  B 2 6  ? -8.808  0.775   -13.441 1.00 11.59 ? 24  DG  B "C1'" 1 
ATOM   402 N  N9    . DG  B 2 6  ? -9.580  0.333   -12.284 1.00 11.07 ? 24  DG  B N9    1 
ATOM   403 C  C8    . DG  B 2 6  ? -9.914  -0.959  -11.937 1.00 10.18 ? 24  DG  B C8    1 
ATOM   404 N  N7    . DG  B 2 6  ? -10.699 -1.023  -10.897 1.00 10.09 ? 24  DG  B N7    1 
ATOM   405 C  C5    . DG  B 2 6  ? -10.883 0.305   -10.518 1.00 10.68 ? 24  DG  B C5    1 
ATOM   406 C  C6    . DG  B 2 6  ? -11.647 0.869   -9.454  1.00 11.94 ? 24  DG  B C6    1 
ATOM   407 O  O6    . DG  B 2 6  ? -12.371 0.293   -8.618  1.00 14.03 ? 24  DG  B O6    1 
ATOM   408 N  N1    . DG  B 2 6  ? -11.522 2.253   -9.415  1.00 12.07 ? 24  DG  B N1    1 
ATOM   409 C  C2    . DG  B 2 6  ? -10.771 3.004   -10.281 1.00 11.59 ? 24  DG  B C2    1 
ATOM   410 N  N2    . DG  B 2 6  ? -10.743 4.330   -10.042 1.00 12.46 ? 24  DG  B N2    1 
ATOM   411 N  N3    . DG  B 2 6  ? -10.085 2.499   -11.294 1.00 11.47 ? 24  DG  B N3    1 
ATOM   412 C  C4    . DG  B 2 6  ? -10.179 1.147   -11.348 1.00 12.11 ? 24  DG  B C4    1 
ATOM   413 P  P     . DC  B 2 7  ? -5.221  1.418   -15.589 1.00 16.12 ? 25  DC  B P     1 
ATOM   414 O  OP1   . DC  B 2 7  ? -4.800  2.503   -16.525 1.00 17.60 ? 25  DC  B OP1   1 
ATOM   415 O  OP2   . DC  B 2 7  ? -4.666  0.062   -15.731 1.00 15.53 ? 25  DC  B OP2   1 
ATOM   416 O  "O5'" . DC  B 2 7  ? -4.963  1.920   -14.099 1.00 12.39 ? 25  DC  B "O5'" 1 
ATOM   417 C  "C5'" . DC  B 2 7  ? -5.539  3.141   -13.681 1.00 9.83  ? 25  DC  B "C5'" 1 
ATOM   418 C  "C4'" . DC  B 2 7  ? -5.348  3.332   -12.196 1.00 10.64 ? 25  DC  B "C4'" 1 
ATOM   419 O  "O4'" . DC  B 2 7  ? -6.401  2.705   -11.433 1.00 11.26 ? 25  DC  B "O4'" 1 
ATOM   420 C  "C3'" . DC  B 2 7  ? -4.031  2.809   -11.625 1.00 10.98 ? 25  DC  B "C3'" 1 
ATOM   421 O  "O3'" . DC  B 2 7  ? -3.492  3.822   -10.788 1.00 11.46 ? 25  DC  B "O3'" 1 
ATOM   422 C  "C2'" . DC  B 2 7  ? -4.479  1.645   -10.755 1.00 10.24 ? 25  DC  B "C2'" 1 
ATOM   423 C  "C1'" . DC  B 2 7  ? -5.796  2.201   -10.271 1.00 10.18 ? 25  DC  B "C1'" 1 
ATOM   424 N  N1    . DC  B 2 7  ? -6.742  1.309   -9.579  1.00 9.05  ? 25  DC  B N1    1 
ATOM   425 C  C2    . DC  B 2 7  ? -7.657  1.883   -8.682  1.00 10.26 ? 25  DC  B C2    1 
ATOM   426 O  O2    . DC  B 2 7  ? -7.686  3.122   -8.553  1.00 12.21 ? 25  DC  B O2    1 
ATOM   427 N  N3    . DC  B 2 7  ? -8.487  1.084   -7.983  1.00 10.24 ? 25  DC  B N3    1 
ATOM   428 C  C4    . DC  B 2 7  ? -8.445  -0.235  -8.153  1.00 9.41  ? 25  DC  B C4    1 
ATOM   429 N  N4    . DC  B 2 7  ? -9.273  -0.975  -7.410  1.00 11.61 ? 25  DC  B N4    1 
ATOM   430 C  C5    . DC  B 2 7  ? -7.551  -0.849  -9.086  1.00 9.91  ? 25  DC  B C5    1 
ATOM   431 C  C6    . DC  B 2 7  ? -6.724  -0.046  -9.773  1.00 10.83 ? 25  DC  B C6    1 
ATOM   432 P  P     . DA  B 2 8  ? -2.558  4.964   -11.424 1.00 10.56 ? 26  DA  B P     1 
ATOM   433 O  OP1   . DA  B 2 8  ? -3.121  5.333   -12.741 1.00 11.40 ? 26  DA  B OP1   1 
ATOM   434 O  OP2   . DA  B 2 8  ? -1.144  4.535   -11.327 1.00 11.41 ? 26  DA  B OP2   1 
ATOM   435 O  "O5'" . DA  B 2 8  ? -2.762  6.186   -10.430 1.00 12.17 ? 26  DA  B "O5'" 1 
ATOM   436 C  "C5'" . DA  B 2 8  ? -3.901  7.042   -10.546 1.00 12.71 ? 26  DA  B "C5'" 1 
ATOM   437 C  "C4'" . DA  B 2 8  ? -4.132  7.762   -9.241  1.00 12.46 ? 26  DA  B "C4'" 1 
ATOM   438 O  "O4'" . DA  B 2 8  ? -4.706  6.861   -8.269  1.00 12.94 ? 26  DA  B "O4'" 1 
ATOM   439 C  "C3'" . DA  B 2 8  ? -2.858  8.296   -8.608  1.00 12.79 ? 26  DA  B "C3'" 1 
ATOM   440 O  "O3'" . DA  B 2 8  ? -3.179  9.523   -7.958  1.00 16.80 ? 26  DA  B "O3'" 1 
ATOM   441 C  "C2'" . DA  B 2 8  ? -2.443  7.178   -7.660  1.00 14.35 ? 26  DA  B "C2'" 1 
ATOM   442 C  "C1'" . DA  B 2 8  ? -3.763  6.519   -7.263  1.00 12.70 ? 26  DA  B "C1'" 1 
ATOM   443 N  N9    . DA  B 2 8  ? -3.735  5.056   -7.206  1.00 11.54 ? 26  DA  B N9    1 
ATOM   444 C  C8    . DA  B 2 8  ? -2.850  4.184   -7.798  1.00 11.93 ? 26  DA  B C8    1 
ATOM   445 N  N7    . DA  B 2 8  ? -3.150  2.921   -7.619  1.00 11.13 ? 26  DA  B N7    1 
ATOM   446 C  C5    . DA  B 2 8  ? -4.301  2.959   -6.838  1.00 9.59  ? 26  DA  B C5    1 
ATOM   447 C  C6    . DA  B 2 8  ? -5.118  1.953   -6.308  1.00 11.09 ? 26  DA  B C6    1 
ATOM   448 N  N6    . DA  B 2 8  ? -4.913  0.655   -6.499  1.00 13.20 ? 26  DA  B N6    1 
ATOM   449 N  N1    . DA  B 2 8  ? -6.180  2.334   -5.565  1.00 11.94 ? 26  DA  B N1    1 
ATOM   450 C  C2    . DA  B 2 8  ? -6.398  3.643   -5.381  1.00 10.76 ? 26  DA  B C2    1 
ATOM   451 N  N3    . DA  B 2 8  ? -5.707  4.681   -5.835  1.00 7.97  ? 26  DA  B N3    1 
ATOM   452 C  C4    . DA  B 2 8  ? -4.656  4.266   -6.566  1.00 10.27 ? 26  DA  B C4    1 
ATOM   453 P  P     . DA  B 2 9  ? -2.104  10.242  -7.023  1.00 18.84 ? 27  DA  B P     1 
ATOM   454 O  OP1   . DA  B 2 9  ? -2.356  11.703  -7.123  1.00 23.84 ? 27  DA  B OP1   1 
ATOM   455 O  OP2   . DA  B 2 9  ? -0.777  9.703   -7.326  1.00 19.52 ? 27  DA  B OP2   1 
ATOM   456 O  "O5'" . DA  B 2 9  ? -2.532  9.759   -5.574  1.00 16.40 ? 27  DA  B "O5'" 1 
ATOM   457 C  "C5'" . DA  B 2 9  ? -3.885  9.898   -5.163  1.00 16.74 ? 27  DA  B "C5'" 1 
ATOM   458 C  "C4'" . DA  B 2 9  ? -4.087  9.281   -3.802  1.00 16.73 ? 27  DA  B "C4'" 1 
ATOM   459 O  "O4'" . DA  B 2 9  ? -4.124  7.839   -3.905  1.00 16.00 ? 27  DA  B "O4'" 1 
ATOM   460 C  "C3'" . DA  B 2 9  ? -3.029  9.618   -2.751  1.00 17.29 ? 27  DA  B "C3'" 1 
ATOM   461 O  "O3'" . DA  B 2 9  ? -3.706  10.066  -1.573  1.00 20.19 ? 27  DA  B "O3'" 1 
ATOM   462 C  "C2'" . DA  B 2 9  ? -2.281  8.307   -2.550  1.00 15.49 ? 27  DA  B "C2'" 1 
ATOM   463 C  "C1'" . DA  B 2 9  ? -3.333  7.263   -2.885  1.00 15.02 ? 27  DA  B "C1'" 1 
ATOM   464 N  N9    . DA  B 2 9  ? -2.830  5.978   -3.383  1.00 14.58 ? 27  DA  B N9    1 
ATOM   465 C  C8    . DA  B 2 9  ? -1.744  5.754   -4.187  1.00 16.14 ? 27  DA  B C8    1 
ATOM   466 N  N7    . DA  B 2 9  ? -1.561  4.487   -4.497  1.00 15.87 ? 27  DA  B N7    1 
ATOM   467 C  C5    . DA  B 2 9  ? -2.591  3.830   -3.841  1.00 13.73 ? 27  DA  B C5    1 
ATOM   468 C  C6    . DA  B 2 9  ? -2.962  2.461   -3.767  1.00 13.07 ? 27  DA  B C6    1 
ATOM   469 N  N6    . DA  B 2 9  ? -2.318  1.482   -4.401  1.00 12.31 ? 27  DA  B N6    1 
ATOM   470 N  N1    . DA  B 2 9  ? -4.036  2.140   -3.019  1.00 11.16 ? 27  DA  B N1    1 
ATOM   471 C  C2    . DA  B 2 9  ? -4.703  3.130   -2.397  1.00 12.51 ? 27  DA  B C2    1 
ATOM   472 N  N3    . DA  B 2 9  ? -4.462  4.446   -2.396  1.00 12.98 ? 27  DA  B N3    1 
ATOM   473 C  C4    . DA  B 2 9  ? -3.381  4.735   -3.144  1.00 14.21 ? 27  DA  B C4    1 
ATOM   474 P  P     . DC  B 2 10 ? -2.878  10.422  -0.240  1.00 23.23 ? 28  DC  B P     1 
ATOM   475 O  OP1   . DC  B 2 10 ? -3.607  11.539  0.397   1.00 26.15 ? 28  DC  B OP1   1 
ATOM   476 O  OP2   . DC  B 2 10 ? -1.424  10.542  -0.509  1.00 23.63 ? 28  DC  B OP2   1 
ATOM   477 O  "O5'" . DC  B 2 10 ? -3.145  9.123   0.625   1.00 25.58 ? 28  DC  B "O5'" 1 
ATOM   478 C  "C5'" . DC  B 2 10 ? -4.446  8.548   0.628   1.00 27.16 ? 28  DC  B "C5'" 1 
ATOM   479 C  "C4'" . DC  B 2 10 ? -4.431  7.231   1.354   1.00 30.52 ? 28  DC  B "C4'" 1 
ATOM   480 O  "O4'" . DC  B 2 10 ? -3.933  6.162   0.507   1.00 28.78 ? 28  DC  B "O4'" 1 
ATOM   481 C  "C3'" . DC  B 2 10 ? -3.561  7.231   2.610   1.00 30.64 ? 28  DC  B "C3'" 1 
ATOM   482 O  "O3'" . DC  B 2 10 ? -4.288  6.626   3.668   1.00 34.00 ? 28  DC  B "O3'" 1 
ATOM   483 C  "C2'" . DC  B 2 10 ? -2.379  6.357   2.223   1.00 30.36 ? 28  DC  B "C2'" 1 
ATOM   484 C  "C1'" . DC  B 2 10 ? -3.035  5.378   1.267   1.00 27.30 ? 28  DC  B "C1'" 1 
ATOM   485 N  N1    . DC  B 2 10 ? -2.118  4.691   0.345   1.00 22.92 ? 28  DC  B N1    1 
ATOM   486 C  C2    . DC  B 2 10 ? -2.288  3.320   0.134   1.00 18.97 ? 28  DC  B C2    1 
ATOM   487 O  O2    . DC  B 2 10 ? -3.197  2.732   0.736   1.00 18.02 ? 28  DC  B O2    1 
ATOM   488 N  N3    . DC  B 2 10 ? -1.456  2.668   -0.714  1.00 16.92 ? 28  DC  B N3    1 
ATOM   489 C  C4    . DC  B 2 10 ? -0.484  3.335   -1.340  1.00 16.57 ? 28  DC  B C4    1 
ATOM   490 N  N4    . DC  B 2 10 ? 0.314   2.651   -2.171  1.00 12.84 ? 28  DC  B N4    1 
ATOM   491 C  C5    . DC  B 2 10 ? -0.284  4.737   -1.141  1.00 19.06 ? 28  DC  B C5    1 
ATOM   492 C  C6    . DC  B 2 10 ? -1.118  5.368   -0.292  1.00 20.59 ? 28  DC  B C6    1 
ATOM   493 P  P     . DA  B 2 11 ? -3.626  6.527   5.130   1.00 36.93 ? 29  DA  B P     1 
ATOM   494 O  OP1   . DA  B 2 11 ? -4.599  7.165   6.055   1.00 37.14 ? 29  DA  B OP1   1 
ATOM   495 O  OP2   . DA  B 2 11 ? -2.203  6.990   5.130   1.00 36.30 ? 29  DA  B OP2   1 
ATOM   496 O  "O5'" . DA  B 2 11 ? -3.606  4.961   5.387   1.00 32.08 ? 29  DA  B "O5'" 1 
ATOM   497 C  "C5'" . DA  B 2 11 ? -4.764  4.180   5.126   1.00 27.07 ? 29  DA  B "C5'" 1 
ATOM   498 C  "C4'" . DA  B 2 11 ? -4.481  2.733   5.442   1.00 24.20 ? 29  DA  B "C4'" 1 
ATOM   499 O  "O4'" . DA  B 2 11 ? -3.660  2.169   4.390   1.00 22.29 ? 29  DA  B "O4'" 1 
ATOM   500 C  "C3'" . DA  B 2 11 ? -3.695  2.562   6.742   1.00 21.92 ? 29  DA  B "C3'" 1 
ATOM   501 O  "O3'" . DA  B 2 11 ? -4.219  1.450   7.483   1.00 23.69 ? 29  DA  B "O3'" 1 
ATOM   502 C  "C2'" . DA  B 2 11 ? -2.260  2.345   6.273   1.00 19.33 ? 29  DA  B "C2'" 1 
ATOM   503 C  "C1'" . DA  B 2 11 ? -2.438  1.664   4.923   1.00 19.21 ? 29  DA  B "C1'" 1 
ATOM   504 N  N9    . DA  B 2 11 ? -1.386  1.950   3.947   1.00 15.97 ? 29  DA  B N9    1 
ATOM   505 C  C8    . DA  B 2 11 ? -0.886  3.174   3.572   1.00 13.13 ? 29  DA  B C8    1 
ATOM   506 N  N7    . DA  B 2 11 ? 0.040   3.105   2.648   1.00 12.51 ? 29  DA  B N7    1 
ATOM   507 C  C5    . DA  B 2 11 ? 0.163   1.744   2.396   1.00 12.67 ? 29  DA  B C5    1 
ATOM   508 C  C6    . DA  B 2 11 ? 0.972   1.016   1.511   1.00 10.88 ? 29  DA  B C6    1 
ATOM   509 N  N6    . DA  B 2 11 ? 1.850   1.579   0.677   1.00 10.91 ? 29  DA  B N6    1 
ATOM   510 N  N1    . DA  B 2 11 ? 0.848   -0.331  1.507   1.00 15.14 ? 29  DA  B N1    1 
ATOM   511 C  C2    . DA  B 2 11 ? -0.029  -0.897  2.344   1.00 12.48 ? 29  DA  B C2    1 
ATOM   512 N  N3    . DA  B 2 11 ? -0.850  -0.318  3.219   1.00 13.72 ? 29  DA  B N3    1 
ATOM   513 C  C4    . DA  B 2 11 ? -0.704  1.018   3.194   1.00 15.10 ? 29  DA  B C4    1 
ATOM   514 P  P     . DT  B 2 12 ? -3.446  0.916   8.787   1.00 24.73 ? 30  DT  B P     1 
ATOM   515 O  OP1   . DT  B 2 12 ? -4.456  0.274   9.668   1.00 25.40 ? 30  DT  B OP1   1 
ATOM   516 O  OP2   . DT  B 2 12 ? -2.556  1.980   9.320   1.00 25.73 ? 30  DT  B OP2   1 
ATOM   517 O  "O5'" . DT  B 2 12 ? -2.513  -0.236  8.213   1.00 23.71 ? 30  DT  B "O5'" 1 
ATOM   518 C  "C5'" . DT  B 2 12 ? -3.063  -1.238  7.369   1.00 22.08 ? 30  DT  B "C5'" 1 
ATOM   519 C  "C4'" . DT  B 2 12 ? -2.046  -2.323  7.117   1.00 20.52 ? 30  DT  B "C4'" 1 
ATOM   520 O  "O4'" . DT  B 2 12 ? -1.093  -1.908  6.110   1.00 20.42 ? 30  DT  B "O4'" 1 
ATOM   521 C  "C3'" . DT  B 2 12 ? -1.237  -2.706  8.353   1.00 21.35 ? 30  DT  B "C3'" 1 
ATOM   522 O  "O3'" . DT  B 2 12 ? -1.211  -4.125  8.450   1.00 23.59 ? 30  DT  B "O3'" 1 
ATOM   523 C  "C2'" . DT  B 2 12 ? 0.145   -2.126  8.077   1.00 20.78 ? 30  DT  B "C2'" 1 
ATOM   524 C  "C1'" . DT  B 2 12 ? 0.222   -2.178  6.561   1.00 19.05 ? 30  DT  B "C1'" 1 
ATOM   525 N  N1    . DT  B 2 12 ? 1.128   -1.207  5.914   1.00 16.76 ? 30  DT  B N1    1 
ATOM   526 C  C2    . DT  B 2 12 ? 2.000   -1.683  4.955   1.00 14.52 ? 30  DT  B C2    1 
ATOM   527 O  O2    . DT  B 2 12 ? 2.091   -2.865  4.656   1.00 16.82 ? 30  DT  B O2    1 
ATOM   528 N  N3    . DT  B 2 12 ? 2.772   -0.719  4.353   1.00 13.58 ? 30  DT  B N3    1 
ATOM   529 C  C4    . DT  B 2 12 ? 2.776   0.639   4.620   1.00 13.29 ? 30  DT  B C4    1 
ATOM   530 O  O4    . DT  B 2 12 ? 3.517   1.391   3.976   1.00 13.92 ? 30  DT  B O4    1 
ATOM   531 C  C5    . DT  B 2 12 ? 1.868   1.065   5.666   1.00 15.07 ? 30  DT  B C5    1 
ATOM   532 C  C7    . DT  B 2 12 ? 1.841   2.512   6.059   1.00 13.90 ? 30  DT  B C7    1 
ATOM   533 C  C6    . DT  B 2 12 ? 1.092   0.132   6.246   1.00 14.78 ? 30  DT  B C6    1 
ATOM   534 P  P     . DT  B 2 13 ? -0.592  -4.829  9.753   1.00 23.09 ? 31  DT  B P     1 
ATOM   535 O  OP1   . DT  B 2 13 ? -1.493  -5.949  10.125  1.00 22.17 ? 31  DT  B OP1   1 
ATOM   536 O  OP2   . DT  B 2 13 ? -0.219  -3.811  10.763  1.00 22.61 ? 31  DT  B OP2   1 
ATOM   537 O  "O5'" . DT  B 2 13 ? 0.747   -5.457  9.163   1.00 24.76 ? 31  DT  B "O5'" 1 
ATOM   538 C  "C5'" . DT  B 2 13 ? 0.726   -6.135  7.898   1.00 24.34 ? 31  DT  B "C5'" 1 
ATOM   539 C  "C4'" . DT  B 2 13 ? 2.130   -6.471  7.466   1.00 25.51 ? 31  DT  B "C4'" 1 
ATOM   540 O  "O4'" . DT  B 2 13 ? 2.773   -5.327  6.851   1.00 24.40 ? 31  DT  B "O4'" 1 
ATOM   541 C  "C3'" . DT  B 2 13 ? 3.028   -6.873  8.635   1.00 25.91 ? 31  DT  B "C3'" 1 
ATOM   542 O  "O3'" . DT  B 2 13 ? 3.956   -7.842  8.174   1.00 29.87 ? 31  DT  B "O3'" 1 
ATOM   543 C  "C2'" . DT  B 2 13 ? 3.788   -5.594  8.933   1.00 25.78 ? 31  DT  B "C2'" 1 
ATOM   544 C  "C1'" . DT  B 2 13 ? 3.989   -5.083  7.520   1.00 23.51 ? 31  DT  B "C1'" 1 
ATOM   545 N  N1    . DT  B 2 13 ? 4.332   -3.666  7.360   1.00 21.05 ? 31  DT  B N1    1 
ATOM   546 C  C2    . DT  B 2 13 ? 5.221   -3.365  6.355   1.00 20.60 ? 31  DT  B C2    1 
ATOM   547 O  O2    . DT  B 2 13 ? 5.675   -4.211  5.603   1.00 20.68 ? 31  DT  B O2    1 
ATOM   548 N  N3    . DT  B 2 13 ? 5.552   -2.040  6.255   1.00 18.16 ? 31  DT  B N3    1 
ATOM   549 C  C4    . DT  B 2 13 ? 5.076   -1.005  7.032   1.00 19.15 ? 31  DT  B C4    1 
ATOM   550 O  O4    . DT  B 2 13 ? 5.459   0.140   6.820   1.00 19.49 ? 31  DT  B O4    1 
ATOM   551 C  C5    . DT  B 2 13 ? 4.128   -1.387  8.061   1.00 20.04 ? 31  DT  B C5    1 
ATOM   552 C  C7    . DT  B 2 13 ? 3.552   -0.327  8.948   1.00 19.97 ? 31  DT  B C7    1 
ATOM   553 C  C6    . DT  B 2 13 ? 3.807   -2.687  8.169   1.00 19.44 ? 31  DT  B C6    1 
ATOM   554 P  P     . DG  B 2 14 ? 3.917   -9.325  8.769   1.00 30.82 ? 32  DG  B P     1 
ATOM   555 O  OP1   . DG  B 2 14 ? 2.646   -9.925  8.284   1.00 30.10 ? 32  DG  B OP1   1 
ATOM   556 O  OP2   . DG  B 2 14 ? 4.209   -9.248  10.223  1.00 29.05 ? 32  DG  B OP2   1 
ATOM   557 O  "O5'" . DG  B 2 14 ? 5.114   -10.048 8.011   1.00 26.42 ? 32  DG  B "O5'" 1 
ATOM   558 C  "C5'" . DG  B 2 14 ? 5.142   -10.057 6.585   1.00 21.52 ? 32  DG  B "C5'" 1 
ATOM   559 C  "C4'" . DG  B 2 14 ? 6.559   -9.871  6.083   1.00 19.87 ? 32  DG  B "C4'" 1 
ATOM   560 O  "O4'" . DG  B 2 14 ? 6.989   -8.497  6.199   1.00 18.35 ? 32  DG  B "O4'" 1 
ATOM   561 C  "C3'" . DG  B 2 14 ? 7.603   -10.698 6.821   1.00 18.79 ? 32  DG  B "C3'" 1 
ATOM   562 O  "O3'" . DG  B 2 14 ? 8.556   -11.153 5.866   1.00 18.41 ? 32  DG  B "O3'" 1 
ATOM   563 C  "C2'" . DG  B 2 14 ? 8.209   -9.710  7.806   1.00 17.34 ? 32  DG  B "C2'" 1 
ATOM   564 C  "C1'" . DG  B 2 14 ? 8.143   -8.396  7.039   1.00 19.06 ? 32  DG  B "C1'" 1 
ATOM   565 N  N9    . DG  B 2 14 ? 7.950   -7.202  7.862   1.00 18.39 ? 32  DG  B N9    1 
ATOM   566 C  C8    . DG  B 2 14 ? 7.206   -7.097  9.014   1.00 17.66 ? 32  DG  B C8    1 
ATOM   567 N  N7    . DG  B 2 14 ? 7.093   -5.866  9.440   1.00 20.05 ? 32  DG  B N7    1 
ATOM   568 C  C5    . DG  B 2 14 ? 7.825   -5.116  8.525   1.00 18.68 ? 32  DG  B C5    1 
ATOM   569 C  C6    . DG  B 2 14 ? 8.028   -3.704  8.430   1.00 16.37 ? 32  DG  B C6    1 
ATOM   570 O  O6    . DG  B 2 14 ? 7.531   -2.802  9.112   1.00 16.05 ? 32  DG  B O6    1 
ATOM   571 N  N1    . DG  B 2 14 ? 8.884   -3.383  7.387   1.00 14.88 ? 32  DG  B N1    1 
ATOM   572 C  C2    . DG  B 2 14 ? 9.447   -4.284  6.523   1.00 13.68 ? 32  DG  B C2    1 
ATOM   573 N  N2    . DG  B 2 14 ? 10.296  -3.777  5.621   1.00 14.62 ? 32  DG  B N2    1 
ATOM   574 N  N3    . DG  B 2 14 ? 9.214   -5.587  6.552   1.00 15.31 ? 32  DG  B N3    1 
ATOM   575 C  C4    . DG  B 2 14 ? 8.405   -5.932  7.576   1.00 17.72 ? 32  DG  B C4    1 
ATOM   576 P  P     . DT  B 2 15 ? 9.718   -12.146 6.313   1.00 17.39 ? 33  DT  B P     1 
ATOM   577 O  OP1   . DT  B 2 15 ? 10.018  -13.006 5.144   1.00 21.06 ? 33  DT  B OP1   1 
ATOM   578 O  OP2   . DT  B 2 15 ? 9.388   -12.746 7.611   1.00 19.38 ? 33  DT  B OP2   1 
ATOM   579 O  "O5'" . DT  B 2 15 ? 10.947  -11.160 6.542   1.00 17.36 ? 33  DT  B "O5'" 1 
ATOM   580 C  "C5'" . DT  B 2 15 ? 11.422  -10.343 5.461   1.00 16.38 ? 33  DT  B "C5'" 1 
ATOM   581 C  "C4'" . DT  B 2 15 ? 12.476  -9.379  5.947   1.00 14.51 ? 33  DT  B "C4'" 1 
ATOM   582 O  "O4'" . DT  B 2 15 ? 11.891  -8.225  6.599   1.00 11.74 ? 33  DT  B "O4'" 1 
ATOM   583 C  "C3'" . DT  B 2 15 ? 13.464  -9.976  6.953   1.00 14.26 ? 33  DT  B "C3'" 1 
ATOM   584 O  "O3'" . DT  B 2 15 ? 14.760  -9.477  6.655   1.00 15.01 ? 33  DT  B "O3'" 1 
ATOM   585 C  "C2'" . DT  B 2 15 ? 13.055  -9.331  8.260   1.00 12.44 ? 33  DT  B "C2'" 1 
ATOM   586 C  "C1'" . DT  B 2 15 ? 12.674  -7.963  7.746   1.00 12.00 ? 33  DT  B "C1'" 1 
ATOM   587 N  N1    . DT  B 2 15 ? 11.918  -7.073  8.651   1.00 12.16 ? 33  DT  B N1    1 
ATOM   588 C  C2    . DT  B 2 15 ? 12.041  -5.716  8.448   1.00 11.17 ? 33  DT  B C2    1 
ATOM   589 O  O2    . DT  B 2 15 ? 12.708  -5.240  7.549   1.00 11.42 ? 33  DT  B O2    1 
ATOM   590 N  N3    . DT  B 2 15 ? 11.349  -4.932  9.340   1.00 12.50 ? 33  DT  B N3    1 
ATOM   591 C  C4    . DT  B 2 15 ? 10.566  -5.363  10.392  1.00 13.91 ? 33  DT  B C4    1 
ATOM   592 O  O4    . DT  B 2 15 ? 10.002  -4.540  11.114  1.00 12.89 ? 33  DT  B O4    1 
ATOM   593 C  C5    . DT  B 2 15 ? 10.483  -6.805  10.542  1.00 14.02 ? 33  DT  B C5    1 
ATOM   594 C  C7    . DT  B 2 15 ? 9.685   -7.371  11.668  1.00 17.19 ? 33  DT  B C7    1 
ATOM   595 C  C6    . DT  B 2 15 ? 11.140  -7.575  9.668   1.00 13.01 ? 33  DT  B C6    1 
ATOM   596 P  P     . DA  B 2 16 ? 15.853  -10.443 5.991   1.00 14.58 ? 34  DA  B P     1 
ATOM   597 O  OP1   . DA  B 2 16 ? 15.235  -11.155 4.843   1.00 15.83 ? 34  DA  B OP1   1 
ATOM   598 O  OP2   . DA  B 2 16 ? 16.525  -11.211 7.065   1.00 13.76 ? 34  DA  B OP2   1 
ATOM   599 O  "O5'" . DA  B 2 16 ? 16.885  -9.412  5.375   1.00 13.14 ? 34  DA  B "O5'" 1 
ATOM   600 C  "C5'" . DA  B 2 16 ? 16.471  -8.508  4.370   1.00 10.86 ? 34  DA  B "C5'" 1 
ATOM   601 C  "C4'" . DA  B 2 16 ? 17.147  -7.173  4.570   1.00 10.05 ? 34  DA  B "C4'" 1 
ATOM   602 O  "O4'" . DA  B 2 16 ? 16.499  -6.419  5.620   1.00 10.82 ? 34  DA  B "O4'" 1 
ATOM   603 C  "C3'" . DA  B 2 16 ? 18.618  -7.261  4.959   1.00 10.31 ? 34  DA  B "C3'" 1 
ATOM   604 O  "O3'" . DA  B 2 16 ? 19.302  -6.191  4.301   1.00 11.42 ? 34  DA  B "O3'" 1 
ATOM   605 C  "C2'" . DA  B 2 16 ? 18.584  -7.084  6.471   1.00 12.26 ? 34  DA  B "C2'" 1 
ATOM   606 C  "C1'" . DA  B 2 16 ? 17.418  -6.123  6.670   1.00 10.29 ? 34  DA  B "C1'" 1 
ATOM   607 N  N9    . DA  B 2 16 ? 16.676  -6.259  7.926   1.00 10.28 ? 34  DA  B N9    1 
ATOM   608 C  C8    . DA  B 2 16 ? 16.278  -7.423  8.533   1.00 11.63 ? 34  DA  B C8    1 
ATOM   609 N  N7    . DA  B 2 16 ? 15.528  -7.238  9.588   1.00 10.56 ? 34  DA  B N7    1 
ATOM   610 C  C5    . DA  B 2 16 ? 15.444  -5.859  9.702   1.00 10.40 ? 34  DA  B C5    1 
ATOM   611 C  C6    . DA  B 2 16 ? 14.791  -5.022  10.623  1.00 10.69 ? 34  DA  B C6    1 
ATOM   612 N  N6    . DA  B 2 16 ? 14.046  -5.467  11.636  1.00 8.52  ? 34  DA  B N6    1 
ATOM   613 N  N1    . DA  B 2 16 ? 14.932  -3.691  10.469  1.00 10.76 ? 34  DA  B N1    1 
ATOM   614 C  C2    . DA  B 2 16 ? 15.678  -3.237  9.454   1.00 9.26  ? 34  DA  B C2    1 
ATOM   615 N  N3    . DA  B 2 16 ? 16.327  -3.917  8.521   1.00 10.79 ? 34  DA  B N3    1 
ATOM   616 C  C4    . DA  B 2 16 ? 16.170  -5.241  8.699   1.00 11.36 ? 34  DA  B C4    1 
ATOM   617 P  P     . DG  B 2 17 ? 20.893  -6.087  4.381   1.00 10.44 ? 35  DG  B P     1 
ATOM   618 O  OP1   . DG  B 2 17 ? 21.292  -5.222  3.257   1.00 9.95  ? 35  DG  B OP1   1 
ATOM   619 O  OP2   . DG  B 2 17 ? 21.456  -7.438  4.525   1.00 12.06 ? 35  DG  B OP2   1 
ATOM   620 O  "O5'" . DG  B 2 17 ? 21.136  -5.276  5.718   1.00 11.25 ? 35  DG  B "O5'" 1 
ATOM   621 C  "C5'" . DG  B 2 17 ? 20.662  -3.937  5.818   1.00 10.15 ? 35  DG  B "C5'" 1 
ATOM   622 C  "C4'" . DG  B 2 17 ? 20.913  -3.381  7.195   1.00 7.82  ? 35  DG  B "C4'" 1 
ATOM   623 O  "O4'" . DG  B 2 17 ? 19.871  -3.775  8.118   1.00 9.87  ? 35  DG  B "O4'" 1 
ATOM   624 C  "C3'" . DG  B 2 17 ? 22.246  -3.771  7.845   1.00 8.14  ? 35  DG  B "C3'" 1 
ATOM   625 O  "O3'" . DG  B 2 17 ? 23.016  -2.580  8.042   1.00 7.70  ? 35  DG  B "O3'" 1 
ATOM   626 C  "C2'" . DG  B 2 17 ? 21.842  -4.407  9.172   1.00 8.24  ? 35  DG  B "C2'" 1 
ATOM   627 C  "C1'" . DG  B 2 17 ? 20.443  -3.857  9.407   1.00 8.05  ? 35  DG  B "C1'" 1 
ATOM   628 N  N9    . DG  B 2 17 ? 19.577  -4.687  10.249  1.00 8.73  ? 35  DG  B N9    1 
ATOM   629 C  C8    . DG  B 2 17 ? 19.492  -6.060  10.277  1.00 8.40  ? 35  DG  B C8    1 
ATOM   630 N  N7    . DG  B 2 17 ? 18.672  -6.501  11.195  1.00 10.28 ? 35  DG  B N7    1 
ATOM   631 C  C5    . DG  B 2 17 ? 18.174  -5.349  11.795  1.00 9.08  ? 35  DG  B C5    1 
ATOM   632 C  C6    . DG  B 2 17 ? 17.243  -5.183  12.869  1.00 9.18  ? 35  DG  B C6    1 
ATOM   633 O  O6    . DG  B 2 17 ? 16.651  -6.047  13.527  1.00 11.02 ? 35  DG  B O6    1 
ATOM   634 N  N1    . DG  B 2 17 ? 17.025  -3.845  13.149  1.00 9.10  ? 35  DG  B N1    1 
ATOM   635 C  C2    . DG  B 2 17 ? 17.612  -2.795  12.488  1.00 9.66  ? 35  DG  B C2    1 
ATOM   636 N  N2    . DG  B 2 17 ? 17.290  -1.566  12.907  1.00 13.43 ? 35  DG  B N2    1 
ATOM   637 N  N3    . DG  B 2 17 ? 18.461  -2.932  11.491  1.00 10.49 ? 35  DG  B N3    1 
ATOM   638 C  C4    . DG  B 2 17 ? 18.704  -4.224  11.204  1.00 8.80  ? 35  DG  B C4    1 
ATOM   639 P  P     . DT  B 2 18 ? 24.459  -2.640  8.737   1.00 9.20  ? 36  DT  B P     1 
ATOM   640 O  OP1   . DT  B 2 18 ? 25.228  -1.528  8.140   1.00 8.69  ? 36  DT  B OP1   1 
ATOM   641 O  OP2   . DT  B 2 18 ? 25.000  -4.020  8.708   1.00 9.44  ? 36  DT  B OP2   1 
ATOM   642 O  "O5'" . DT  B 2 18 ? 24.111  -2.217  10.228  1.00 11.70 ? 36  DT  B "O5'" 1 
ATOM   643 C  "C5'" . DT  B 2 18 ? 23.408  -0.976  10.457  1.00 12.34 ? 36  DT  B "C5'" 1 
ATOM   644 C  "C4'" . DT  B 2 18 ? 22.945  -0.859  11.888  1.00 14.65 ? 36  DT  B "C4'" 1 
ATOM   645 O  "O4'" . DT  B 2 18 ? 21.924  -1.851  12.152  1.00 12.73 ? 36  DT  B "O4'" 1 
ATOM   646 C  "C3'" . DT  B 2 18 ? 24.028  -1.066  12.955  1.00 15.35 ? 36  DT  B "C3'" 1 
ATOM   647 O  "O3'" . DT  B 2 18 ? 24.246  0.072   13.768  1.00 19.92 ? 36  DT  B "O3'" 1 
ATOM   648 C  "C2'" . DT  B 2 18 ? 23.511  -2.218  13.790  1.00 14.07 ? 36  DT  B "C2'" 1 
ATOM   649 C  "C1'" . DT  B 2 18 ? 22.030  -2.173  13.520  1.00 12.46 ? 36  DT  B "C1'" 1 
ATOM   650 N  N1    . DT  B 2 18 ? 21.361  -3.454  13.770  1.00 9.82  ? 36  DT  B N1    1 
ATOM   651 C  C2    . DT  B 2 18 ? 20.372  -3.483  14.748  1.00 11.03 ? 36  DT  B C2    1 
ATOM   652 O  O2    . DT  B 2 18 ? 19.964  -2.485  15.331  1.00 9.11  ? 36  DT  B O2    1 
ATOM   653 N  N3    . DT  B 2 18 ? 19.870  -4.727  15.008  1.00 7.94  ? 36  DT  B N3    1 
ATOM   654 C  C4    . DT  B 2 18 ? 20.230  -5.918  14.404  1.00 10.03 ? 36  DT  B C4    1 
ATOM   655 O  O4    . DT  B 2 18 ? 19.731  -6.963  14.788  1.00 8.30  ? 36  DT  B O4    1 
ATOM   656 C  C5    . DT  B 2 18 ? 21.223  -5.809  13.345  1.00 9.36  ? 36  DT  B C5    1 
ATOM   657 C  C7    . DT  B 2 18 ? 21.633  -7.040  12.594  1.00 7.57  ? 36  DT  B C7    1 
ATOM   658 C  C6    . DT  B 2 18 ? 21.732  -4.595  13.089  1.00 9.58  ? 36  DT  B C6    1 
HETATM 659 CA CA    . CA  C 3 .  ? -12.226 3.446   -17.208 1.00 15.66 ? 37  CA  A CA    1 
HETATM 660 CA CA    . CA  D 3 .  ? 18.991  1.396   9.628   1.00 15.05 ? 38  CA  A CA    1 
HETATM 661 CA CA    . CA  E 3 .  ? -8.362  8.873   -5.475  1.00 15.67 ? 39  CA  A CA    1 
HETATM 662 CA CA    . CA  F 3 .  ? 16.154  2.371   0.045   0.33 10.13 ? 41  CA  A CA    1 
HETATM 663 CA CA    . CA  G 3 .  ? 12.214  3.277   -2.925  0.33 10.13 ? 42  CA  A CA    1 
HETATM 664 CA CA    . CA  H 3 .  ? 10.968  2.204   24.067  0.33 19.75 ? 45  CA  A CA    1 
HETATM 665 CA CA    . CA  I 3 .  ? -14.045 9.313   -22.723 0.33 30.28 ? 47  CA  A CA    1 
HETATM 666 CA CA    . CA  J 3 .  ? 11.243  -6.828  2.327   1.00 17.14 ? 40  CA  B CA    1 
HETATM 667 CA CA    . CA  K 3 .  ? 0.791   5.902   -11.538 0.33 10.06 ? 43  CA  B CA    1 
HETATM 668 CA CA    . CA  L 3 .  ? -3.087  6.794   -14.461 0.33 10.06 ? 44  CA  B CA    1 
HETATM 669 CA CA    . CA  M 3 .  ? 26.956  -0.112  8.189   0.33 5.45  ? 46  CA  B CA    1 
HETATM 670 CA CA    . CA  N 3 .  ? -21.361 -9.525  -12.430 0.33 27.39 ? 48  CA  B CA    1 
HETATM 671 O  O     . HOH O 4 .  ? -16.648 12.285  -20.867 1.00 7.26  ? 50  HOH A O     1 
HETATM 672 O  O     . HOH O 4 .  ? 14.789  1.161   24.699  1.00 5.94  ? 52  HOH A O     1 
HETATM 673 O  O     . HOH O 4 .  ? 17.033  3.715   1.741   1.00 9.44  ? 54  HOH A O     1 
HETATM 674 O  O     . HOH O 4 .  ? -11.333 6.201   -13.847 1.00 10.36 ? 55  HOH A O     1 
HETATM 675 O  O     . HOH O 4 .  ? -9.683  7.306   -3.922  1.00 21.87 ? 58  HOH A O     1 
HETATM 676 O  O     . HOH O 4 .  ? 10.446  -4.930  14.225  1.00 18.10 ? 60  HOH A O     1 
HETATM 677 O  O     . HOH O 4 .  ? -18.658 8.877   -10.567 1.00 17.81 ? 64  HOH A O     1 
HETATM 678 O  O     . HOH O 4 .  ? -2.803  -2.004  3.123   1.00 22.76 ? 65  HOH A O     1 
HETATM 679 O  O     . HOH O 4 .  ? 12.490  -4.536  2.258   1.00 25.75 ? 66  HOH A O     1 
HETATM 680 O  O     . HOH O 4 .  ? 9.200   0.638   23.444  1.00 10.45 ? 68  HOH A O     1 
HETATM 681 O  O     . HOH O 4 .  ? 9.482   -5.004  2.106   1.00 16.42 ? 69  HOH A O     1 
HETATM 682 O  O     . HOH O 4 .  ? -14.805 12.715  -17.704 1.00 14.81 ? 70  HOH A O     1 
HETATM 683 O  O     . HOH O 4 .  ? 10.644  5.223   -2.575  1.00 18.88 ? 75  HOH A O     1 
HETATM 684 O  O     . HOH O 4 .  ? -15.666 12.869  -15.194 1.00 19.83 ? 78  HOH A O     1 
HETATM 685 O  O     . HOH O 4 .  ? -11.595 15.134  -15.214 1.00 30.10 ? 79  HOH A O     1 
HETATM 686 O  O     . HOH O 4 .  ? -5.789  1.489   2.026   1.00 35.16 ? 80  HOH A O     1 
HETATM 687 O  O     . HOH O 4 .  ? -10.149 7.350   -6.702  1.00 28.58 ? 81  HOH A O     1 
HETATM 688 O  O     . HOH O 4 .  ? 9.220   2.533   19.777  1.00 21.36 ? 82  HOH A O     1 
HETATM 689 O  O     . HOH O 4 .  ? 11.767  6.823   5.935   1.00 24.45 ? 83  HOH A O     1 
HETATM 690 O  O     . HOH O 4 .  ? 16.665  0.874   9.587   1.00 17.20 ? 86  HOH A O     1 
HETATM 691 O  O     . HOH O 4 .  ? 1.000   -5.133  3.414   1.00 25.08 ? 87  HOH A O     1 
HETATM 692 O  O     . HOH O 4 .  ? -11.517 10.192  -19.351 1.00 13.10 ? 88  HOH A O     1 
HETATM 693 O  O     . HOH O 4 .  ? -6.473  -3.351  -6.223  1.00 23.85 ? 95  HOH A O     1 
HETATM 694 O  O     . HOH O 4 .  ? -12.515 -1.615  -4.704  1.00 23.46 ? 96  HOH A O     1 
HETATM 695 O  O     . HOH O 4 .  ? 4.641   -5.440  -4.463  1.00 31.74 ? 102 HOH A O     1 
HETATM 696 O  O     . HOH O 4 .  ? -16.043 13.391  -10.197 1.00 33.27 ? 103 HOH A O     1 
HETATM 697 O  O     . HOH O 4 .  ? -10.204 7.875   -9.257  1.00 18.71 ? 104 HOH A O     1 
HETATM 698 O  O     . HOH O 4 .  ? 15.566  0.025   6.114   1.00 12.09 ? 105 HOH A O     1 
HETATM 699 O  O     . HOH O 4 .  ? -20.256 6.165   -9.757  1.00 23.02 ? 106 HOH A O     1 
HETATM 700 O  O     . HOH O 4 .  ? 14.443  9.526   6.819   1.00 29.05 ? 107 HOH A O     1 
HETATM 701 O  O     . HOH O 4 .  ? -11.230 12.710  -5.537  1.00 20.49 ? 108 HOH A O     1 
HETATM 702 O  O     . HOH O 4 .  ? 13.301  -7.743  16.179  1.00 26.49 ? 109 HOH A O     1 
HETATM 703 O  O     . HOH O 4 .  ? 8.408   -0.801  12.353  1.00 25.29 ? 114 HOH A O     1 
HETATM 704 O  O     . HOH O 4 .  ? 9.000   5.192   19.071  1.00 31.52 ? 115 HOH A O     1 
HETATM 705 O  O     . HOH O 4 .  ? 12.940  -1.553  3.837   1.00 18.77 ? 117 HOH A O     1 
HETATM 706 O  O     . HOH O 4 .  ? -21.498 8.167   -11.735 1.00 23.17 ? 118 HOH A O     1 
HETATM 707 O  O     . HOH O 4 .  ? 17.109  -9.629  17.483  1.00 44.51 ? 119 HOH A O     1 
HETATM 708 O  O     . HOH O 4 .  ? -9.423  -1.680  5.244   1.00 34.42 ? 120 HOH A O     1 
HETATM 709 O  O     . HOH O 4 .  ? -1.938  -4.884  4.522   1.00 31.62 ? 121 HOH A O     1 
HETATM 710 O  O     . HOH O 4 .  ? 12.120  -0.061  -4.942  1.00 22.21 ? 123 HOH A O     1 
HETATM 711 O  O     . HOH O 4 .  ? -12.172 12.510  -17.826 1.00 10.59 ? 127 HOH A O     1 
HETATM 712 O  O     . HOH O 4 .  ? -9.756  7.731   -15.346 1.00 13.50 ? 128 HOH A O     1 
HETATM 713 O  O     . HOH O 4 .  ? -7.471  9.516   -3.188  1.00 19.36 ? 131 HOH A O     1 
HETATM 714 O  O     . HOH O 4 .  ? -8.696  14.092  -18.355 1.00 18.84 ? 133 HOH A O     1 
HETATM 715 O  O     . HOH O 4 .  ? -9.572  12.903  -7.769  1.00 24.79 ? 135 HOH A O     1 
HETATM 716 O  O     . HOH O 4 .  ? 11.452  9.495   5.562   1.00 24.77 ? 137 HOH A O     1 
HETATM 717 O  O     . HOH O 4 .  ? 17.119  1.334   4.587   1.00 28.24 ? 140 HOH A O     1 
HETATM 718 O  O     . HOH O 4 .  ? -9.344  10.264  -7.756  1.00 27.66 ? 141 HOH A O     1 
HETATM 719 O  O     . HOH O 4 .  ? -11.615 15.500  -17.906 1.00 26.47 ? 142 HOH A O     1 
HETATM 720 O  O     . HOH O 4 .  ? -17.741 4.999   -6.971  1.00 27.59 ? 144 HOH A O     1 
HETATM 721 O  O     . HOH O 4 .  ? 7.281   3.366   2.459   1.00 23.56 ? 146 HOH A O     1 
HETATM 722 O  O     . HOH O 4 .  ? -7.661  -6.015  -4.541  1.00 33.11 ? 149 HOH A O     1 
HETATM 723 O  O     . HOH O 4 .  ? -9.523  11.772  -17.662 1.00 19.62 ? 151 HOH A O     1 
HETATM 724 O  O     . HOH O 4 .  ? -10.012 10.529  -4.487  1.00 20.94 ? 152 HOH A O     1 
HETATM 725 O  O     . HOH O 4 .  ? 7.923   -1.758  -4.478  1.00 28.60 ? 154 HOH A O     1 
HETATM 726 O  O     . HOH O 4 .  ? 4.868   2.509   -2.098  1.00 38.49 ? 155 HOH A O     1 
HETATM 727 O  O     . HOH O 4 .  ? -8.663  7.667   -1.062  1.00 37.54 ? 157 HOH A O     1 
HETATM 728 O  O     . HOH O 4 .  ? -14.973 -0.963  -5.178  1.00 31.32 ? 158 HOH A O     1 
HETATM 729 O  O     . HOH O 4 .  ? -8.735  4.827   -1.455  1.00 23.88 ? 159 HOH A O     1 
HETATM 730 O  O     . HOH O 4 .  ? -17.888 10.016  -8.135  1.00 32.25 ? 161 HOH A O     1 
HETATM 731 O  O     . HOH O 4 .  ? 10.821  7.329   8.716   1.00 36.76 ? 162 HOH A O     1 
HETATM 732 O  O     . HOH O 4 .  ? 2.965   -7.401  3.494   1.00 30.91 ? 164 HOH A O     1 
HETATM 733 O  O     . HOH O 4 .  ? 10.123  2.123   14.902  1.00 34.29 ? 165 HOH A O     1 
HETATM 734 O  O     . HOH O 4 .  ? -7.419  4.421   1.445   1.00 28.89 ? 168 HOH A O     1 
HETATM 735 O  O     . HOH O 4 .  ? -17.298 11.119  -14.174 1.00 17.80 ? 169 HOH A O     1 
HETATM 736 O  O     . HOH O 4 .  ? -6.871  -5.717  -1.762  1.00 27.40 ? 173 HOH A O     1 
HETATM 737 O  O     . HOH O 4 .  ? -13.925 16.499  -13.467 1.00 33.84 ? 174 HOH A O     1 
HETATM 738 O  O     . HOH O 4 .  ? -2.141  -2.335  -5.988  1.00 24.56 ? 177 HOH A O     1 
HETATM 739 O  O     . HOH O 4 .  ? -20.061 8.848   -8.296  1.00 35.78 ? 179 HOH A O     1 
HETATM 740 O  O     . HOH O 4 .  ? -14.234 12.937  -2.083  1.00 29.13 ? 180 HOH A O     1 
HETATM 741 O  O     . HOH O 4 .  ? -10.568 3.790   2.956   1.00 37.61 ? 181 HOH A O     1 
HETATM 742 O  O     . HOH O 4 .  ? 9.111   1.874   12.073  1.00 32.47 ? 182 HOH A O     1 
HETATM 743 O  O     . HOH O 4 .  ? 15.003  -9.192  19.619  1.00 31.30 ? 186 HOH A O     1 
HETATM 744 O  O     . HOH O 4 .  ? 11.135  -7.541  14.611  1.00 30.00 ? 187 HOH A O     1 
HETATM 745 O  O     . HOH O 4 .  ? 9.134   9.955   7.032   1.00 29.24 ? 191 HOH A O     1 
HETATM 746 O  O     . HOH O 4 .  ? 17.408  1.624   7.214   1.00 26.17 ? 195 HOH A O     1 
HETATM 747 O  O     . HOH O 4 .  ? 6.370   3.953   9.223   1.00 36.09 ? 197 HOH A O     1 
HETATM 748 O  O     . HOH O 4 .  ? 5.480   2.974   0.147   1.00 33.83 ? 200 HOH A O     1 
HETATM 749 O  O     . HOH O 4 .  ? 14.851  -9.708  15.695  1.00 27.66 ? 202 HOH A O     1 
HETATM 750 O  O     . HOH O 4 .  ? -16.321 15.719  -14.340 1.00 30.50 ? 203 HOH A O     1 
HETATM 751 O  O     . HOH O 4 .  ? 1.480   -4.893  -6.071  1.00 36.25 ? 206 HOH A O     1 
HETATM 752 O  O     . HOH O 4 .  ? 18.950  -11.083 16.606  1.00 28.77 ? 207 HOH A O     1 
HETATM 753 O  O     . HOH O 4 .  ? 7.590   5.504   7.559   1.00 32.15 ? 208 HOH A O     1 
HETATM 754 O  O     . HOH O 4 .  ? 1.719   1.036   -5.786  1.00 33.49 ? 209 HOH A O     1 
HETATM 755 O  O     . HOH O 4 .  ? -19.147 13.419  -21.215 1.00 18.01 ? 210 HOH A O     1 
HETATM 756 O  O     . HOH O 4 .  ? 9.695   -3.441  22.548  1.00 25.54 ? 211 HOH A O     1 
HETATM 757 O  O     . HOH O 4 .  ? -15.083 13.018  -4.312  1.00 25.07 ? 212 HOH A O     1 
HETATM 758 O  O     . HOH O 4 .  ? 4.673   0.358   12.372  1.00 34.36 ? 213 HOH A O     1 
HETATM 759 O  O     . HOH O 4 .  ? 5.519   -6.304  2.425   1.00 30.48 ? 215 HOH A O     1 
HETATM 760 O  O     . HOH O 4 .  ? 9.497   5.391   5.912   1.00 39.47 ? 217 HOH A O     1 
HETATM 761 O  O     . HOH O 4 .  ? 17.407  7.031   12.849  1.00 26.07 ? 220 HOH A O     1 
HETATM 762 O  O     . HOH O 4 .  ? 18.463  -13.501 17.887  1.00 45.19 ? 225 HOH A O     1 
HETATM 763 O  O     . HOH O 4 .  ? -17.099 11.198  -11.130 1.00 32.63 ? 227 HOH A O     1 
HETATM 764 O  O     . HOH O 4 .  ? -18.090 7.074   -7.859  1.00 32.37 ? 229 HOH A O     1 
HETATM 765 O  O     . HOH O 4 .  ? -8.658  -4.979  6.590   1.00 32.62 ? 230 HOH A O     1 
HETATM 766 O  O     . HOH O 4 .  ? 9.547   -9.951  22.869  1.00 43.47 ? 232 HOH A O     1 
HETATM 767 O  O     . HOH O 4 .  ? 6.665   1.918   10.408  1.00 36.69 ? 233 HOH A O     1 
HETATM 768 O  O     . HOH O 4 .  ? 3.777   0.957   -3.985  1.00 35.31 ? 234 HOH A O     1 
HETATM 769 O  O     . HOH O 4 .  ? -6.830  -4.521  -8.378  1.00 47.09 ? 238 HOH A O     1 
HETATM 770 O  O     . HOH O 4 .  ? 5.499   5.508   0.349   1.00 38.25 ? 240 HOH A O     1 
HETATM 771 O  O     . HOH O 4 .  ? -17.958 0.823   -17.387 1.00 40.49 ? 242 HOH A O     1 
HETATM 772 O  O     . HOH O 4 .  ? -9.979  -2.801  8.123   1.00 37.20 ? 244 HOH A O     1 
HETATM 773 O  O     . HOH O 4 .  ? -12.902 -3.206  -2.380  1.00 36.27 ? 245 HOH A O     1 
HETATM 774 O  O     . HOH P 4 .  ? 26.239  1.449   12.326  1.00 9.24  ? 49  HOH B O     1 
HETATM 775 O  O     . HOH P 4 .  ? -23.476 -7.224  -15.024 1.00 4.57  ? 51  HOH B O     1 
HETATM 776 O  O     . HOH P 4 .  ? -4.186  5.454   -16.274 1.00 10.25 ? 53  HOH B O     1 
HETATM 777 O  O     . HOH P 4 .  ? 17.389  -1.897  7.103   1.00 12.81 ? 56  HOH B O     1 
HETATM 778 O  O     . HOH P 4 .  ? -25.037 -6.702  -9.131  1.00 11.99 ? 57  HOH B O     1 
HETATM 779 O  O     . HOH P 4 .  ? 9.497   -7.290  3.975   1.00 20.24 ? 59  HOH B O     1 
HETATM 780 O  O     . HOH P 4 .  ? -16.991 0.349   -7.118  1.00 18.70 ? 61  HOH B O     1 
HETATM 781 O  O     . HOH P 4 .  ? 25.018  -5.565  6.473   1.00 12.78 ? 62  HOH B O     1 
HETATM 782 O  O     . HOH P 4 .  ? 18.359  -9.100  11.159  1.00 19.64 ? 63  HOH B O     1 
HETATM 783 O  O     . HOH P 4 .  ? 19.569  -10.790 6.562   1.00 21.74 ? 67  HOH B O     1 
HETATM 784 O  O     . HOH P 4 .  ? -11.808 2.354   -15.062 1.00 14.91 ? 71  HOH B O     1 
HETATM 785 O  O     . HOH P 4 .  ? -7.296  8.325   -7.776  1.00 22.69 ? 72  HOH B O     1 
HETATM 786 O  O     . HOH P 4 .  ? -21.117 -9.123  -10.036 1.00 11.13 ? 73  HOH B O     1 
HETATM 787 O  O     . HOH P 4 .  ? 12.039  -6.126  4.824   1.00 19.42 ? 74  HOH B O     1 
HETATM 788 O  O     . HOH P 4 .  ? -6.865  7.091   -5.072  1.00 14.79 ? 76  HOH B O     1 
HETATM 789 O  O     . HOH P 4 .  ? 25.405  1.171   15.891  1.00 37.62 ? 77  HOH B O     1 
HETATM 790 O  O     . HOH P 4 .  ? 24.216  -1.401  5.305   1.00 17.77 ? 84  HOH B O     1 
HETATM 791 O  O     . HOH P 4 .  ? -28.466 -5.153  -7.583  1.00 32.29 ? 85  HOH B O     1 
HETATM 792 O  O     . HOH P 4 .  ? -4.665  -1.582  -14.205 1.00 18.84 ? 89  HOH B O     1 
HETATM 793 O  O     . HOH P 4 .  ? 5.013   2.171   8.195   1.00 30.87 ? 90  HOH B O     1 
HETATM 794 O  O     . HOH P 4 .  ? 16.329  -8.717  13.640  1.00 24.28 ? 91  HOH B O     1 
HETATM 795 O  O     . HOH P 4 .  ? 23.045  -7.729  6.808   1.00 22.98 ? 92  HOH B O     1 
HETATM 796 O  O     . HOH P 4 .  ? -5.344  -0.652  4.142   1.00 37.81 ? 93  HOH B O     1 
HETATM 797 O  O     . HOH P 4 .  ? -17.251 -7.808  -10.968 1.00 21.70 ? 94  HOH B O     1 
HETATM 798 O  O     . HOH P 4 .  ? 6.305   -2.360  11.493  1.00 30.57 ? 97  HOH B O     1 
HETATM 799 O  O     . HOH P 4 .  ? -9.128  4.539   -13.103 1.00 15.28 ? 98  HOH B O     1 
HETATM 800 O  O     . HOH P 4 .  ? -7.586  3.829   -17.342 1.00 20.07 ? 99  HOH B O     1 
HETATM 801 O  O     . HOH P 4 .  ? 19.442  -9.501  14.309  1.00 21.77 ? 100 HOH B O     1 
HETATM 802 O  O     . HOH P 4 .  ? 14.005  -10.734 2.560   1.00 23.27 ? 101 HOH B O     1 
HETATM 803 O  O     . HOH P 4 .  ? -22.801 -5.662  -7.953  1.00 20.23 ? 110 HOH B O     1 
HETATM 804 O  O     . HOH P 4 .  ? 14.356  -4.919  4.650   1.00 21.24 ? 111 HOH B O     1 
HETATM 805 O  O     . HOH P 4 .  ? -22.575 4.232   -8.725  1.00 31.64 ? 112 HOH B O     1 
HETATM 806 O  O     . HOH P 4 .  ? -20.524 2.534   -7.788  1.00 22.82 ? 113 HOH B O     1 
HETATM 807 O  O     . HOH P 4 .  ? 23.303  -7.129  2.001   1.00 22.65 ? 116 HOH B O     1 
HETATM 808 O  O     . HOH P 4 .  ? 0.601   3.660   -5.768  1.00 27.72 ? 122 HOH B O     1 
HETATM 809 O  O     . HOH P 4 .  ? -6.792  5.642   -9.187  1.00 18.82 ? 124 HOH B O     1 
HETATM 810 O  O     . HOH P 4 .  ? 1.029   9.056   -9.292  1.00 28.03 ? 125 HOH B O     1 
HETATM 811 O  O     . HOH P 4 .  ? 24.026  -3.894  4.327   1.00 11.97 ? 126 HOH B O     1 
HETATM 812 O  O     . HOH P 4 .  ? 18.870  -1.094  4.849   1.00 19.68 ? 129 HOH B O     1 
HETATM 813 O  O     . HOH P 4 .  ? 25.572  -5.402  2.191   1.00 22.26 ? 130 HOH B O     1 
HETATM 814 O  O     . HOH P 4 .  ? 9.664   -8.041  1.014   1.00 20.62 ? 132 HOH B O     1 
HETATM 815 O  O     . HOH P 4 .  ? -2.781  -3.489  -15.541 1.00 19.89 ? 134 HOH B O     1 
HETATM 816 O  O     . HOH P 4 .  ? 15.447  -9.018  1.049   1.00 21.67 ? 136 HOH B O     1 
HETATM 817 O  O     . HOH P 4 .  ? 11.803  -9.181  2.414   1.00 16.27 ? 138 HOH B O     1 
HETATM 818 O  O     . HOH P 4 .  ? 24.490  -2.775  0.814   1.00 23.09 ? 139 HOH B O     1 
HETATM 819 O  O     . HOH P 4 .  ? 22.952  -2.194  2.707   1.00 37.78 ? 143 HOH B O     1 
HETATM 820 O  O     . HOH P 4 .  ? 21.895  -7.754  8.913   1.00 21.16 ? 145 HOH B O     1 
HETATM 821 O  O     . HOH P 4 .  ? -2.837  -0.306  -8.085  1.00 29.05 ? 147 HOH B O     1 
HETATM 822 O  O     . HOH P 4 .  ? -6.695  6.464   5.531   1.00 22.48 ? 148 HOH B O     1 
HETATM 823 O  O     . HOH P 4 .  ? -19.655 -1.462  -15.406 1.00 32.75 ? 150 HOH B O     1 
HETATM 824 O  O     . HOH P 4 .  ? -7.463  5.902   -15.400 1.00 23.98 ? 153 HOH B O     1 
HETATM 825 O  O     . HOH P 4 .  ? 2.518   2.488   10.028  1.00 39.02 ? 156 HOH B O     1 
HETATM 826 O  O     . HOH P 4 .  ? 7.786   -4.466  13.149  1.00 42.47 ? 160 HOH B O     1 
HETATM 827 O  O     . HOH P 4 .  ? 23.164  0.741   3.380   1.00 29.48 ? 163 HOH B O     1 
HETATM 828 O  O     . HOH P 4 .  ? -5.955  -4.206  -14.168 1.00 31.46 ? 166 HOH B O     1 
HETATM 829 O  O     . HOH P 4 .  ? -12.707 -2.209  -7.725  1.00 27.77 ? 167 HOH B O     1 
HETATM 830 O  O     . HOH P 4 .  ? -9.150  -3.816  -7.857  1.00 31.23 ? 170 HOH B O     1 
HETATM 831 O  O     . HOH P 4 .  ? 0.437   1.011   9.188   1.00 21.86 ? 171 HOH B O     1 
HETATM 832 O  O     . HOH P 4 .  ? 0.750   5.934   -8.970  1.00 16.48 ? 172 HOH B O     1 
HETATM 833 O  O     . HOH P 4 .  ? -14.365 -4.664  -10.710 1.00 20.12 ? 175 HOH B O     1 
HETATM 834 O  O     . HOH P 4 .  ? 13.235  -8.265  12.413  1.00 28.49 ? 176 HOH B O     1 
HETATM 835 O  O     . HOH P 4 .  ? -2.946  -5.371  -13.857 1.00 26.68 ? 178 HOH B O     1 
HETATM 836 O  O     . HOH P 4 .  ? 12.130  -14.175 4.266   1.00 29.92 ? 183 HOH B O     1 
HETATM 837 O  O     . HOH P 4 .  ? 19.586  -9.303  8.519   1.00 35.29 ? 184 HOH B O     1 
HETATM 838 O  O     . HOH P 4 .  ? -18.698 2.429   -6.317  1.00 29.47 ? 185 HOH B O     1 
HETATM 839 O  O     . HOH P 4 .  ? 18.880  -2.018  2.528   1.00 23.48 ? 188 HOH B O     1 
HETATM 840 O  O     . HOH P 4 .  ? -6.705  6.273   -1.943  1.00 26.94 ? 189 HOH B O     1 
HETATM 841 O  O     . HOH P 4 .  ? -11.352 -3.328  -9.853  1.00 33.47 ? 190 HOH B O     1 
HETATM 842 O  O     . HOH P 4 .  ? 6.806   -2.289  14.204  1.00 37.32 ? 192 HOH B O     1 
HETATM 843 O  O     . HOH P 4 .  ? 4.137   3.763   3.426   1.00 27.78 ? 193 HOH B O     1 
HETATM 844 O  O     . HOH P 4 .  ? -9.401  -6.010  -19.028 1.00 31.66 ? 194 HOH B O     1 
HETATM 845 O  O     . HOH P 4 .  ? -9.964  3.811   -15.496 1.00 30.58 ? 196 HOH B O     1 
HETATM 846 O  O     . HOH P 4 .  ? 17.329  -12.169 3.146   1.00 33.30 ? 198 HOH B O     1 
HETATM 847 O  O     . HOH P 4 .  ? 7.486   -9.325  3.000   1.00 31.91 ? 199 HOH B O     1 
HETATM 848 O  O     . HOH P 4 .  ? 14.632  -9.692  11.020  1.00 32.53 ? 201 HOH B O     1 
HETATM 849 O  O     . HOH P 4 .  ? -15.713 -9.594  -11.867 1.00 38.49 ? 204 HOH B O     1 
HETATM 850 O  O     . HOH P 4 .  ? 3.242   4.058   0.274   1.00 22.85 ? 205 HOH B O     1 
HETATM 851 O  O     . HOH P 4 .  ? -7.606  -3.311  -11.729 1.00 33.25 ? 214 HOH B O     1 
HETATM 852 O  O     . HOH P 4 .  ? -13.258 -5.785  -18.301 1.00 28.81 ? 216 HOH B O     1 
HETATM 853 O  O     . HOH P 4 .  ? -8.545  6.868   -11.768 1.00 40.02 ? 218 HOH B O     1 
HETATM 854 O  O     . HOH P 4 .  ? -0.227  -8.118  11.291  1.00 26.91 ? 219 HOH B O     1 
HETATM 855 O  O     . HOH P 4 .  ? 23.672  -9.894  5.081   1.00 47.72 ? 221 HOH B O     1 
HETATM 856 O  O     . HOH P 4 .  ? -22.083 0.531   -6.642  1.00 31.96 ? 222 HOH B O     1 
HETATM 857 O  O     . HOH P 4 .  ? -2.114  -7.186  8.279   1.00 33.08 ? 223 HOH B O     1 
HETATM 858 O  O     . HOH P 4 .  ? 19.994  -13.434 2.224   1.00 40.11 ? 224 HOH B O     1 
HETATM 859 O  O     . HOH P 4 .  ? -11.578 -5.418  -11.676 1.00 43.46 ? 226 HOH B O     1 
HETATM 860 O  O     . HOH P 4 .  ? -26.509 -1.529  -4.471  1.00 39.40 ? 228 HOH B O     1 
HETATM 861 O  O     . HOH P 4 .  ? -8.062  4.631   -10.774 1.00 49.70 ? 231 HOH B O     1 
HETATM 862 O  O     . HOH P 4 .  ? 6.172   -6.843  4.742   1.00 44.20 ? 235 HOH B O     1 
HETATM 863 O  O     . HOH P 4 .  ? 1.998   -2.611  11.119  1.00 33.92 ? 236 HOH B O     1 
HETATM 864 O  O     . HOH P 4 .  ? 3.886   -2.820  12.396  1.00 42.20 ? 237 HOH B O     1 
HETATM 865 O  O     . HOH P 4 .  ? 16.399  -10.843 9.752   1.00 24.10 ? 239 HOH B O     1 
HETATM 866 O  O     . HOH P 4 .  ? 17.148  -10.874 12.539  1.00 36.09 ? 241 HOH B O     1 
HETATM 867 O  O     . HOH P 4 .  ? 4.238   5.310   5.845   1.00 37.25 ? 243 HOH B O     1 
# 
